data_8EII
#
_entry.id   8EII
#
_cell.length_a   1.00
_cell.length_b   1.00
_cell.length_c   1.00
_cell.angle_alpha   90.00
_cell.angle_beta   90.00
_cell.angle_gamma   90.00
#
_symmetry.space_group_name_H-M   'P 1'
#
loop_
_entity.id
_entity.type
_entity.pdbx_description
1 polymer 'DNA (cytosine-5)-methyltransferase 3B'
2 non-polymer S-ADENOSYL-L-HOMOCYSTEINE
3 non-polymer 'ZINC ION'
#
_entity_poly.entity_id   1
_entity_poly.type   'polypeptide(L)'
_entity_poly.pdbx_seq_one_letter_code
;GSEADSGDGDSSEYQDGKEFGIGDLVWGKIKGFSWWPAMVVSWKATSKRQAMSGMRWVQWFGDGKFSEVSADKLVALGLF
SQHFNLATFNKLVSYRKAMYHALEKARVRAGKTFPSSPGDSLEDQLKPMLEWAHGGFKPTGIEGLKPNNTQPVVNKSKVR
RAGSRKLESRKYENKTRRRTADDSATSDYCPAPKRLKTNCYNNGKDRGDEDQSREQMASDVANNKSSLEDGCLSCGRKNP
VSFHPLFEGGLCQTCRDRFLELFYMYDDDGYQSYCTVCCEGRELLLCSNTSCCRCFCVECLEVLVGTGTAAEAKLQEPWS
CYMCLPQRCHGVLRRRKDWNVRLQAFFTSDTGLEYEAPKLYPAIPAARRRPIRVLSLFDGIATGYLVLKELGIKVGKYVA
SEVCEESIAVGTVKHEGNIKYVNDVRNITKKNIEEWGPFDLVIGGSPCNDLSNVNPARKGLYEGTGRLFFEFYHLLNYSR
PKEGDDRPFFWMFENVVAMKVGDKRDISRFLECNPVMIDAIKVSAAHRARYFWGNLPGMNRPVIASKNDKLELQDCLEYN
RIAKLKKVQTITTKSNSIKQGKNQLFPVVMNGKEDVLWCTELERIFGFPVHYTDVSNMGRGARQKLLGRSWSVPVIRHLF
APLKDYFACE
;
_entity_poly.pdbx_strand_id   A,B,C,D
#
loop_
_chem_comp.id
_chem_comp.type
_chem_comp.name
_chem_comp.formula
SAH non-polymer S-ADENOSYL-L-HOMOCYSTEINE 'C14 H20 N6 O5 S'
ZN non-polymer 'ZINC ION' 'Zn 2'
#
# COMPACT_ATOMS: atom_id res chain seq x y z
N ASP A 211 -9.66 -48.59 -36.61
CA ASP A 211 -9.48 -47.90 -35.34
C ASP A 211 -9.77 -48.84 -34.17
N GLN A 212 -8.80 -49.67 -33.82
CA GLN A 212 -8.97 -50.64 -32.74
C GLN A 212 -9.00 -49.92 -31.40
N SER A 213 -10.11 -50.04 -30.69
CA SER A 213 -10.22 -49.47 -29.35
C SER A 213 -9.38 -50.28 -28.37
N ARG A 214 -8.92 -49.60 -27.31
CA ARG A 214 -7.89 -50.13 -26.43
C ARG A 214 -8.31 -51.37 -25.67
N GLU A 215 -9.59 -51.74 -25.74
CA GLU A 215 -10.11 -52.81 -24.89
C GLU A 215 -9.45 -54.15 -25.18
N GLN A 216 -9.44 -54.58 -26.45
CA GLN A 216 -8.97 -55.92 -26.75
C GLN A 216 -7.46 -56.04 -26.63
N MET A 217 -6.69 -55.01 -27.00
CA MET A 217 -5.26 -55.06 -26.77
C MET A 217 -4.92 -55.00 -25.29
N ALA A 218 -5.69 -54.24 -24.51
CA ALA A 218 -5.50 -54.23 -23.06
C ALA A 218 -5.75 -55.60 -22.47
N SER A 219 -6.76 -56.31 -22.97
CA SER A 219 -7.00 -57.68 -22.54
C SER A 219 -5.90 -58.63 -22.99
N ASP A 220 -5.37 -58.46 -24.20
CA ASP A 220 -4.37 -59.37 -24.73
C ASP A 220 -3.03 -59.22 -24.00
N VAL A 221 -2.61 -57.98 -23.75
CA VAL A 221 -1.30 -57.76 -23.14
C VAL A 221 -1.26 -58.30 -21.72
N ALA A 222 -2.42 -58.41 -21.06
CA ALA A 222 -2.46 -59.05 -19.74
C ALA A 222 -2.20 -60.54 -19.84
N ASN A 223 -2.46 -61.14 -21.01
CA ASN A 223 -2.24 -62.57 -21.22
C ASN A 223 -0.80 -62.91 -21.59
N ASN A 224 0.08 -61.91 -21.68
CA ASN A 224 1.49 -62.10 -22.01
C ASN A 224 1.66 -62.73 -23.40
N LYS A 225 0.72 -62.43 -24.29
CA LYS A 225 0.86 -62.85 -25.69
C LYS A 225 1.80 -61.97 -26.48
N SER A 226 2.12 -60.77 -25.97
CA SER A 226 3.04 -59.85 -26.60
C SER A 226 3.47 -58.84 -25.54
N SER A 227 4.16 -57.79 -26.00
CA SER A 227 4.58 -56.71 -25.12
C SER A 227 3.95 -55.40 -25.59
N LEU A 228 4.13 -54.35 -24.78
CA LEU A 228 3.56 -53.04 -25.05
C LEU A 228 4.46 -52.17 -25.93
N GLU A 229 5.48 -52.77 -26.56
CA GLU A 229 6.32 -52.01 -27.48
C GLU A 229 5.56 -51.53 -28.70
N ASP A 230 4.44 -52.17 -29.03
CA ASP A 230 3.58 -51.77 -30.13
C ASP A 230 2.28 -51.13 -29.66
N GLY A 231 2.16 -50.85 -28.36
CA GLY A 231 0.95 -50.28 -27.82
C GLY A 231 1.03 -48.80 -27.53
N CYS A 232 0.20 -48.01 -28.20
CA CYS A 232 0.13 -46.57 -27.99
C CYS A 232 -0.82 -46.34 -26.82
N LEU A 233 -0.24 -45.95 -25.68
CA LEU A 233 -1.02 -45.83 -24.45
C LEU A 233 -2.15 -44.83 -24.58
N SER A 234 -1.87 -43.66 -25.14
CA SER A 234 -2.89 -42.63 -25.29
C SER A 234 -3.73 -42.82 -26.54
N CYS A 235 -3.38 -43.76 -27.40
CA CYS A 235 -4.02 -43.91 -28.70
C CYS A 235 -4.53 -45.31 -28.97
N GLY A 236 -3.81 -46.34 -28.54
CA GLY A 236 -4.23 -47.70 -28.79
C GLY A 236 -3.71 -48.26 -30.10
N ARG A 237 -3.77 -47.47 -31.16
CA ARG A 237 -3.37 -47.91 -32.48
C ARG A 237 -1.88 -48.28 -32.49
N LYS A 238 -1.56 -49.35 -33.20
CA LYS A 238 -0.23 -49.94 -33.17
C LYS A 238 0.73 -49.13 -34.03
N ASN A 239 1.92 -49.69 -34.28
CA ASN A 239 2.98 -49.07 -35.07
C ASN A 239 3.39 -47.73 -34.46
N PRO A 240 4.04 -47.72 -33.30
CA PRO A 240 4.50 -46.45 -32.73
C PRO A 240 5.86 -46.05 -33.26
N VAL A 241 6.03 -44.74 -33.49
CA VAL A 241 7.30 -44.20 -33.96
C VAL A 241 8.18 -43.74 -32.81
N SER A 242 7.68 -43.74 -31.58
CA SER A 242 8.43 -43.31 -30.42
C SER A 242 7.99 -44.15 -29.22
N PHE A 243 8.33 -43.69 -28.02
CA PHE A 243 8.00 -44.39 -26.79
C PHE A 243 7.33 -43.42 -25.81
N HIS A 244 7.05 -43.94 -24.61
CA HIS A 244 6.50 -43.18 -23.51
C HIS A 244 7.49 -43.15 -22.35
N PRO A 245 7.86 -41.97 -21.85
CA PRO A 245 8.90 -41.88 -20.83
C PRO A 245 8.42 -41.91 -19.38
N LEU A 246 7.23 -42.43 -19.10
CA LEU A 246 6.77 -42.62 -17.74
C LEU A 246 6.47 -44.08 -17.42
N PHE A 247 5.75 -44.76 -18.29
CA PHE A 247 5.46 -46.18 -18.15
C PHE A 247 6.01 -46.95 -19.35
N GLU A 248 5.95 -48.27 -19.25
CA GLU A 248 6.40 -49.12 -20.35
C GLU A 248 5.35 -49.08 -21.46
N GLY A 249 5.80 -48.82 -22.68
CA GLY A 249 4.90 -48.71 -23.81
C GLY A 249 5.48 -47.81 -24.87
N GLY A 250 4.64 -47.54 -25.88
CA GLY A 250 5.04 -46.70 -27.00
C GLY A 250 3.99 -45.65 -27.29
N LEU A 251 4.35 -44.74 -28.20
CA LEU A 251 3.47 -43.66 -28.62
C LEU A 251 3.59 -43.45 -30.11
N CYS A 252 2.46 -43.22 -30.77
CA CYS A 252 2.45 -42.97 -32.20
C CYS A 252 2.83 -41.51 -32.47
N GLN A 253 3.01 -41.16 -33.74
CA GLN A 253 3.45 -39.82 -34.10
C GLN A 253 2.40 -38.78 -33.72
N THR A 254 1.13 -39.05 -34.02
CA THR A 254 0.07 -38.10 -33.75
C THR A 254 -0.07 -37.80 -32.26
N CYS A 255 -0.01 -38.82 -31.42
CA CYS A 255 -0.03 -38.60 -29.98
C CYS A 255 1.26 -37.98 -29.48
N ARG A 256 2.40 -38.32 -30.09
CA ARG A 256 3.67 -37.75 -29.67
C ARG A 256 3.71 -36.25 -29.89
N ASP A 257 3.15 -35.76 -31.00
CA ASP A 257 3.13 -34.32 -31.25
C ASP A 257 2.38 -33.58 -30.16
N ARG A 258 1.22 -34.11 -29.75
CA ARG A 258 0.45 -33.46 -28.69
C ARG A 258 1.14 -33.58 -27.34
N PHE A 259 1.82 -34.72 -27.10
CA PHE A 259 2.46 -34.93 -25.81
C PHE A 259 3.68 -34.05 -25.65
N LEU A 260 4.36 -33.72 -26.75
CA LEU A 260 5.49 -32.79 -26.68
C LEU A 260 5.05 -31.43 -26.17
N GLU A 261 3.90 -30.95 -26.65
CA GLU A 261 3.44 -29.59 -26.37
C GLU A 261 2.73 -29.51 -25.02
N LEU A 262 1.74 -30.38 -24.80
CA LEU A 262 0.77 -30.18 -23.72
C LEU A 262 1.27 -30.60 -22.36
N PHE A 263 2.46 -31.22 -22.25
CA PHE A 263 2.95 -31.63 -20.94
C PHE A 263 3.31 -30.43 -20.09
N TYR A 264 4.08 -29.49 -20.62
CA TYR A 264 4.75 -28.48 -19.81
C TYR A 264 3.96 -27.18 -19.67
N MET A 265 2.73 -27.24 -19.18
CA MET A 265 2.05 -26.09 -18.63
C MET A 265 1.44 -26.48 -17.28
N TYR A 266 0.81 -25.52 -16.62
CA TYR A 266 0.28 -25.77 -15.29
C TYR A 266 -0.82 -24.75 -14.97
N ASP A 267 -1.98 -25.24 -14.55
CA ASP A 267 -3.16 -24.41 -14.38
C ASP A 267 -3.05 -23.56 -13.11
N ASP A 268 -4.00 -22.63 -12.96
CA ASP A 268 -4.00 -21.73 -11.82
C ASP A 268 -4.19 -22.47 -10.50
N ASP A 269 -4.73 -23.68 -10.53
CA ASP A 269 -4.93 -24.47 -9.32
C ASP A 269 -3.64 -25.12 -8.82
N GLY A 270 -2.55 -25.02 -9.57
CA GLY A 270 -1.31 -25.67 -9.17
C GLY A 270 -1.27 -27.14 -9.48
N TYR A 271 -1.84 -27.56 -10.60
CA TYR A 271 -1.85 -28.96 -11.00
C TYR A 271 -1.74 -29.04 -12.51
N GLN A 272 -1.36 -30.21 -13.00
CA GLN A 272 -1.22 -30.43 -14.44
C GLN A 272 -2.58 -30.26 -15.10
N SER A 273 -2.63 -29.44 -16.16
CA SER A 273 -3.91 -29.04 -16.74
C SER A 273 -4.66 -30.24 -17.31
N TYR A 274 -3.97 -31.11 -18.04
CA TYR A 274 -4.61 -32.21 -18.75
C TYR A 274 -4.14 -33.54 -18.20
N CYS A 275 -4.69 -34.62 -18.76
CA CYS A 275 -4.33 -35.96 -18.33
C CYS A 275 -2.87 -36.25 -18.64
N THR A 276 -2.21 -36.98 -17.74
CA THR A 276 -0.81 -37.30 -17.93
C THR A 276 -0.60 -38.25 -19.09
N VAL A 277 -1.46 -39.27 -19.20
CA VAL A 277 -1.26 -40.32 -20.20
C VAL A 277 -1.92 -39.96 -21.53
N CYS A 278 -3.21 -39.60 -21.50
CA CYS A 278 -3.95 -39.36 -22.73
C CYS A 278 -3.96 -37.90 -23.17
N CYS A 279 -3.74 -36.97 -22.24
CA CYS A 279 -3.76 -35.53 -22.53
C CYS A 279 -5.08 -35.12 -23.18
N GLU A 280 -6.18 -35.68 -22.65
CA GLU A 280 -7.51 -35.40 -23.17
C GLU A 280 -8.51 -35.51 -22.02
N GLY A 281 -9.67 -34.90 -22.22
CA GLY A 281 -10.73 -34.95 -21.22
C GLY A 281 -11.14 -33.59 -20.71
N ARG A 282 -12.34 -33.51 -20.15
CA ARG A 282 -12.85 -32.26 -19.58
C ARG A 282 -12.72 -32.19 -18.06
N GLU A 283 -12.78 -33.34 -17.38
CA GLU A 283 -12.65 -33.37 -15.94
C GLU A 283 -12.17 -34.76 -15.53
N LEU A 284 -11.35 -34.80 -14.49
CA LEU A 284 -10.78 -36.06 -14.00
C LEU A 284 -10.37 -35.86 -12.55
N LEU A 285 -9.81 -36.92 -11.95
CA LEU A 285 -9.38 -36.86 -10.56
C LEU A 285 -8.14 -35.98 -10.43
N LEU A 286 -7.98 -35.40 -9.24
CA LEU A 286 -6.84 -34.54 -8.94
C LEU A 286 -6.09 -35.15 -7.76
N CYS A 287 -4.78 -35.35 -7.92
CA CYS A 287 -3.97 -35.83 -6.81
C CYS A 287 -3.93 -34.80 -5.70
N SER A 288 -3.94 -35.28 -4.45
CA SER A 288 -4.02 -34.41 -3.30
C SER A 288 -2.79 -34.52 -2.40
N ASN A 289 -1.65 -34.95 -2.94
CA ASN A 289 -0.44 -35.10 -2.16
C ASN A 289 0.46 -33.88 -2.34
N THR A 290 1.07 -33.45 -1.25
CA THR A 290 1.98 -32.31 -1.27
C THR A 290 3.21 -32.66 -2.09
N SER A 291 3.81 -31.64 -2.72
CA SER A 291 4.96 -31.77 -3.61
C SER A 291 4.65 -32.66 -4.82
N CYS A 292 3.37 -32.75 -5.19
CA CYS A 292 2.96 -33.44 -6.41
C CYS A 292 1.75 -32.72 -6.97
N CYS A 293 1.68 -32.67 -8.30
CA CYS A 293 0.61 -31.96 -8.96
C CYS A 293 -0.01 -32.72 -10.13
N ARG A 294 0.52 -33.89 -10.48
CA ARG A 294 0.02 -34.65 -11.61
C ARG A 294 -1.40 -35.15 -11.34
N CYS A 295 -2.27 -35.02 -12.34
CA CYS A 295 -3.63 -35.55 -12.25
C CYS A 295 -3.82 -36.65 -13.29
N PHE A 296 -4.46 -37.73 -12.88
CA PHE A 296 -4.74 -38.85 -13.77
C PHE A 296 -6.13 -38.71 -14.39
N CYS A 297 -6.35 -39.47 -15.46
CA CYS A 297 -7.64 -39.49 -16.15
C CYS A 297 -8.53 -40.56 -15.55
N VAL A 298 -9.84 -40.41 -15.77
CA VAL A 298 -10.82 -41.35 -15.22
C VAL A 298 -10.88 -42.59 -16.09
N GLU A 299 -11.27 -42.42 -17.36
CA GLU A 299 -11.42 -43.54 -18.27
C GLU A 299 -10.09 -44.18 -18.64
N CYS A 300 -8.97 -43.52 -18.37
CA CYS A 300 -7.66 -44.13 -18.62
C CYS A 300 -7.35 -45.26 -17.64
N LEU A 301 -8.09 -45.35 -16.53
CA LEU A 301 -7.81 -46.36 -15.51
C LEU A 301 -8.68 -47.60 -15.69
N GLU A 302 -10.00 -47.41 -15.76
CA GLU A 302 -10.92 -48.55 -15.82
C GLU A 302 -10.83 -49.32 -17.12
N VAL A 303 -9.93 -48.93 -18.04
CA VAL A 303 -9.77 -49.63 -19.31
C VAL A 303 -8.43 -50.36 -19.32
N LEU A 304 -7.42 -49.75 -18.71
CA LEU A 304 -6.06 -50.26 -18.81
C LEU A 304 -5.56 -50.88 -17.50
N VAL A 305 -5.58 -50.13 -16.39
CA VAL A 305 -5.03 -50.67 -15.16
C VAL A 305 -6.03 -51.61 -14.48
N GLY A 306 -7.33 -51.36 -14.67
CA GLY A 306 -8.34 -52.20 -14.07
C GLY A 306 -9.65 -51.48 -13.82
N THR A 307 -10.76 -52.15 -14.10
CA THR A 307 -12.09 -51.57 -13.90
C THR A 307 -12.50 -51.66 -12.45
N GLY A 308 -13.12 -50.58 -11.95
CA GLY A 308 -13.61 -50.55 -10.58
C GLY A 308 -12.77 -49.73 -9.62
N THR A 309 -11.56 -49.33 -10.00
CA THR A 309 -10.71 -48.50 -9.15
C THR A 309 -10.98 -47.01 -9.32
N ALA A 310 -11.80 -46.63 -10.29
CA ALA A 310 -12.10 -45.21 -10.48
C ALA A 310 -13.05 -44.68 -9.42
N ALA A 311 -13.91 -45.54 -8.88
CA ALA A 311 -14.90 -45.12 -7.89
C ALA A 311 -14.51 -45.42 -6.45
N GLU A 312 -13.77 -46.50 -6.20
CA GLU A 312 -13.36 -46.82 -4.84
C GLU A 312 -12.37 -45.81 -4.29
N ALA A 313 -11.47 -45.30 -5.15
CA ALA A 313 -10.54 -44.26 -4.72
C ALA A 313 -11.23 -42.90 -4.60
N LYS A 314 -12.30 -42.68 -5.37
CA LYS A 314 -13.03 -41.41 -5.28
C LYS A 314 -13.81 -41.29 -3.98
N LEU A 315 -14.29 -42.40 -3.42
CA LEU A 315 -15.10 -42.35 -2.21
C LEU A 315 -14.27 -42.19 -0.94
N GLN A 316 -12.94 -42.28 -1.04
CA GLN A 316 -12.05 -42.14 0.10
C GLN A 316 -11.03 -41.05 -0.16
N GLU A 317 -10.62 -40.36 0.91
CA GLU A 317 -9.66 -39.27 0.82
C GLU A 317 -8.54 -39.48 1.84
N PRO A 318 -7.33 -38.96 1.56
CA PRO A 318 -6.91 -38.25 0.34
C PRO A 318 -6.53 -39.20 -0.79
N TRP A 319 -6.69 -38.79 -2.04
CA TRP A 319 -6.29 -39.62 -3.16
C TRP A 319 -4.80 -39.47 -3.44
N SER A 320 -4.19 -40.56 -3.88
CA SER A 320 -2.76 -40.57 -4.21
C SER A 320 -2.59 -41.13 -5.61
N CYS A 321 -1.84 -40.42 -6.44
CA CYS A 321 -1.56 -40.89 -7.79
C CYS A 321 -0.55 -42.04 -7.73
N TYR A 322 -0.38 -42.70 -8.87
CA TYR A 322 0.39 -43.95 -8.92
C TYR A 322 1.89 -43.75 -8.75
N MET A 323 2.41 -42.52 -8.82
CA MET A 323 3.82 -42.32 -8.50
C MET A 323 4.03 -41.86 -7.06
N CYS A 324 3.02 -41.26 -6.43
CA CYS A 324 3.14 -40.89 -5.02
C CYS A 324 3.34 -42.13 -4.15
N LEU A 325 2.58 -43.18 -4.42
CA LEU A 325 2.71 -44.41 -3.65
C LEU A 325 3.59 -45.43 -4.39
N PRO A 326 4.49 -46.09 -3.69
CA PRO A 326 5.22 -47.21 -4.30
C PRO A 326 4.25 -48.30 -4.72
N GLN A 327 4.55 -48.91 -5.87
CA GLN A 327 3.60 -49.83 -6.48
C GLN A 327 4.34 -50.86 -7.32
N ARG A 328 3.58 -51.81 -7.84
CA ARG A 328 4.05 -52.83 -8.77
C ARG A 328 3.30 -52.67 -10.08
N CYS A 329 3.40 -53.68 -10.95
CA CYS A 329 2.73 -53.62 -12.24
C CYS A 329 1.23 -53.89 -12.10
N HIS A 330 0.48 -52.91 -11.59
CA HIS A 330 -0.97 -53.01 -11.57
C HIS A 330 -1.51 -53.04 -13.00
N GLY A 331 -2.30 -54.07 -13.32
CA GLY A 331 -2.83 -54.19 -14.66
C GLY A 331 -1.74 -54.36 -15.69
N VAL A 332 -1.57 -53.38 -16.57
CA VAL A 332 -0.50 -53.39 -17.54
C VAL A 332 0.23 -52.05 -17.52
N LEU A 333 0.07 -51.31 -16.43
CA LEU A 333 0.70 -50.00 -16.25
C LEU A 333 1.93 -50.17 -15.35
N ARG A 334 3.06 -50.49 -15.96
CA ARG A 334 4.33 -50.62 -15.25
C ARG A 334 5.18 -49.40 -15.55
N ARG A 335 5.64 -48.73 -14.50
CA ARG A 335 6.43 -47.52 -14.67
C ARG A 335 7.79 -47.82 -15.30
N ARG A 336 8.34 -46.80 -15.95
CA ARG A 336 9.73 -46.87 -16.36
C ARG A 336 10.62 -46.74 -15.13
N LYS A 337 11.62 -47.62 -15.03
CA LYS A 337 12.52 -47.59 -13.87
C LYS A 337 13.40 -46.36 -13.84
N ASP A 338 13.48 -45.62 -14.95
CA ASP A 338 14.34 -44.45 -15.08
C ASP A 338 13.57 -43.29 -15.71
N TRP A 339 12.36 -43.02 -15.21
CA TRP A 339 11.57 -41.93 -15.75
C TRP A 339 12.28 -40.59 -15.61
N ASN A 340 13.07 -40.41 -14.56
CA ASN A 340 13.75 -39.14 -14.34
C ASN A 340 14.68 -38.79 -15.49
N VAL A 341 15.41 -39.79 -15.99
CA VAL A 341 16.31 -39.58 -17.12
C VAL A 341 15.67 -39.95 -18.45
N ARG A 342 14.57 -40.71 -18.45
CA ARG A 342 13.90 -41.01 -19.70
C ARG A 342 13.11 -39.81 -20.21
N LEU A 343 12.49 -39.05 -19.31
CA LEU A 343 11.77 -37.85 -19.73
C LEU A 343 12.72 -36.76 -20.21
N GLN A 344 13.91 -36.67 -19.60
CA GLN A 344 14.88 -35.66 -19.99
C GLN A 344 15.35 -35.84 -21.43
N ALA A 345 15.58 -37.09 -21.84
CA ALA A 345 16.07 -37.39 -23.18
C ALA A 345 14.99 -37.31 -24.25
N PHE A 346 13.72 -37.19 -23.86
CA PHE A 346 12.66 -37.11 -24.85
C PHE A 346 12.66 -35.76 -25.56
N PHE A 347 12.96 -34.68 -24.85
CA PHE A 347 12.86 -33.33 -25.41
C PHE A 347 14.15 -32.83 -26.03
N THR A 348 15.31 -33.18 -25.46
CA THR A 348 16.59 -32.75 -26.00
C THR A 348 17.13 -33.66 -27.08
N SER A 349 17.00 -34.98 -26.90
CA SER A 349 17.47 -35.94 -27.90
C SER A 349 16.37 -36.26 -28.91
N ASP A 350 15.81 -35.22 -29.52
CA ASP A 350 14.81 -35.37 -30.57
C ASP A 350 15.46 -35.64 -31.91
N THR A 351 14.68 -35.59 -32.99
CA THR A 351 15.23 -35.81 -34.33
C THR A 351 14.44 -34.95 -35.31
N GLY A 352 14.94 -33.75 -35.58
CA GLY A 352 14.38 -32.94 -36.64
C GLY A 352 15.11 -33.08 -37.95
N LEU A 353 16.42 -32.81 -37.93
CA LEU A 353 17.25 -33.03 -39.11
C LEU A 353 18.65 -33.52 -38.78
N GLU A 354 18.97 -33.78 -37.51
CA GLU A 354 20.29 -34.24 -37.06
C GLU A 354 21.42 -33.36 -37.64
N TYR A 355 21.29 -32.07 -37.32
CA TYR A 355 22.25 -31.08 -37.79
C TYR A 355 23.64 -31.37 -37.23
N GLU A 356 24.65 -30.84 -37.92
CA GLU A 356 26.05 -31.08 -37.57
C GLU A 356 26.46 -30.26 -36.35
N ALA A 357 27.44 -30.78 -35.62
CA ALA A 357 27.94 -30.11 -34.43
C ALA A 357 28.71 -28.85 -34.81
N PRO A 358 28.70 -27.83 -33.95
CA PRO A 358 29.44 -26.61 -34.24
C PRO A 358 30.94 -26.81 -34.12
N LYS A 359 31.68 -25.98 -34.85
CA LYS A 359 33.13 -26.06 -34.89
C LYS A 359 33.70 -25.26 -33.72
N LEU A 360 34.43 -25.93 -32.84
CA LEU A 360 35.04 -25.25 -31.70
C LEU A 360 36.16 -24.34 -32.16
N TYR A 361 36.13 -23.09 -31.71
CA TYR A 361 37.19 -22.16 -32.07
C TYR A 361 38.47 -22.53 -31.35
N PRO A 362 39.63 -22.26 -31.95
CA PRO A 362 40.90 -22.52 -31.25
C PRO A 362 41.02 -21.65 -30.00
N ALA A 363 41.68 -22.20 -29.00
CA ALA A 363 41.80 -21.50 -27.72
C ALA A 363 42.66 -20.25 -27.89
N ILE A 364 42.39 -19.26 -27.04
CA ILE A 364 43.10 -17.99 -27.05
C ILE A 364 43.86 -17.85 -25.73
N PRO A 365 45.18 -17.71 -25.75
CA PRO A 365 45.93 -17.64 -24.49
C PRO A 365 45.86 -16.27 -23.84
N ALA A 366 46.61 -16.09 -22.76
CA ALA A 366 46.62 -14.81 -22.07
C ALA A 366 47.35 -13.76 -22.92
N ALA A 367 47.18 -12.50 -22.53
CA ALA A 367 47.75 -11.31 -23.16
C ALA A 367 47.20 -11.06 -24.55
N ARG A 368 46.25 -11.85 -25.03
CA ARG A 368 45.59 -11.65 -26.30
C ARG A 368 44.08 -11.69 -26.13
N ARG A 369 43.61 -11.20 -24.99
CA ARG A 369 42.19 -11.22 -24.64
C ARG A 369 41.68 -9.79 -24.65
N ARG A 370 40.67 -9.52 -25.49
CA ARG A 370 40.10 -8.19 -25.59
C ARG A 370 38.71 -8.15 -24.97
N PRO A 371 38.29 -7.00 -24.46
CA PRO A 371 36.94 -6.90 -23.86
C PRO A 371 35.86 -7.18 -24.88
N ILE A 372 34.76 -7.75 -24.38
CA ILE A 372 33.65 -8.21 -25.20
C ILE A 372 32.74 -7.04 -25.53
N ARG A 373 32.23 -7.02 -26.76
CA ARG A 373 31.33 -5.98 -27.25
C ARG A 373 29.95 -6.59 -27.42
N VAL A 374 29.18 -6.57 -26.34
CA VAL A 374 27.91 -7.28 -26.28
C VAL A 374 26.83 -6.47 -26.99
N LEU A 375 26.00 -7.14 -27.77
CA LEU A 375 24.76 -6.60 -28.29
C LEU A 375 23.60 -7.32 -27.61
N SER A 376 22.46 -6.63 -27.53
CA SER A 376 21.30 -7.20 -26.86
C SER A 376 20.00 -6.68 -27.43
N LEU A 377 19.15 -7.57 -27.93
CA LEU A 377 17.84 -7.22 -28.45
C LEU A 377 16.78 -7.74 -27.49
N PHE A 378 15.73 -6.94 -27.28
CA PHE A 378 14.70 -7.20 -26.28
C PHE A 378 15.34 -7.37 -24.89
N ASP A 379 16.03 -6.30 -24.48
CA ASP A 379 16.91 -6.35 -23.32
C ASP A 379 16.18 -6.57 -22.00
N GLY A 380 14.92 -6.17 -21.88
CA GLY A 380 14.22 -6.38 -20.63
C GLY A 380 14.82 -5.58 -19.49
N ILE A 381 15.24 -6.28 -18.44
CA ILE A 381 15.74 -5.64 -17.23
C ILE A 381 17.25 -5.84 -17.19
N ALA A 382 17.84 -6.15 -18.35
CA ALA A 382 19.28 -6.33 -18.51
C ALA A 382 19.81 -7.47 -17.63
N THR A 383 19.33 -8.68 -17.94
CA THR A 383 19.84 -9.87 -17.26
C THR A 383 21.24 -10.22 -17.74
N GLY A 384 21.52 -10.03 -19.03
CA GLY A 384 22.81 -10.40 -19.58
C GLY A 384 23.95 -9.60 -18.96
N TYR A 385 23.75 -8.29 -18.81
CA TYR A 385 24.78 -7.46 -18.18
C TYR A 385 25.02 -7.89 -16.74
N LEU A 386 23.95 -8.17 -16.00
CA LEU A 386 24.09 -8.59 -14.62
C LEU A 386 24.86 -9.90 -14.51
N VAL A 387 24.55 -10.87 -15.37
CA VAL A 387 25.28 -12.15 -15.36
C VAL A 387 26.74 -11.97 -15.75
N LEU A 388 27.01 -11.19 -16.80
CA LEU A 388 28.37 -10.96 -17.25
C LEU A 388 29.22 -10.23 -16.21
N LYS A 389 28.62 -9.36 -15.39
CA LYS A 389 29.35 -8.69 -14.33
C LYS A 389 29.44 -9.50 -13.05
N GLU A 390 28.72 -10.62 -12.96
CA GLU A 390 28.89 -11.55 -11.83
C GLU A 390 29.88 -12.65 -12.15
N LEU A 391 29.97 -13.07 -13.41
CA LEU A 391 30.98 -14.06 -13.79
C LEU A 391 32.38 -13.52 -13.56
N GLY A 392 32.61 -12.26 -13.92
CA GLY A 392 33.91 -11.65 -13.79
C GLY A 392 34.47 -11.14 -15.11
N ILE A 393 33.73 -11.36 -16.19
CA ILE A 393 34.18 -10.92 -17.50
C ILE A 393 34.18 -9.39 -17.55
N LYS A 394 35.15 -8.84 -18.29
CA LYS A 394 35.27 -7.39 -18.47
C LYS A 394 34.46 -6.99 -19.70
N VAL A 395 33.41 -6.21 -19.47
CA VAL A 395 32.57 -5.73 -20.56
C VAL A 395 33.13 -4.41 -21.08
N GLY A 396 33.37 -4.35 -22.38
CA GLY A 396 33.87 -3.14 -23.00
C GLY A 396 32.79 -2.30 -23.65
N LYS A 397 31.63 -2.90 -23.89
CA LYS A 397 30.50 -2.19 -24.49
C LYS A 397 29.25 -3.04 -24.31
N TYR A 398 28.10 -2.37 -24.34
CA TYR A 398 26.81 -3.06 -24.24
C TYR A 398 25.77 -2.13 -24.88
N VAL A 399 25.19 -2.58 -25.98
CA VAL A 399 24.15 -1.83 -26.68
C VAL A 399 22.83 -2.58 -26.51
N ALA A 400 21.91 -1.98 -25.77
CA ALA A 400 20.62 -2.59 -25.48
C ALA A 400 19.53 -1.89 -26.25
N SER A 401 18.44 -2.62 -26.52
CA SER A 401 17.36 -2.09 -27.34
C SER A 401 16.01 -2.31 -26.67
N GLU A 402 15.92 -1.93 -25.39
CA GLU A 402 14.65 -1.93 -24.68
C GLU A 402 13.81 -0.74 -25.10
N VAL A 403 12.49 -0.90 -25.04
CA VAL A 403 11.56 0.15 -25.46
C VAL A 403 10.55 0.46 -24.37
N CYS A 404 10.77 -0.08 -23.18
CA CYS A 404 9.86 0.10 -22.05
C CYS A 404 10.44 1.14 -21.10
N GLU A 405 9.65 2.17 -20.79
CA GLU A 405 10.13 3.23 -19.91
C GLU A 405 10.42 2.71 -18.50
N GLU A 406 9.55 1.84 -17.97
CA GLU A 406 9.77 1.29 -16.65
C GLU A 406 11.01 0.41 -16.60
N SER A 407 11.35 -0.27 -17.69
CA SER A 407 12.52 -1.13 -17.74
C SER A 407 13.81 -0.33 -17.91
N ILE A 408 13.77 0.76 -18.68
CA ILE A 408 14.95 1.58 -18.90
C ILE A 408 15.41 2.23 -17.60
N ALA A 409 14.47 2.65 -16.77
CA ALA A 409 14.79 3.28 -15.49
C ALA A 409 15.43 2.31 -14.51
N VAL A 410 15.40 1.00 -14.79
CA VAL A 410 16.03 0.02 -13.92
C VAL A 410 17.46 -0.18 -14.37
N GLY A 411 17.67 -0.26 -15.68
CA GLY A 411 19.02 -0.33 -16.21
C GLY A 411 19.83 0.94 -16.00
N THR A 412 19.18 2.09 -16.12
CA THR A 412 19.89 3.35 -15.95
C THR A 412 20.33 3.57 -14.50
N VAL A 413 19.40 3.37 -13.56
CA VAL A 413 19.70 3.67 -12.16
C VAL A 413 20.65 2.63 -11.57
N LYS A 414 20.37 1.35 -11.79
CA LYS A 414 21.12 0.30 -11.12
C LYS A 414 22.50 0.09 -11.71
N HIS A 415 22.66 0.28 -13.02
CA HIS A 415 23.93 0.07 -13.69
C HIS A 415 24.70 1.37 -13.94
N GLU A 416 24.22 2.49 -13.41
CA GLU A 416 24.91 3.78 -13.48
C GLU A 416 25.16 4.22 -14.92
N GLY A 417 24.17 3.99 -15.78
CA GLY A 417 24.25 4.47 -17.15
C GLY A 417 25.41 3.91 -17.95
N ASN A 418 25.73 2.64 -17.74
CA ASN A 418 26.76 1.96 -18.52
C ASN A 418 26.19 1.24 -19.72
N ILE A 419 24.88 1.29 -19.92
CA ILE A 419 24.22 0.62 -21.03
C ILE A 419 23.83 1.70 -22.03
N LYS A 420 24.27 1.54 -23.28
CA LYS A 420 23.94 2.51 -24.30
C LYS A 420 22.55 2.21 -24.87
N TYR A 421 21.50 2.56 -24.14
CA TYR A 421 20.15 2.40 -24.63
C TYR A 421 19.97 3.20 -25.91
N VAL A 422 19.66 2.50 -27.01
CA VAL A 422 19.65 3.18 -28.30
C VAL A 422 18.22 3.50 -28.74
N ASN A 423 17.43 2.46 -29.04
CA ASN A 423 16.09 2.67 -29.58
C ASN A 423 15.35 1.36 -29.78
N ASP A 424 14.13 1.46 -30.33
CA ASP A 424 13.37 0.29 -30.74
C ASP A 424 14.22 -0.63 -31.62
N VAL A 425 13.95 -1.93 -31.52
CA VAL A 425 14.71 -2.91 -32.30
C VAL A 425 14.52 -2.66 -33.79
N ARG A 426 13.29 -2.42 -34.20
CA ARG A 426 12.92 -2.33 -35.62
C ARG A 426 13.50 -1.10 -36.31
N ASN A 427 14.15 -0.18 -35.63
CA ASN A 427 14.71 1.01 -36.27
C ASN A 427 16.19 0.87 -36.61
N ILE A 428 16.89 -0.08 -36.01
CA ILE A 428 18.33 -0.24 -36.23
C ILE A 428 18.55 -0.72 -37.66
N THR A 429 19.11 0.14 -38.51
CA THR A 429 19.34 -0.15 -39.90
C THR A 429 20.74 -0.76 -40.09
N LYS A 430 21.08 -1.04 -41.34
CA LYS A 430 22.34 -1.72 -41.64
C LYS A 430 23.54 -0.88 -41.24
N LYS A 431 23.50 0.42 -41.53
CA LYS A 431 24.68 1.26 -41.34
C LYS A 431 25.08 1.38 -39.88
N ASN A 432 24.14 1.20 -38.95
CA ASN A 432 24.44 1.45 -37.54
C ASN A 432 25.36 0.39 -36.95
N ILE A 433 25.36 -0.82 -37.51
CA ILE A 433 26.10 -1.92 -36.91
C ILE A 433 27.60 -1.63 -36.93
N GLU A 434 28.13 -1.21 -38.07
CA GLU A 434 29.55 -0.89 -38.14
C GLU A 434 29.91 0.39 -37.39
N GLU A 435 28.96 1.31 -37.23
CA GLU A 435 29.22 2.46 -36.36
C GLU A 435 29.39 2.02 -34.91
N TRP A 436 28.57 1.07 -34.47
CA TRP A 436 28.67 0.59 -33.08
C TRP A 436 29.59 -0.62 -32.97
N GLY A 437 29.66 -1.45 -34.00
CA GLY A 437 30.40 -2.68 -33.95
C GLY A 437 31.89 -2.51 -34.12
N PRO A 438 32.60 -3.60 -34.40
CA PRO A 438 32.11 -4.97 -34.58
C PRO A 438 31.77 -5.65 -33.26
N PHE A 439 30.83 -6.58 -33.25
CA PHE A 439 30.35 -7.21 -32.02
C PHE A 439 30.95 -8.60 -31.84
N ASP A 440 30.74 -9.17 -30.66
CA ASP A 440 31.24 -10.50 -30.34
C ASP A 440 30.20 -11.42 -29.71
N LEU A 441 29.07 -10.90 -29.23
CA LEU A 441 28.06 -11.72 -28.59
C LEU A 441 26.71 -11.07 -28.85
N VAL A 442 25.81 -11.79 -29.50
CA VAL A 442 24.51 -11.26 -29.91
C VAL A 442 23.44 -12.04 -29.16
N ILE A 443 22.97 -11.47 -28.06
CA ILE A 443 21.95 -12.07 -27.21
C ILE A 443 20.58 -11.76 -27.80
N GLY A 444 19.56 -12.54 -27.46
CA GLY A 444 18.21 -12.21 -27.87
C GLY A 444 17.12 -13.18 -27.44
N GLY A 445 16.00 -12.65 -26.98
CA GLY A 445 14.83 -13.44 -26.68
C GLY A 445 13.54 -12.78 -27.14
N SER A 446 12.83 -13.42 -28.07
CA SER A 446 11.65 -12.83 -28.67
C SER A 446 10.49 -12.80 -27.67
N PRO A 447 9.53 -11.88 -27.85
CA PRO A 447 8.31 -11.94 -27.04
C PRO A 447 7.59 -13.27 -27.16
N CYS A 448 7.16 -13.82 -26.03
CA CYS A 448 6.62 -15.17 -25.97
C CYS A 448 5.14 -15.22 -25.62
N ASN A 449 4.43 -14.10 -25.72
CA ASN A 449 3.02 -14.06 -25.35
C ASN A 449 2.08 -14.48 -26.47
N ASP A 450 2.55 -14.55 -27.71
CA ASP A 450 1.70 -14.90 -28.84
C ASP A 450 1.78 -16.38 -29.19
N LEU A 451 2.97 -16.86 -29.53
CA LEU A 451 3.13 -18.27 -29.93
C LEU A 451 3.19 -19.16 -28.70
N SER A 452 2.03 -19.40 -28.09
CA SER A 452 1.95 -20.21 -26.87
C SER A 452 0.57 -20.81 -26.79
N ASN A 453 0.48 -21.99 -26.17
CA ASN A 453 -0.81 -22.65 -25.95
C ASN A 453 -1.46 -22.17 -24.66
N VAL A 454 -1.50 -20.86 -24.47
CA VAL A 454 -2.16 -20.27 -23.30
C VAL A 454 -3.20 -19.23 -23.68
N ASN A 455 -3.09 -18.57 -24.83
CA ASN A 455 -4.04 -17.56 -25.25
C ASN A 455 -4.92 -18.11 -26.35
N PRO A 456 -6.21 -17.76 -26.38
CA PRO A 456 -7.08 -18.26 -27.44
C PRO A 456 -6.65 -17.85 -28.84
N ALA A 457 -6.01 -16.69 -28.99
CA ALA A 457 -5.55 -16.24 -30.31
C ALA A 457 -4.51 -17.20 -30.86
N ARG A 458 -3.37 -17.31 -30.20
CA ARG A 458 -2.30 -18.24 -30.55
C ARG A 458 -1.92 -18.12 -32.03
N LYS A 459 -1.52 -16.91 -32.42
CA LYS A 459 -1.06 -16.69 -33.77
C LYS A 459 0.31 -17.35 -33.98
N GLY A 460 0.62 -17.63 -35.24
CA GLY A 460 1.86 -18.33 -35.55
C GLY A 460 3.10 -17.47 -35.47
N LEU A 461 4.26 -18.05 -35.77
CA LEU A 461 5.51 -17.32 -35.75
C LEU A 461 5.58 -16.24 -36.83
N TYR A 462 4.74 -16.33 -37.86
CA TYR A 462 4.81 -15.44 -39.00
C TYR A 462 3.76 -14.34 -38.97
N GLU A 463 2.90 -14.31 -37.96
CA GLU A 463 1.85 -13.31 -37.85
C GLU A 463 1.81 -12.76 -36.44
N GLY A 464 1.30 -11.53 -36.31
CA GLY A 464 1.24 -10.90 -35.01
C GLY A 464 2.63 -10.51 -34.51
N THR A 465 2.74 -10.42 -33.19
CA THR A 465 4.02 -10.08 -32.58
C THR A 465 5.00 -11.23 -32.61
N GLY A 466 4.61 -12.38 -33.13
CA GLY A 466 5.53 -13.50 -33.24
C GLY A 466 6.58 -13.35 -34.32
N ARG A 467 6.43 -12.35 -35.19
CA ARG A 467 7.40 -12.08 -36.23
C ARG A 467 8.59 -11.26 -35.72
N LEU A 468 8.74 -11.12 -34.41
CA LEU A 468 9.86 -10.39 -33.82
C LEU A 468 11.09 -11.25 -33.62
N PHE A 469 11.04 -12.52 -34.04
CA PHE A 469 12.21 -13.38 -34.05
C PHE A 469 13.17 -13.03 -35.18
N PHE A 470 12.62 -12.73 -36.36
CA PHE A 470 13.44 -12.43 -37.52
C PHE A 470 14.28 -11.18 -37.31
N GLU A 471 13.81 -10.28 -36.46
CA GLU A 471 14.62 -9.13 -36.10
C GLU A 471 15.90 -9.51 -35.37
N PHE A 472 15.98 -10.73 -34.84
CA PHE A 472 17.20 -11.23 -34.24
C PHE A 472 18.11 -11.94 -35.23
N TYR A 473 17.58 -12.82 -36.07
CA TYR A 473 18.38 -13.54 -37.05
C TYR A 473 18.96 -12.58 -38.10
N HIS A 474 18.13 -11.66 -38.60
CA HIS A 474 18.56 -10.73 -39.63
C HIS A 474 19.69 -9.83 -39.13
N LEU A 475 19.58 -9.33 -37.90
CA LEU A 475 20.63 -8.50 -37.31
C LEU A 475 21.80 -9.32 -36.76
N LEU A 476 21.63 -10.63 -36.60
CA LEU A 476 22.76 -11.50 -36.33
C LEU A 476 23.59 -11.75 -37.58
N ASN A 477 22.96 -11.79 -38.75
CA ASN A 477 23.68 -11.96 -39.99
C ASN A 477 24.69 -10.84 -40.22
N TYR A 478 24.30 -9.59 -39.93
CA TYR A 478 25.16 -8.44 -40.19
C TYR A 478 26.45 -8.48 -39.39
N SER A 479 26.37 -8.83 -38.11
CA SER A 479 27.50 -8.72 -37.20
C SER A 479 28.41 -9.94 -37.24
N ARG A 480 28.07 -10.98 -38.05
CA ARG A 480 29.04 -12.08 -38.00
C ARG A 480 30.23 -11.79 -38.91
N PRO A 481 31.40 -12.31 -38.58
CA PRO A 481 32.61 -11.98 -39.36
C PRO A 481 32.50 -12.44 -40.80
N LYS A 482 33.11 -11.66 -41.69
CA LYS A 482 33.14 -12.01 -43.09
C LYS A 482 34.17 -13.10 -43.36
N GLU A 483 34.13 -13.65 -44.56
CA GLU A 483 35.06 -14.70 -44.94
C GLU A 483 36.49 -14.19 -44.88
N GLY A 484 37.39 -15.03 -44.36
CA GLY A 484 38.75 -14.63 -44.10
C GLY A 484 39.00 -14.06 -42.73
N ASP A 485 37.96 -13.84 -41.93
CA ASP A 485 38.08 -13.36 -40.56
C ASP A 485 37.93 -14.55 -39.62
N ASP A 486 38.82 -14.64 -38.64
CA ASP A 486 38.88 -15.79 -37.74
C ASP A 486 38.92 -15.34 -36.28
N ARG A 487 38.03 -14.43 -35.92
CA ARG A 487 37.88 -14.04 -34.53
C ARG A 487 36.71 -14.76 -33.90
N PRO A 488 36.75 -15.00 -32.59
CA PRO A 488 35.66 -15.74 -31.94
C PRO A 488 34.36 -14.95 -32.00
N PHE A 489 33.27 -15.64 -32.33
CA PHE A 489 31.95 -15.03 -32.45
C PHE A 489 30.91 -16.00 -31.93
N PHE A 490 29.99 -15.51 -31.11
CA PHE A 490 29.02 -16.35 -30.41
C PHE A 490 27.63 -15.73 -30.50
N TRP A 491 26.62 -16.53 -30.18
CA TRP A 491 25.24 -16.06 -30.21
C TRP A 491 24.39 -16.97 -29.33
N MET A 492 23.11 -16.67 -29.21
CA MET A 492 22.17 -17.39 -28.35
C MET A 492 20.76 -16.89 -28.62
N PHE A 493 19.78 -17.76 -28.41
CA PHE A 493 18.38 -17.43 -28.58
C PHE A 493 17.58 -18.18 -27.52
N GLU A 494 16.36 -17.71 -27.27
CA GLU A 494 15.59 -18.22 -26.15
C GLU A 494 14.09 -18.02 -26.36
N ASN A 495 13.30 -19.07 -26.16
CA ASN A 495 11.84 -18.96 -26.29
C ASN A 495 11.20 -20.07 -25.45
N VAL A 496 9.87 -20.06 -25.45
CA VAL A 496 9.11 -20.96 -24.57
C VAL A 496 9.04 -22.35 -25.18
N VAL A 497 8.84 -23.35 -24.31
CA VAL A 497 8.68 -24.73 -24.77
C VAL A 497 7.21 -25.01 -25.08
N ALA A 498 6.29 -24.33 -24.40
CA ALA A 498 4.86 -24.57 -24.58
C ALA A 498 4.36 -23.87 -25.85
N MET A 499 4.99 -24.24 -26.97
CA MET A 499 4.65 -23.69 -28.27
C MET A 499 4.59 -24.83 -29.29
N LYS A 500 3.77 -24.61 -30.32
CA LYS A 500 3.40 -25.69 -31.24
C LYS A 500 4.62 -26.32 -31.89
N VAL A 501 4.57 -27.65 -32.04
CA VAL A 501 5.65 -28.39 -32.68
C VAL A 501 5.78 -28.06 -34.16
N GLY A 502 4.77 -27.44 -34.75
CA GLY A 502 4.88 -27.01 -36.13
C GLY A 502 5.79 -25.81 -36.32
N ASP A 503 6.15 -25.12 -35.24
CA ASP A 503 7.08 -24.00 -35.29
C ASP A 503 8.38 -24.26 -34.54
N LYS A 504 8.44 -25.29 -33.69
CA LYS A 504 9.68 -25.62 -33.00
C LYS A 504 10.76 -26.09 -33.96
N ARG A 505 10.39 -26.68 -35.08
CA ARG A 505 11.34 -27.09 -36.11
C ARG A 505 11.66 -25.97 -37.08
N ASP A 506 11.09 -24.78 -36.89
CA ASP A 506 11.43 -23.63 -37.71
C ASP A 506 12.60 -22.85 -37.12
N ILE A 507 12.52 -22.51 -35.84
CA ILE A 507 13.59 -21.78 -35.15
C ILE A 507 14.87 -22.59 -35.24
N SER A 508 14.76 -23.91 -35.08
CA SER A 508 15.92 -24.78 -35.20
C SER A 508 16.47 -24.85 -36.62
N ARG A 509 15.60 -24.68 -37.63
CA ARG A 509 16.06 -24.73 -39.01
C ARG A 509 16.81 -23.46 -39.39
N PHE A 510 16.23 -22.30 -39.10
CA PHE A 510 16.86 -21.03 -39.47
C PHE A 510 18.20 -20.85 -38.78
N LEU A 511 18.25 -21.15 -37.48
CA LEU A 511 19.51 -21.07 -36.74
C LEU A 511 20.42 -22.25 -37.02
N GLU A 512 19.91 -23.31 -37.64
CA GLU A 512 20.68 -24.51 -37.96
C GLU A 512 21.35 -25.08 -36.71
N CYS A 513 20.53 -25.33 -35.69
CA CYS A 513 21.01 -25.86 -34.42
C CYS A 513 19.88 -26.66 -33.78
N ASN A 514 20.21 -27.32 -32.66
CA ASN A 514 19.25 -28.11 -31.92
C ASN A 514 19.10 -27.54 -30.52
N PRO A 515 17.89 -27.28 -30.06
CA PRO A 515 17.70 -26.63 -28.76
C PRO A 515 17.91 -27.59 -27.60
N VAL A 516 18.57 -27.10 -26.56
CA VAL A 516 18.71 -27.86 -25.32
C VAL A 516 17.54 -27.50 -24.42
N MET A 517 17.31 -28.29 -23.38
CA MET A 517 16.32 -27.99 -22.35
C MET A 517 17.02 -27.91 -21.01
N ILE A 518 16.84 -26.79 -20.31
CA ILE A 518 17.31 -26.62 -18.95
C ILE A 518 16.13 -26.21 -18.10
N ASP A 519 15.77 -27.06 -17.14
CA ASP A 519 14.70 -26.74 -16.21
C ASP A 519 15.28 -26.10 -14.96
N ALA A 520 14.65 -25.01 -14.52
CA ALA A 520 15.13 -24.26 -13.37
C ALA A 520 14.98 -25.02 -12.06
N ILE A 521 14.25 -26.14 -12.05
CA ILE A 521 14.03 -26.88 -10.81
C ILE A 521 15.31 -27.52 -10.30
N LYS A 522 16.32 -27.70 -11.16
CA LYS A 522 17.56 -28.31 -10.73
C LYS A 522 18.47 -27.33 -9.98
N VAL A 523 18.26 -26.03 -10.15
CA VAL A 523 19.12 -25.02 -9.54
C VAL A 523 18.34 -23.94 -8.80
N SER A 524 17.01 -23.91 -8.93
CA SER A 524 16.23 -22.86 -8.29
C SER A 524 15.08 -23.45 -7.47
N ALA A 525 14.17 -22.59 -7.03
CA ALA A 525 13.00 -23.00 -6.25
C ALA A 525 11.72 -22.70 -7.01
N ALA A 526 11.78 -22.74 -8.33
CA ALA A 526 10.62 -22.46 -9.16
C ALA A 526 10.62 -23.40 -10.36
N HIS A 527 9.46 -23.54 -10.98
CA HIS A 527 9.28 -24.41 -12.15
C HIS A 527 9.33 -23.55 -13.40
N ARG A 528 10.39 -23.68 -14.17
CA ARG A 528 10.54 -22.96 -15.44
C ARG A 528 11.55 -23.72 -16.30
N ALA A 529 11.15 -23.99 -17.54
CA ALA A 529 12.00 -24.73 -18.47
C ALA A 529 11.72 -24.25 -19.88
N ARG A 530 12.78 -23.96 -20.64
CA ARG A 530 12.61 -23.39 -21.97
C ARG A 530 13.76 -23.83 -22.87
N TYR A 531 13.58 -23.57 -24.17
CA TYR A 531 14.48 -24.02 -25.23
C TYR A 531 15.58 -22.98 -25.42
N PHE A 532 16.84 -23.42 -25.37
CA PHE A 532 18.00 -22.56 -25.59
C PHE A 532 18.68 -22.97 -26.89
N TRP A 533 18.81 -22.04 -27.83
CA TRP A 533 19.60 -22.25 -29.03
C TRP A 533 20.99 -21.64 -28.83
N GLY A 534 21.77 -21.57 -29.90
CA GLY A 534 23.07 -20.93 -29.87
C GLY A 534 24.19 -21.92 -30.10
N ASN A 535 25.42 -21.38 -30.06
CA ASN A 535 26.62 -22.19 -30.24
C ASN A 535 27.66 -21.85 -29.18
N LEU A 536 27.23 -21.71 -27.94
CA LEU A 536 28.16 -21.52 -26.84
C LEU A 536 29.01 -22.77 -26.70
N PRO A 537 30.24 -22.67 -26.20
CA PRO A 537 31.07 -23.87 -26.05
C PRO A 537 30.65 -24.69 -24.84
N GLY A 538 30.49 -26.00 -25.03
CA GLY A 538 30.04 -26.86 -23.95
C GLY A 538 28.63 -26.55 -23.48
N MET A 539 27.71 -26.35 -24.43
CA MET A 539 26.33 -26.01 -24.11
C MET A 539 25.49 -27.23 -23.78
N ASN A 540 26.01 -28.45 -23.99
CA ASN A 540 25.26 -29.67 -23.78
C ASN A 540 25.60 -30.40 -22.49
N ARG A 541 26.48 -29.84 -21.66
CA ARG A 541 26.91 -30.54 -20.46
C ARG A 541 25.75 -30.64 -19.45
N PRO A 542 25.78 -31.67 -18.61
CA PRO A 542 24.71 -31.83 -17.61
C PRO A 542 24.71 -30.68 -16.61
N VAL A 543 23.52 -30.39 -16.07
CA VAL A 543 23.36 -29.30 -15.12
C VAL A 543 23.80 -29.75 -13.74
N ILE A 544 24.58 -28.90 -13.07
CA ILE A 544 25.00 -29.13 -11.70
C ILE A 544 24.71 -27.88 -10.88
N ALA A 545 24.10 -28.06 -9.72
CA ALA A 545 23.78 -26.95 -8.83
C ALA A 545 25.07 -26.45 -8.17
N SER A 546 24.93 -25.45 -7.29
CA SER A 546 26.09 -24.86 -6.65
C SER A 546 25.91 -24.79 -5.14
N LYS A 547 26.84 -24.12 -4.45
CA LYS A 547 26.79 -23.97 -3.01
C LYS A 547 26.11 -22.69 -2.56
N ASN A 548 25.59 -21.89 -3.48
CA ASN A 548 24.94 -20.61 -3.17
C ASN A 548 23.60 -20.50 -3.88
N ASP A 549 22.89 -21.62 -4.00
CA ASP A 549 21.57 -21.64 -4.61
C ASP A 549 20.49 -21.67 -3.52
N LYS A 550 19.26 -21.38 -3.94
CA LYS A 550 18.11 -21.37 -3.06
C LYS A 550 17.11 -22.40 -3.60
N LEU A 551 17.27 -23.65 -3.17
CA LEU A 551 16.54 -24.76 -3.76
C LEU A 551 15.09 -24.83 -3.31
N GLU A 552 14.78 -24.45 -2.07
CA GLU A 552 13.45 -24.59 -1.52
C GLU A 552 12.93 -23.25 -1.02
N LEU A 553 11.62 -23.21 -0.74
CA LEU A 553 10.94 -21.96 -0.38
C LEU A 553 11.41 -21.38 0.94
N GLN A 554 11.72 -22.20 1.93
CA GLN A 554 12.09 -21.66 3.25
C GLN A 554 13.33 -20.78 3.17
N ASP A 555 14.15 -20.94 2.14
CA ASP A 555 15.34 -20.12 1.98
C ASP A 555 15.05 -18.74 1.41
N CYS A 556 13.85 -18.52 0.88
CA CYS A 556 13.50 -17.28 0.20
C CYS A 556 12.31 -16.58 0.86
N LEU A 557 12.28 -16.56 2.18
CA LEU A 557 11.16 -15.97 2.92
C LEU A 557 11.68 -15.02 3.98
N GLU A 558 10.82 -14.07 4.36
CA GLU A 558 11.17 -13.06 5.35
C GLU A 558 11.08 -13.63 6.76
N TYR A 559 11.11 -12.75 7.76
CA TYR A 559 11.03 -13.20 9.15
C TYR A 559 9.58 -13.56 9.49
N ASN A 560 9.44 -14.50 10.44
CA ASN A 560 8.15 -14.90 11.02
C ASN A 560 7.22 -15.55 10.01
N ARG A 561 7.74 -16.13 8.93
CA ARG A 561 6.92 -16.80 7.94
C ARG A 561 7.43 -18.22 7.73
N ILE A 562 6.49 -19.13 7.53
CA ILE A 562 6.77 -20.55 7.36
C ILE A 562 6.18 -21.01 6.04
N ALA A 563 6.99 -21.73 5.26
CA ALA A 563 6.61 -22.17 3.93
C ALA A 563 5.90 -23.51 4.00
N LYS A 564 4.67 -23.57 3.47
CA LYS A 564 3.95 -24.84 3.42
C LYS A 564 4.54 -25.77 2.37
N LEU A 565 4.83 -25.24 1.18
CA LEU A 565 5.26 -26.04 0.05
C LEU A 565 6.78 -26.16 0.04
N LYS A 566 7.31 -26.69 -1.06
CA LYS A 566 8.75 -26.76 -1.28
C LYS A 566 9.20 -26.20 -2.61
N LYS A 567 8.31 -26.08 -3.60
CA LYS A 567 8.66 -25.54 -4.91
C LYS A 567 7.45 -24.76 -5.41
N VAL A 568 7.64 -23.47 -5.70
CA VAL A 568 6.58 -22.69 -6.32
C VAL A 568 6.28 -23.32 -7.69
N GLN A 569 5.06 -23.15 -8.16
CA GLN A 569 4.73 -23.62 -9.49
C GLN A 569 5.15 -22.52 -10.47
N THR A 570 4.74 -22.61 -11.72
CA THR A 570 5.12 -21.60 -12.70
C THR A 570 4.57 -20.24 -12.32
N ILE A 571 5.36 -19.20 -12.57
CA ILE A 571 5.01 -17.82 -12.20
C ILE A 571 4.83 -17.01 -13.47
N THR A 572 3.73 -16.27 -13.53
CA THR A 572 3.39 -15.46 -14.70
C THR A 572 2.91 -14.10 -14.21
N THR A 573 2.34 -13.32 -15.14
CA THR A 573 1.86 -11.98 -14.81
C THR A 573 0.74 -12.02 -13.78
N LYS A 574 -0.19 -12.96 -13.93
CA LYS A 574 -1.29 -13.10 -12.98
C LYS A 574 -0.80 -13.72 -11.67
N SER A 575 -1.54 -13.47 -10.61
CA SER A 575 -1.21 -14.01 -9.29
C SER A 575 -2.06 -15.23 -8.96
N LEU A 585 -4.83 -21.86 -3.97
CA LEU A 585 -4.04 -22.17 -2.79
C LEU A 585 -2.98 -21.10 -2.54
N PHE A 586 -2.72 -20.80 -1.26
CA PHE A 586 -1.71 -19.84 -0.86
C PHE A 586 -0.55 -20.55 -0.18
N PRO A 587 0.69 -20.14 -0.46
CA PRO A 587 1.86 -20.91 -0.02
C PRO A 587 2.51 -20.49 1.30
N VAL A 588 2.09 -19.39 1.93
CA VAL A 588 2.70 -18.93 3.16
C VAL A 588 1.63 -18.73 4.22
N VAL A 589 1.98 -19.07 5.47
CA VAL A 589 1.12 -18.88 6.62
C VAL A 589 1.96 -18.26 7.74
N MET A 590 1.60 -17.05 8.16
CA MET A 590 2.25 -16.41 9.29
C MET A 590 1.21 -15.98 10.31
N ASN A 591 1.60 -16.02 11.59
CA ASN A 591 0.73 -15.66 12.71
C ASN A 591 -0.58 -16.43 12.67
N GLY A 592 -0.50 -17.69 12.23
CA GLY A 592 -1.68 -18.51 12.10
C GLY A 592 -2.66 -18.03 11.06
N LYS A 593 -2.25 -17.12 10.18
CA LYS A 593 -3.11 -16.57 9.14
C LYS A 593 -2.50 -16.83 7.78
N GLU A 594 -3.32 -17.30 6.85
CA GLU A 594 -2.84 -17.61 5.51
C GLU A 594 -2.42 -16.34 4.79
N ASP A 595 -1.33 -16.44 4.02
CA ASP A 595 -0.72 -15.29 3.39
C ASP A 595 -0.18 -15.66 2.02
N VAL A 596 0.31 -14.65 1.30
CA VAL A 596 0.87 -14.85 -0.04
C VAL A 596 2.29 -14.30 -0.10
N LEU A 597 2.90 -14.36 -1.27
CA LEU A 597 4.30 -13.99 -1.46
C LEU A 597 4.42 -12.51 -1.79
N TRP A 598 5.43 -11.86 -1.21
CA TRP A 598 5.65 -10.43 -1.42
C TRP A 598 6.50 -10.18 -2.66
N CYS A 599 6.55 -8.91 -3.06
CA CYS A 599 7.36 -8.51 -4.22
C CYS A 599 8.85 -8.64 -3.95
N THR A 600 9.28 -8.54 -2.70
CA THR A 600 10.68 -8.70 -2.35
C THR A 600 11.08 -10.15 -2.14
N GLU A 601 10.13 -11.08 -2.31
CA GLU A 601 10.42 -12.51 -2.23
C GLU A 601 10.54 -13.18 -3.59
N LEU A 602 9.92 -12.63 -4.64
CA LEU A 602 10.09 -13.13 -5.99
C LEU A 602 11.47 -12.81 -6.56
N GLU A 603 12.16 -11.81 -6.01
CA GLU A 603 13.51 -11.50 -6.46
C GLU A 603 14.52 -12.52 -5.94
N ARG A 604 14.32 -13.03 -4.73
CA ARG A 604 15.25 -14.01 -4.18
C ARG A 604 15.13 -15.35 -4.89
N ILE A 605 13.93 -15.69 -5.37
CA ILE A 605 13.73 -16.96 -6.06
C ILE A 605 14.57 -17.02 -7.32
N PHE A 606 14.58 -15.94 -8.10
CA PHE A 606 15.25 -15.90 -9.39
C PHE A 606 16.72 -15.53 -9.29
N GLY A 607 17.23 -15.25 -8.11
CA GLY A 607 18.62 -14.89 -7.95
C GLY A 607 18.92 -13.42 -8.09
N PHE A 608 17.92 -12.59 -8.37
CA PHE A 608 18.15 -11.15 -8.47
C PHE A 608 18.51 -10.59 -7.10
N PRO A 609 19.32 -9.53 -7.07
CA PRO A 609 19.57 -8.85 -5.79
C PRO A 609 18.27 -8.29 -5.23
N VAL A 610 18.17 -8.27 -3.90
CA VAL A 610 16.95 -7.81 -3.26
C VAL A 610 16.76 -6.32 -3.55
N HIS A 611 15.49 -5.90 -3.63
CA HIS A 611 15.06 -4.53 -3.91
C HIS A 611 15.48 -4.09 -5.31
N TYR A 612 15.71 -5.00 -6.24
CA TYR A 612 16.21 -4.67 -7.56
C TYR A 612 15.22 -3.83 -8.36
N THR A 613 13.93 -4.09 -8.19
CA THR A 613 12.90 -3.45 -8.98
C THR A 613 12.25 -2.28 -8.23
N ASP A 614 12.80 -1.89 -7.08
CA ASP A 614 12.28 -0.77 -6.30
C ASP A 614 12.69 0.55 -6.95
N VAL A 615 12.10 0.81 -8.12
CA VAL A 615 12.47 1.98 -8.91
C VAL A 615 11.25 2.55 -9.62
N SER A 616 11.07 3.87 -9.54
CA SER A 616 10.09 4.62 -10.32
C SER A 616 8.65 4.34 -9.94
N ASN A 617 8.38 4.25 -8.64
CA ASN A 617 7.01 4.24 -8.10
C ASN A 617 6.18 3.09 -8.68
N MET A 618 6.60 1.88 -8.38
CA MET A 618 5.88 0.69 -8.80
C MET A 618 5.43 -0.11 -7.58
N GLY A 619 4.29 -0.80 -7.73
CA GLY A 619 3.75 -1.61 -6.66
C GLY A 619 3.69 -3.08 -7.00
N ARG A 620 2.67 -3.78 -6.50
CA ARG A 620 2.54 -5.21 -6.77
C ARG A 620 2.27 -5.51 -8.23
N GLY A 621 1.46 -4.69 -8.91
CA GLY A 621 1.08 -4.95 -10.27
C GLY A 621 2.12 -4.67 -11.32
N ALA A 622 3.24 -4.06 -10.95
CA ALA A 622 4.31 -3.75 -11.90
C ALA A 622 5.62 -4.43 -11.56
N ARG A 623 5.95 -4.56 -10.27
CA ARG A 623 7.14 -5.28 -9.86
C ARG A 623 7.00 -6.77 -10.02
N GLN A 624 5.82 -7.26 -10.39
CA GLN A 624 5.60 -8.68 -10.59
C GLN A 624 5.40 -9.04 -12.06
N LYS A 625 4.91 -8.11 -12.88
CA LYS A 625 4.84 -8.35 -14.32
C LYS A 625 6.20 -8.40 -14.98
N LEU A 626 7.14 -7.57 -14.53
CA LEU A 626 8.50 -7.56 -15.07
C LEU A 626 9.28 -8.82 -14.68
N LEU A 627 9.10 -9.31 -13.46
CA LEU A 627 9.78 -10.52 -13.02
C LEU A 627 9.13 -11.78 -13.56
N GLY A 628 7.92 -11.70 -14.09
CA GLY A 628 7.24 -12.87 -14.60
C GLY A 628 7.66 -13.26 -16.00
N ARG A 629 8.37 -12.36 -16.69
CA ARG A 629 8.82 -12.61 -18.05
C ARG A 629 10.33 -12.47 -18.19
N SER A 630 11.07 -12.50 -17.08
CA SER A 630 12.51 -12.34 -17.12
C SER A 630 13.18 -13.70 -17.25
N TRP A 631 14.50 -13.72 -17.22
CA TRP A 631 15.28 -14.94 -17.20
C TRP A 631 15.59 -15.34 -15.76
N SER A 632 16.13 -16.55 -15.60
CA SER A 632 16.63 -16.99 -14.30
C SER A 632 18.14 -16.83 -14.27
N VAL A 633 18.62 -16.11 -13.27
CA VAL A 633 20.03 -15.75 -13.18
C VAL A 633 20.94 -16.98 -13.11
N PRO A 634 20.71 -17.97 -12.25
CA PRO A 634 21.61 -19.12 -12.21
C PRO A 634 21.47 -20.08 -13.38
N VAL A 635 20.37 -20.02 -14.14
CA VAL A 635 20.28 -20.78 -15.38
C VAL A 635 21.21 -20.17 -16.43
N ILE A 636 21.18 -18.85 -16.55
CA ILE A 636 22.05 -18.16 -17.52
C ILE A 636 23.50 -18.26 -17.10
N ARG A 637 23.77 -18.19 -15.80
CA ARG A 637 25.14 -18.29 -15.29
C ARG A 637 25.75 -19.64 -15.63
N HIS A 638 24.91 -20.62 -15.97
CA HIS A 638 25.38 -21.93 -16.40
C HIS A 638 25.83 -21.96 -17.85
N LEU A 639 25.24 -21.12 -18.71
CA LEU A 639 25.61 -21.08 -20.12
C LEU A 639 26.81 -20.20 -20.40
N PHE A 640 26.93 -19.08 -19.71
CA PHE A 640 27.97 -18.09 -19.99
C PHE A 640 29.28 -18.38 -19.25
N ALA A 641 29.31 -19.41 -18.41
CA ALA A 641 30.51 -19.75 -17.64
C ALA A 641 31.71 -20.09 -18.53
N PRO A 642 31.55 -20.89 -19.61
CA PRO A 642 32.71 -21.19 -20.46
C PRO A 642 33.10 -20.03 -21.36
N LEU A 643 32.58 -18.84 -21.11
CA LEU A 643 32.97 -17.63 -21.82
C LEU A 643 34.10 -16.88 -21.13
N LYS A 644 34.64 -17.44 -20.05
CA LYS A 644 35.74 -16.82 -19.33
C LYS A 644 37.10 -17.21 -19.88
N ASP A 645 37.14 -17.96 -20.98
CA ASP A 645 38.39 -18.44 -21.56
C ASP A 645 38.78 -17.75 -22.85
N TYR A 646 37.86 -17.07 -23.53
CA TYR A 646 38.15 -16.43 -24.80
C TYR A 646 38.21 -14.90 -24.72
N PHE A 647 37.64 -14.30 -23.68
CA PHE A 647 37.61 -12.86 -23.54
C PHE A 647 38.32 -12.44 -22.26
N ALA A 648 38.32 -11.15 -21.99
CA ALA A 648 39.04 -10.61 -20.85
C ALA A 648 38.37 -11.05 -19.55
N CYS A 649 39.10 -10.91 -18.46
CA CYS A 649 38.59 -11.27 -17.14
C CYS A 649 39.17 -10.31 -16.11
N GLU A 650 38.76 -10.50 -14.86
CA GLU A 650 39.19 -9.66 -13.73
C GLU A 650 38.91 -8.19 -13.99
N ARG B 207 -13.93 53.50 13.54
CA ARG B 207 -14.02 54.93 13.23
C ARG B 207 -13.84 55.78 14.47
N GLY B 208 -13.63 55.12 15.60
CA GLY B 208 -13.44 55.81 16.87
C GLY B 208 -11.99 56.21 17.10
N ASP B 209 -11.75 56.78 18.27
CA ASP B 209 -10.42 57.21 18.66
C ASP B 209 -9.50 56.04 18.98
N GLU B 210 -9.97 55.14 19.85
CA GLU B 210 -9.19 53.93 20.15
C GLU B 210 -9.06 53.05 18.91
N ASP B 211 -10.16 52.90 18.17
CA ASP B 211 -10.19 52.10 16.94
C ASP B 211 -10.07 53.07 15.76
N GLN B 212 -8.86 53.54 15.52
CA GLN B 212 -8.59 54.44 14.41
C GLN B 212 -8.24 53.64 13.15
N SER B 213 -8.41 54.28 12.01
CA SER B 213 -8.12 53.64 10.73
C SER B 213 -6.61 53.55 10.52
N ARG B 214 -6.20 52.71 9.56
CA ARG B 214 -4.79 52.48 9.30
C ARG B 214 -4.11 53.75 8.79
N GLU B 215 -4.75 54.46 7.87
CA GLU B 215 -4.15 55.66 7.31
C GLU B 215 -3.90 56.74 8.35
N GLN B 216 -4.70 56.78 9.42
CA GLN B 216 -4.47 57.76 10.47
C GLN B 216 -3.11 57.55 11.13
N MET B 217 -2.83 56.33 11.57
CA MET B 217 -1.53 56.06 12.18
C MET B 217 -0.40 56.13 11.17
N ALA B 218 -0.66 55.75 9.91
CA ALA B 218 0.36 55.86 8.88
C ALA B 218 0.78 57.32 8.67
N SER B 219 -0.20 58.22 8.61
CA SER B 219 0.11 59.64 8.46
C SER B 219 0.75 60.19 9.73
N ASP B 220 0.29 59.74 10.90
CA ASP B 220 0.86 60.22 12.15
C ASP B 220 2.33 59.84 12.31
N VAL B 221 2.73 58.66 11.86
CA VAL B 221 4.13 58.29 11.92
C VAL B 221 4.92 58.87 10.75
N ALA B 222 4.28 59.06 9.59
CA ALA B 222 4.96 59.67 8.46
C ALA B 222 5.34 61.11 8.73
N ASN B 223 4.46 61.86 9.41
CA ASN B 223 4.72 63.25 9.75
C ASN B 223 5.29 63.42 11.15
N ASN B 224 5.74 62.34 11.77
CA ASN B 224 6.46 62.30 13.05
C ASN B 224 5.59 62.67 14.24
N LYS B 225 4.26 62.61 14.11
CA LYS B 225 3.38 62.83 15.25
C LYS B 225 3.20 61.57 16.11
N SER B 226 3.61 60.41 15.60
CA SER B 226 3.49 59.17 16.35
C SER B 226 4.53 58.19 15.83
N SER B 227 4.53 56.99 16.41
CA SER B 227 5.45 55.93 16.05
C SER B 227 4.67 54.74 15.49
N LEU B 228 5.41 53.68 15.16
CA LEU B 228 4.79 52.46 14.64
C LEU B 228 4.56 51.41 15.72
N GLU B 229 5.33 51.45 16.81
CA GLU B 229 5.26 50.45 17.86
C GLU B 229 4.15 50.73 18.86
N ASP B 230 3.16 51.54 18.50
CA ASP B 230 2.03 51.83 19.36
C ASP B 230 0.70 51.42 18.76
N GLY B 231 0.68 50.97 17.50
CA GLY B 231 -0.55 50.58 16.84
C GLY B 231 -0.42 49.23 16.16
N CYS B 232 -1.57 48.60 15.93
CA CYS B 232 -1.62 47.30 15.27
C CYS B 232 -1.54 47.49 13.76
N LEU B 233 -0.82 46.59 13.10
CA LEU B 233 -0.51 46.72 11.68
C LEU B 233 -1.53 46.06 10.77
N SER B 234 -2.58 45.46 11.32
CA SER B 234 -3.60 44.82 10.51
C SER B 234 -4.98 45.45 10.61
N CYS B 235 -5.25 46.21 11.66
CA CYS B 235 -6.54 46.89 11.79
C CYS B 235 -6.44 48.33 12.28
N GLY B 236 -5.26 48.83 12.61
CA GLY B 236 -5.11 50.21 13.02
C GLY B 236 -5.51 50.52 14.44
N ARG B 237 -5.80 49.51 15.26
CA ARG B 237 -6.22 49.76 16.63
C ARG B 237 -5.04 50.28 17.46
N LYS B 238 -5.37 50.80 18.63
CA LYS B 238 -4.38 51.17 19.63
C LYS B 238 -4.16 49.98 20.57
N ASN B 239 -3.47 50.23 21.69
CA ASN B 239 -3.24 49.25 22.74
C ASN B 239 -2.51 48.01 22.21
N PRO B 240 -1.24 48.14 21.83
CA PRO B 240 -0.49 46.96 21.40
C PRO B 240 -0.21 46.04 22.57
N VAL B 241 -0.13 44.74 22.27
CA VAL B 241 0.14 43.73 23.29
C VAL B 241 1.44 42.97 23.04
N SER B 242 2.01 43.06 21.85
CA SER B 242 3.23 42.33 21.53
C SER B 242 4.00 43.13 20.47
N PHE B 243 4.96 42.48 19.82
CA PHE B 243 5.73 43.06 18.74
C PHE B 243 5.42 42.33 17.44
N HIS B 244 5.92 42.88 16.33
CA HIS B 244 5.83 42.18 15.07
C HIS B 244 7.16 41.50 14.77
N PRO B 245 7.18 40.17 14.61
CA PRO B 245 8.47 39.47 14.51
C PRO B 245 9.31 39.88 13.31
N LEU B 246 8.68 40.22 12.18
CA LEU B 246 9.41 40.53 10.96
C LEU B 246 9.65 42.03 10.78
N PHE B 247 8.59 42.81 10.71
CA PHE B 247 8.70 44.25 10.53
C PHE B 247 8.77 44.92 11.90
N GLU B 248 8.61 46.24 11.94
CA GLU B 248 8.56 46.99 13.18
C GLU B 248 7.13 47.44 13.45
N GLY B 249 6.69 47.27 14.69
CA GLY B 249 5.36 47.65 15.08
C GLY B 249 4.85 46.71 16.16
N GLY B 250 3.54 46.78 16.40
CA GLY B 250 2.87 45.97 17.39
C GLY B 250 1.66 45.26 16.82
N LEU B 251 1.10 44.38 17.63
CA LEU B 251 -0.10 43.63 17.28
C LEU B 251 -1.09 43.71 18.43
N CYS B 252 -2.37 43.61 18.10
CA CYS B 252 -3.43 43.55 19.09
C CYS B 252 -3.80 42.10 19.38
N GLN B 253 -4.45 41.89 20.53
CA GLN B 253 -4.73 40.53 21.00
C GLN B 253 -5.55 39.72 20.00
N THR B 254 -6.34 40.37 19.15
CA THR B 254 -7.05 39.65 18.11
C THR B 254 -6.13 39.20 16.99
N CYS B 255 -5.06 39.93 16.74
CA CYS B 255 -4.13 39.61 15.65
C CYS B 255 -2.95 38.77 16.09
N ARG B 256 -2.48 38.93 17.32
CA ARG B 256 -1.48 38.01 17.85
C ARG B 256 -2.00 36.59 17.97
N ASP B 257 -3.29 36.42 18.24
CA ASP B 257 -3.92 35.11 18.34
C ASP B 257 -4.35 34.57 16.99
N ARG B 258 -3.94 35.21 15.90
CA ARG B 258 -4.05 34.62 14.58
C ARG B 258 -2.73 34.60 13.83
N PHE B 259 -1.71 35.32 14.29
CA PHE B 259 -0.36 35.12 13.80
C PHE B 259 0.26 33.84 14.33
N LEU B 260 -0.29 33.27 15.40
CA LEU B 260 0.18 32.01 15.97
C LEU B 260 -0.46 30.78 15.35
N GLU B 261 -1.55 30.95 14.60
CA GLU B 261 -2.24 29.83 13.98
C GLU B 261 -1.90 29.68 12.50
N LEU B 262 -2.10 30.76 11.73
CA LEU B 262 -2.08 30.68 10.28
C LEU B 262 -0.72 31.02 9.66
N PHE B 263 0.29 31.31 10.48
CA PHE B 263 1.60 31.63 9.92
C PHE B 263 2.21 30.45 9.19
N TYR B 264 2.14 29.26 9.79
CA TYR B 264 2.81 28.07 9.26
C TYR B 264 1.88 27.21 8.42
N MET B 265 0.93 27.82 7.73
CA MET B 265 0.01 27.12 6.84
C MET B 265 0.36 27.45 5.40
N TYR B 266 0.51 26.43 4.57
CA TYR B 266 0.88 26.59 3.17
C TYR B 266 -0.11 25.85 2.30
N ASP B 267 -0.26 26.32 1.06
CA ASP B 267 -1.15 25.66 0.11
C ASP B 267 -0.50 24.38 -0.41
N ASP B 268 -1.21 23.71 -1.32
CA ASP B 268 -0.70 22.49 -1.92
C ASP B 268 0.38 22.75 -2.96
N ASP B 269 0.49 23.97 -3.46
CA ASP B 269 1.50 24.32 -4.46
C ASP B 269 2.69 25.05 -3.84
N GLY B 270 2.79 25.09 -2.52
CA GLY B 270 3.90 25.74 -1.86
C GLY B 270 3.83 27.25 -1.90
N TYR B 271 2.75 27.82 -1.35
CA TYR B 271 2.59 29.25 -1.27
C TYR B 271 1.72 29.58 -0.06
N GLN B 272 2.11 30.58 0.71
CA GLN B 272 1.33 30.99 1.88
C GLN B 272 -0.06 31.41 1.45
N SER B 273 -1.06 31.02 2.25
CA SER B 273 -2.44 31.35 1.96
C SER B 273 -2.86 32.73 2.44
N TYR B 274 -2.03 33.38 3.26
CA TYR B 274 -2.41 34.62 3.92
C TYR B 274 -1.27 35.62 3.83
N CYS B 275 -1.60 36.91 4.00
CA CYS B 275 -0.60 37.96 3.95
C CYS B 275 0.44 37.77 5.05
N THR B 276 1.68 38.12 4.75
CA THR B 276 2.76 38.03 5.71
C THR B 276 2.66 39.06 6.83
N VAL B 277 1.90 40.14 6.62
CA VAL B 277 1.79 41.20 7.61
C VAL B 277 0.57 40.97 8.49
N CYS B 278 -0.60 40.85 7.87
CA CYS B 278 -1.88 40.81 8.57
C CYS B 278 -2.44 39.40 8.74
N CYS B 279 -1.96 38.42 7.97
CA CYS B 279 -2.47 37.07 7.98
C CYS B 279 -3.96 37.03 7.64
N GLU B 280 -4.40 37.96 6.81
CA GLU B 280 -5.79 38.01 6.33
C GLU B 280 -5.67 38.16 4.81
N GLY B 281 -6.23 37.19 4.08
CA GLY B 281 -6.10 37.19 2.63
C GLY B 281 -7.23 37.86 1.89
N ARG B 282 -7.35 39.18 1.98
CA ARG B 282 -8.34 39.89 1.19
C ARG B 282 -8.02 39.78 -0.30
N GLU B 283 -6.75 39.96 -0.66
CA GLU B 283 -6.28 39.71 -2.01
C GLU B 283 -4.89 39.08 -1.92
N LEU B 284 -4.52 38.34 -2.97
CA LEU B 284 -3.32 37.52 -2.93
C LEU B 284 -2.49 37.74 -4.20
N LEU B 285 -1.30 38.29 -4.04
CA LEU B 285 -0.29 38.31 -5.09
C LEU B 285 1.00 37.72 -4.53
N LEU B 286 1.60 36.82 -5.29
CA LEU B 286 2.69 35.98 -4.79
C LEU B 286 4.05 36.53 -5.18
N CYS B 287 5.08 36.00 -4.51
CA CYS B 287 6.48 36.29 -4.85
C CYS B 287 6.84 35.35 -5.99
N SER B 288 6.81 35.88 -7.22
CA SER B 288 7.05 35.03 -8.38
C SER B 288 8.44 34.44 -8.39
N ASN B 289 9.39 35.07 -7.69
CA ASN B 289 10.72 34.51 -7.56
C ASN B 289 10.68 33.21 -6.77
N THR B 290 11.62 32.33 -7.07
CA THR B 290 11.76 31.07 -6.36
C THR B 290 12.38 31.32 -4.98
N SER B 291 12.49 30.26 -4.19
CA SER B 291 12.96 30.28 -2.81
C SER B 291 12.08 31.11 -1.89
N CYS B 292 10.83 31.39 -2.30
CA CYS B 292 9.87 32.11 -1.47
C CYS B 292 8.47 31.56 -1.70
N CYS B 293 7.77 31.28 -0.62
CA CYS B 293 6.35 30.97 -0.67
C CYS B 293 5.48 32.15 -0.24
N ARG B 294 6.08 33.30 0.03
CA ARG B 294 5.37 34.42 0.64
C ARG B 294 4.40 35.04 -0.37
N CYS B 295 3.42 35.78 0.18
CA CYS B 295 2.50 36.55 -0.63
C CYS B 295 2.02 37.73 0.19
N PHE B 296 1.95 38.90 -0.44
CA PHE B 296 1.52 40.12 0.21
C PHE B 296 0.15 40.53 -0.31
N CYS B 297 -0.74 40.92 0.59
CA CYS B 297 -2.10 41.28 0.23
C CYS B 297 -2.16 42.72 -0.27
N VAL B 298 -3.17 43.00 -1.10
CA VAL B 298 -3.31 44.32 -1.70
C VAL B 298 -3.65 45.36 -0.65
N GLU B 299 -4.49 44.98 0.33
CA GLU B 299 -4.91 45.94 1.34
C GLU B 299 -3.75 46.47 2.17
N CYS B 300 -2.66 45.72 2.27
CA CYS B 300 -1.48 46.17 3.02
C CYS B 300 -0.51 46.98 2.18
N LEU B 301 -0.64 46.96 0.86
CA LEU B 301 0.35 47.65 0.01
C LEU B 301 0.08 49.14 -0.10
N GLU B 302 -1.07 49.51 -0.67
CA GLU B 302 -1.33 50.91 -0.92
C GLU B 302 -1.56 51.72 0.35
N VAL B 303 -2.04 51.09 1.42
CA VAL B 303 -2.28 51.84 2.65
C VAL B 303 -0.98 52.26 3.32
N LEU B 304 0.03 51.38 3.32
CA LEU B 304 1.30 51.66 3.96
C LEU B 304 2.40 52.11 3.01
N VAL B 305 2.60 51.39 1.91
CA VAL B 305 3.67 51.74 0.97
C VAL B 305 3.33 52.99 0.19
N GLY B 306 2.24 52.95 -0.57
CA GLY B 306 1.83 54.07 -1.37
C GLY B 306 0.73 53.69 -2.35
N THR B 307 -0.20 54.61 -2.60
CA THR B 307 -1.31 54.30 -3.48
C THR B 307 -0.82 54.01 -4.89
N GLY B 308 -1.43 53.02 -5.52
CA GLY B 308 -1.05 52.61 -6.86
C GLY B 308 0.16 51.72 -6.94
N THR B 309 0.76 51.35 -5.81
CA THR B 309 1.93 50.46 -5.84
C THR B 309 1.57 49.10 -6.41
N ALA B 310 0.42 48.56 -5.99
CA ALA B 310 -0.01 47.26 -6.50
C ALA B 310 -0.32 47.30 -7.99
N ALA B 311 -0.59 48.50 -8.53
CA ALA B 311 -0.86 48.61 -9.96
C ALA B 311 0.37 48.22 -10.78
N GLU B 312 1.54 48.80 -10.45
CA GLU B 312 2.76 48.39 -11.12
C GLU B 312 3.28 47.06 -10.61
N ALA B 313 2.95 46.68 -9.38
CA ALA B 313 3.38 45.38 -8.86
C ALA B 313 2.67 44.22 -9.55
N LYS B 314 1.57 44.48 -10.26
CA LYS B 314 0.82 43.42 -10.93
C LYS B 314 1.22 43.22 -12.37
N LEU B 315 1.57 44.29 -13.09
CA LEU B 315 1.89 44.19 -14.51
C LEU B 315 3.37 43.92 -14.78
N GLN B 316 4.27 44.46 -13.95
CA GLN B 316 5.69 44.21 -14.15
C GLN B 316 6.01 42.76 -13.81
N GLU B 317 6.87 42.14 -14.63
CA GLU B 317 7.20 40.74 -14.49
C GLU B 317 8.71 40.56 -14.60
N PRO B 318 9.32 39.76 -13.72
CA PRO B 318 8.73 39.04 -12.59
C PRO B 318 8.74 39.89 -11.32
N TRP B 319 8.06 39.45 -10.26
CA TRP B 319 8.04 40.18 -9.00
C TRP B 319 9.07 39.61 -8.03
N SER B 320 9.34 40.39 -6.98
CA SER B 320 10.30 39.99 -5.96
C SER B 320 9.85 40.60 -4.65
N CYS B 321 9.49 39.75 -3.68
CA CYS B 321 8.85 40.23 -2.46
C CYS B 321 9.80 41.08 -1.63
N TYR B 322 9.23 41.73 -0.61
CA TYR B 322 9.98 42.63 0.25
C TYR B 322 10.98 41.92 1.14
N MET B 323 10.89 40.59 1.26
CA MET B 323 11.93 39.81 1.90
C MET B 323 13.06 39.47 0.95
N CYS B 324 12.88 39.73 -0.36
CA CYS B 324 13.91 39.46 -1.35
C CYS B 324 14.74 40.69 -1.65
N LEU B 325 14.10 41.86 -1.68
CA LEU B 325 14.80 43.08 -2.06
C LEU B 325 15.88 43.41 -1.02
N PRO B 326 16.97 44.06 -1.41
CA PRO B 326 17.88 44.63 -0.42
C PRO B 326 17.14 45.64 0.44
N GLN B 327 17.49 45.67 1.72
CA GLN B 327 16.68 46.37 2.70
C GLN B 327 16.67 47.88 2.44
N ARG B 328 15.47 48.46 2.49
CA ARG B 328 15.28 49.91 2.46
C ARG B 328 14.16 50.22 3.45
N CYS B 329 13.63 51.45 3.36
CA CYS B 329 12.49 51.86 4.18
C CYS B 329 11.43 52.42 3.26
N HIS B 330 10.47 51.57 2.87
CA HIS B 330 9.44 51.95 1.91
C HIS B 330 8.27 52.60 2.64
N GLY B 331 8.56 53.76 3.23
CA GLY B 331 7.56 54.47 3.98
C GLY B 331 7.49 54.04 5.43
N VAL B 332 6.55 53.15 5.73
CA VAL B 332 6.36 52.67 7.10
C VAL B 332 6.47 51.15 7.14
N LEU B 333 6.82 50.54 6.00
CA LEU B 333 6.97 49.09 5.89
C LEU B 333 8.46 48.80 5.81
N ARG B 334 9.07 48.55 6.97
CA ARG B 334 10.50 48.36 7.09
C ARG B 334 10.80 47.05 7.82
N ARG B 335 11.96 46.47 7.52
CA ARG B 335 12.31 45.13 7.96
C ARG B 335 13.39 45.19 9.03
N ARG B 336 13.25 44.33 10.04
CA ARG B 336 14.21 44.29 11.14
C ARG B 336 15.48 43.56 10.72
N LYS B 337 16.58 43.87 11.40
CA LYS B 337 17.87 43.28 11.08
C LYS B 337 17.94 41.79 11.45
N ASP B 338 17.17 41.37 12.43
CA ASP B 338 17.29 40.02 13.01
C ASP B 338 15.93 39.34 13.11
N TRP B 339 15.15 39.42 12.03
CA TRP B 339 13.79 38.89 12.04
C TRP B 339 13.73 37.40 12.34
N ASN B 340 14.76 36.62 11.98
CA ASN B 340 14.75 35.21 12.30
C ASN B 340 14.84 34.97 13.81
N VAL B 341 15.72 35.71 14.49
CA VAL B 341 15.86 35.57 15.94
C VAL B 341 14.62 35.95 16.70
N ARG B 342 13.90 36.99 16.26
CA ARG B 342 12.65 37.37 16.89
C ARG B 342 11.50 36.44 16.52
N LEU B 343 11.51 35.88 15.31
CA LEU B 343 10.53 34.86 14.96
C LEU B 343 10.70 33.61 15.79
N GLN B 344 11.92 33.20 16.10
CA GLN B 344 12.16 32.05 16.96
C GLN B 344 11.68 32.27 18.39
N ALA B 345 11.67 33.51 18.88
CA ALA B 345 11.19 33.81 20.22
C ALA B 345 9.72 34.17 20.26
N PHE B 346 9.12 34.48 19.12
CA PHE B 346 7.68 34.78 19.08
C PHE B 346 6.85 33.57 19.51
N PHE B 347 7.21 32.39 19.04
CA PHE B 347 6.43 31.19 19.27
C PHE B 347 6.75 30.50 20.59
N THR B 348 7.72 31.00 21.35
CA THR B 348 8.14 30.32 22.57
C THR B 348 8.39 31.34 23.69
N SER B 349 7.48 32.29 23.85
CA SER B 349 7.65 33.29 24.91
C SER B 349 6.32 33.97 25.19
N ASP B 350 6.16 34.39 26.45
CA ASP B 350 5.08 35.27 26.90
C ASP B 350 3.71 34.73 26.54
N THR B 351 3.48 33.43 26.75
CA THR B 351 2.20 32.82 26.50
C THR B 351 1.76 32.00 27.71
N GLY B 352 0.47 32.13 28.05
CA GLY B 352 -0.07 31.39 29.18
C GLY B 352 0.57 31.81 30.48
N LEU B 353 0.74 30.84 31.38
CA LEU B 353 1.35 31.06 32.67
C LEU B 353 2.77 30.50 32.66
N GLU B 354 3.43 30.58 33.83
CA GLU B 354 4.78 30.07 33.99
C GLU B 354 4.75 28.96 35.03
N TYR B 355 5.31 27.81 34.69
CA TYR B 355 5.35 26.65 35.56
C TYR B 355 6.77 26.41 36.06
N GLU B 356 6.87 25.69 37.18
CA GLU B 356 8.17 25.41 37.77
C GLU B 356 9.01 24.54 36.84
N ALA B 357 10.31 24.75 36.87
CA ALA B 357 11.22 24.01 36.01
C ALA B 357 11.20 22.53 36.38
N PRO B 358 11.16 21.63 35.39
CA PRO B 358 11.20 20.19 35.71
C PRO B 358 12.47 19.83 36.48
N LYS B 359 12.32 18.88 37.39
CA LYS B 359 13.44 18.46 38.23
C LYS B 359 14.54 17.84 37.39
N LEU B 360 15.78 18.08 37.80
CA LEU B 360 16.96 17.54 37.14
C LEU B 360 17.56 16.43 37.98
N TYR B 361 17.68 15.25 37.40
CA TYR B 361 18.22 14.11 38.13
C TYR B 361 19.75 14.19 38.20
N PRO B 362 20.35 13.66 39.25
CA PRO B 362 21.81 13.64 39.33
C PRO B 362 22.41 12.70 38.29
N ALA B 363 23.65 13.01 37.90
CA ALA B 363 24.33 12.21 36.90
C ALA B 363 24.62 10.81 37.43
N ILE B 364 24.43 9.81 36.58
CA ILE B 364 24.64 8.41 36.93
C ILE B 364 25.99 7.97 36.35
N PRO B 365 26.89 7.42 37.17
CA PRO B 365 28.16 6.92 36.63
C PRO B 365 27.94 5.76 35.68
N ALA B 366 28.94 5.54 34.82
CA ALA B 366 28.87 4.49 33.81
C ALA B 366 28.98 3.10 34.38
N ALA B 367 29.39 2.95 35.65
CA ALA B 367 29.52 1.63 36.25
C ALA B 367 28.16 0.95 36.41
N ARG B 368 27.17 1.69 36.92
CA ARG B 368 25.84 1.16 37.18
C ARG B 368 24.86 1.82 36.20
N ARG B 369 24.71 1.21 35.02
CA ARG B 369 23.73 1.65 34.05
C ARG B 369 23.03 0.42 33.47
N ARG B 370 21.76 0.59 33.12
CA ARG B 370 20.93 -0.53 32.71
C ARG B 370 20.28 -0.26 31.36
N PRO B 371 19.85 -1.28 30.64
CA PRO B 371 19.11 -1.06 29.40
C PRO B 371 17.81 -0.31 29.64
N ILE B 372 17.42 0.47 28.64
CA ILE B 372 16.25 1.33 28.71
C ILE B 372 15.01 0.52 28.36
N ARG B 373 13.96 0.68 29.16
CA ARG B 373 12.66 0.09 28.89
C ARG B 373 11.71 1.18 28.40
N VAL B 374 11.04 0.91 27.28
CA VAL B 374 10.30 1.94 26.56
C VAL B 374 8.86 1.49 26.37
N LEU B 375 7.92 2.39 26.65
CA LEU B 375 6.52 2.21 26.29
C LEU B 375 6.16 3.27 25.26
N SER B 376 5.67 2.84 24.10
CA SER B 376 5.44 3.75 22.98
C SER B 376 3.97 3.67 22.55
N LEU B 377 3.19 4.65 22.98
CA LEU B 377 1.80 4.76 22.55
C LEU B 377 1.75 5.41 21.17
N PHE B 378 0.90 4.87 20.29
CA PHE B 378 0.81 5.30 18.90
C PHE B 378 2.19 5.22 18.24
N ASP B 379 2.69 3.99 18.15
CA ASP B 379 4.08 3.77 17.75
C ASP B 379 4.38 4.20 16.33
N GLY B 380 3.49 3.93 15.39
CA GLY B 380 3.79 4.24 14.00
C GLY B 380 4.69 3.18 13.40
N ILE B 381 5.79 3.61 12.78
CA ILE B 381 6.70 2.69 12.12
C ILE B 381 7.96 2.51 12.95
N ALA B 382 7.83 2.67 14.26
CA ALA B 382 8.90 2.38 15.22
C ALA B 382 10.12 3.27 15.01
N THR B 383 9.89 4.58 14.85
CA THR B 383 11.00 5.52 14.73
C THR B 383 11.82 5.57 16.01
N GLY B 384 11.18 5.43 17.18
CA GLY B 384 11.91 5.48 18.43
C GLY B 384 12.94 4.38 18.57
N TYR B 385 12.58 3.14 18.21
CA TYR B 385 13.52 2.04 18.28
C TYR B 385 14.67 2.24 17.31
N LEU B 386 14.38 2.69 16.10
CA LEU B 386 15.41 2.96 15.11
C LEU B 386 16.41 3.99 15.62
N VAL B 387 15.91 5.10 16.15
CA VAL B 387 16.79 6.15 16.64
C VAL B 387 17.60 5.66 17.84
N LEU B 388 16.95 4.95 18.76
CA LEU B 388 17.63 4.48 19.96
C LEU B 388 18.71 3.44 19.65
N LYS B 389 18.52 2.64 18.60
CA LYS B 389 19.59 1.75 18.16
C LYS B 389 20.70 2.49 17.43
N GLU B 390 20.35 3.54 16.69
CA GLU B 390 21.37 4.32 15.99
C GLU B 390 22.31 5.00 16.98
N LEU B 391 21.76 5.54 18.08
CA LEU B 391 22.60 6.16 19.10
C LEU B 391 23.55 5.14 19.72
N GLY B 392 23.07 3.93 19.97
CA GLY B 392 23.88 2.90 20.58
C GLY B 392 23.51 2.60 22.01
N ILE B 393 22.22 2.68 22.33
CA ILE B 393 21.72 2.40 23.66
C ILE B 393 21.06 1.03 23.64
N LYS B 394 21.42 0.17 24.60
CA LYS B 394 20.91 -1.19 24.67
C LYS B 394 19.44 -1.14 25.06
N VAL B 395 18.56 -1.58 24.17
CA VAL B 395 17.12 -1.57 24.42
C VAL B 395 16.74 -2.93 25.00
N GLY B 396 16.58 -3.00 26.33
CA GLY B 396 16.23 -4.22 27.00
C GLY B 396 14.78 -4.62 26.92
N LYS B 397 13.90 -3.71 26.52
CA LYS B 397 12.47 -4.01 26.36
C LYS B 397 11.80 -2.86 25.63
N TYR B 398 10.82 -3.17 24.77
CA TYR B 398 10.16 -2.13 23.99
C TYR B 398 8.72 -2.57 23.74
N VAL B 399 7.78 -1.98 24.48
CA VAL B 399 6.36 -2.26 24.33
C VAL B 399 5.76 -1.20 23.41
N ALA B 400 5.06 -1.65 22.37
CA ALA B 400 4.51 -0.75 21.36
C ALA B 400 3.03 -1.01 21.21
N SER B 401 2.24 0.05 21.19
CA SER B 401 0.78 -0.03 21.07
C SER B 401 0.35 0.59 19.74
N GLU B 402 0.10 -0.25 18.75
CA GLU B 402 -0.30 0.19 17.42
C GLU B 402 -1.43 -0.70 16.93
N VAL B 403 -2.29 -0.13 16.07
CA VAL B 403 -3.49 -0.84 15.64
C VAL B 403 -3.54 -0.97 14.12
N CYS B 404 -2.59 -0.34 13.41
CA CYS B 404 -2.55 -0.41 11.97
C CYS B 404 -1.78 -1.64 11.53
N GLU B 405 -2.40 -2.45 10.67
CA GLU B 405 -1.89 -3.76 10.30
C GLU B 405 -0.63 -3.72 9.45
N GLU B 406 -0.30 -2.58 8.84
CA GLU B 406 0.90 -2.45 8.03
C GLU B 406 2.11 -1.98 8.83
N SER B 407 1.89 -1.08 9.80
CA SER B 407 2.97 -0.68 10.69
C SER B 407 3.47 -1.85 11.51
N ILE B 408 2.57 -2.75 11.92
CA ILE B 408 3.00 -3.98 12.59
C ILE B 408 3.90 -4.78 11.67
N ALA B 409 3.56 -4.87 10.39
CA ALA B 409 4.38 -5.61 9.44
C ALA B 409 5.77 -5.00 9.30
N VAL B 410 5.84 -3.67 9.20
CA VAL B 410 7.14 -3.01 9.07
C VAL B 410 7.99 -3.25 10.30
N GLY B 411 7.42 -3.00 11.48
CA GLY B 411 8.18 -3.16 12.71
C GLY B 411 8.50 -4.60 13.06
N THR B 412 7.77 -5.55 12.50
CA THR B 412 8.05 -6.96 12.71
C THR B 412 9.17 -7.44 11.79
N VAL B 413 9.05 -7.13 10.50
CA VAL B 413 10.03 -7.61 9.53
C VAL B 413 11.38 -6.93 9.76
N LYS B 414 11.39 -5.60 9.89
CA LYS B 414 12.67 -4.89 9.85
C LYS B 414 13.49 -5.09 11.11
N HIS B 415 12.86 -5.26 12.26
CA HIS B 415 13.58 -5.33 13.53
C HIS B 415 13.63 -6.74 14.10
N GLU B 416 13.25 -7.75 13.31
CA GLU B 416 13.42 -9.16 13.66
C GLU B 416 12.72 -9.51 14.98
N GLY B 417 11.53 -8.95 15.17
CA GLY B 417 10.69 -9.28 16.31
C GLY B 417 11.33 -9.04 17.66
N ASN B 418 12.05 -7.92 17.80
CA ASN B 418 12.62 -7.54 19.07
C ASN B 418 11.71 -6.65 19.91
N ILE B 419 10.58 -6.22 19.37
CA ILE B 419 9.67 -5.33 20.06
C ILE B 419 8.32 -6.02 20.23
N LYS B 420 7.74 -5.90 21.41
CA LYS B 420 6.53 -6.63 21.77
C LYS B 420 5.30 -5.76 21.52
N TYR B 421 4.29 -6.34 20.88
CA TYR B 421 3.11 -5.57 20.53
C TYR B 421 1.99 -5.75 21.55
N VAL B 422 1.07 -4.78 21.56
CA VAL B 422 -0.05 -4.72 22.48
C VAL B 422 -1.26 -4.28 21.66
N ASN B 423 -2.45 -4.54 22.18
CA ASN B 423 -3.69 -4.22 21.48
C ASN B 423 -3.98 -2.73 21.53
N ASP B 424 -5.21 -2.35 21.18
CA ASP B 424 -5.67 -0.96 21.22
C ASP B 424 -5.32 -0.27 22.52
N VAL B 425 -5.16 1.04 22.49
CA VAL B 425 -4.84 1.82 23.69
C VAL B 425 -6.06 2.04 24.58
N ARG B 426 -7.28 1.86 24.05
CA ARG B 426 -8.49 1.99 24.85
C ARG B 426 -8.84 0.71 25.61
N ASN B 427 -8.00 -0.32 25.49
CA ASN B 427 -8.24 -1.59 26.17
C ASN B 427 -7.11 -1.97 27.12
N ILE B 428 -6.33 -1.00 27.60
CA ILE B 428 -5.20 -1.25 28.48
C ILE B 428 -5.61 -0.87 29.89
N THR B 429 -5.54 -1.83 30.81
CA THR B 429 -5.95 -1.62 32.19
C THR B 429 -4.73 -1.21 33.02
N LYS B 430 -4.87 -1.18 34.34
CA LYS B 430 -3.77 -0.87 35.24
C LYS B 430 -2.94 -2.09 35.60
N LYS B 431 -3.55 -3.27 35.63
CA LYS B 431 -2.79 -4.49 35.87
C LYS B 431 -1.76 -4.73 34.77
N ASN B 432 -2.12 -4.39 33.53
CA ASN B 432 -1.20 -4.53 32.41
C ASN B 432 0.05 -3.68 32.63
N ILE B 433 -0.14 -2.41 32.98
CA ILE B 433 0.97 -1.52 33.25
C ILE B 433 1.79 -1.95 34.45
N GLU B 434 1.15 -2.51 35.48
CA GLU B 434 1.90 -3.06 36.60
C GLU B 434 2.74 -4.27 36.22
N GLU B 435 2.23 -5.14 35.34
CA GLU B 435 2.98 -6.32 34.92
C GLU B 435 4.15 -5.93 34.02
N TRP B 436 3.90 -5.08 33.02
CA TRP B 436 4.91 -4.80 32.01
C TRP B 436 6.01 -3.89 32.53
N GLY B 437 5.73 -3.08 33.54
CA GLY B 437 6.69 -2.15 34.07
C GLY B 437 7.78 -2.86 34.84
N PRO B 438 8.69 -2.08 35.45
CA PRO B 438 8.77 -0.61 35.48
C PRO B 438 9.24 -0.01 34.16
N PHE B 439 8.47 0.91 33.60
CA PHE B 439 8.87 1.60 32.38
C PHE B 439 9.80 2.77 32.70
N ASP B 440 10.58 3.18 31.71
CA ASP B 440 11.56 4.23 31.89
C ASP B 440 11.48 5.35 30.87
N LEU B 441 10.65 5.21 29.83
CA LEU B 441 10.51 6.26 28.84
C LEU B 441 9.14 6.09 28.18
N VAL B 442 8.18 6.91 28.57
CA VAL B 442 6.82 6.85 28.03
C VAL B 442 6.76 7.87 26.90
N ILE B 443 6.85 7.38 25.68
CA ILE B 443 6.79 8.22 24.49
C ILE B 443 5.40 8.12 23.89
N GLY B 444 4.95 9.19 23.24
CA GLY B 444 3.67 9.16 22.57
C GLY B 444 3.38 10.40 21.75
N GLY B 445 2.66 10.23 20.65
CA GLY B 445 2.16 11.34 19.88
C GLY B 445 0.75 11.09 19.40
N SER B 446 -0.18 11.96 19.79
CA SER B 446 -1.59 11.75 19.50
C SER B 446 -1.90 12.11 18.05
N PRO B 447 -2.90 11.46 17.46
CA PRO B 447 -3.32 11.83 16.10
C PRO B 447 -3.84 13.26 16.05
N CYS B 448 -3.57 13.92 14.92
CA CYS B 448 -3.97 15.31 14.71
C CYS B 448 -5.02 15.45 13.61
N ASN B 449 -5.86 14.43 13.44
CA ASN B 449 -6.87 14.47 12.39
C ASN B 449 -7.90 15.58 12.66
N ASP B 450 -8.36 15.70 13.91
CA ASP B 450 -9.40 16.64 14.27
C ASP B 450 -8.90 17.76 15.18
N LEU B 451 -7.58 17.96 15.25
CA LEU B 451 -7.02 19.08 16.00
C LEU B 451 -6.45 20.18 15.12
N SER B 452 -5.92 19.84 13.95
CA SER B 452 -5.37 20.84 13.04
C SER B 452 -6.49 21.70 12.47
N ASN B 453 -6.24 23.00 12.35
CA ASN B 453 -7.22 23.95 11.85
C ASN B 453 -7.36 23.91 10.32
N VAL B 454 -6.70 22.96 9.66
CA VAL B 454 -6.88 22.80 8.22
C VAL B 454 -8.27 22.24 7.92
N ASN B 455 -8.74 21.32 8.74
CA ASN B 455 -10.01 20.64 8.50
C ASN B 455 -11.16 21.61 8.72
N PRO B 456 -12.01 21.84 7.72
CA PRO B 456 -13.20 22.68 7.95
C PRO B 456 -14.14 22.11 9.00
N ALA B 457 -14.27 20.79 9.08
CA ALA B 457 -15.12 20.14 10.08
C ALA B 457 -14.28 19.69 11.27
N ARG B 458 -13.67 20.66 11.93
CA ARG B 458 -12.84 20.39 13.09
C ARG B 458 -13.70 20.10 14.32
N LYS B 459 -13.16 19.26 15.20
CA LYS B 459 -13.77 18.99 16.49
C LYS B 459 -12.90 19.40 17.67
N GLY B 460 -11.58 19.46 17.51
CA GLY B 460 -10.71 19.91 18.58
C GLY B 460 -10.61 18.91 19.71
N LEU B 461 -10.10 19.41 20.83
CA LEU B 461 -10.02 18.60 22.03
C LEU B 461 -11.42 18.29 22.55
N TYR B 462 -11.48 17.43 23.57
CA TYR B 462 -12.71 17.16 24.32
C TYR B 462 -13.78 16.44 23.49
N GLU B 463 -13.52 16.20 22.21
CA GLU B 463 -14.54 15.59 21.35
C GLU B 463 -13.86 14.92 20.17
N GLY B 464 -14.50 13.86 19.67
CA GLY B 464 -14.00 13.19 18.49
C GLY B 464 -12.67 12.52 18.74
N THR B 465 -11.83 12.52 17.69
CA THR B 465 -10.52 11.88 17.77
C THR B 465 -9.58 12.61 18.72
N GLY B 466 -9.86 13.87 19.04
CA GLY B 466 -8.99 14.62 19.93
C GLY B 466 -8.98 14.11 21.36
N ARG B 467 -9.90 13.20 21.70
CA ARG B 467 -9.97 12.68 23.06
C ARG B 467 -8.75 11.84 23.43
N LEU B 468 -7.98 11.39 22.44
CA LEU B 468 -6.91 10.44 22.67
C LEU B 468 -5.70 11.03 23.39
N PHE B 469 -5.64 12.35 23.57
CA PHE B 469 -4.62 12.93 24.44
C PHE B 469 -4.79 12.44 25.87
N PHE B 470 -6.03 12.26 26.30
CA PHE B 470 -6.30 11.87 27.68
C PHE B 470 -5.91 10.42 27.96
N GLU B 471 -5.88 9.57 26.93
CA GLU B 471 -5.32 8.23 27.12
C GLU B 471 -3.84 8.29 27.46
N PHE B 472 -3.09 9.14 26.74
CA PHE B 472 -1.69 9.37 27.07
C PHE B 472 -1.56 9.93 28.48
N TYR B 473 -2.39 10.90 28.81
CA TYR B 473 -2.35 11.50 30.15
C TYR B 473 -2.58 10.46 31.23
N HIS B 474 -3.60 9.62 31.06
CA HIS B 474 -3.95 8.59 32.03
C HIS B 474 -2.86 7.55 32.19
N LEU B 475 -2.35 7.01 31.07
CA LEU B 475 -1.32 5.98 31.17
C LEU B 475 -0.01 6.53 31.69
N LEU B 476 0.32 7.79 31.37
CA LEU B 476 1.49 8.42 31.95
C LEU B 476 1.34 8.61 33.45
N ASN B 477 0.13 8.94 33.93
CA ASN B 477 -0.08 8.98 35.37
C ASN B 477 0.06 7.61 36.01
N TYR B 478 -0.46 6.57 35.34
CA TYR B 478 -0.35 5.21 35.88
C TYR B 478 1.10 4.75 35.97
N SER B 479 1.89 5.02 34.93
CA SER B 479 3.20 4.39 34.75
C SER B 479 4.35 5.28 35.19
N ARG B 480 4.12 6.16 36.15
CA ARG B 480 5.19 6.99 36.68
C ARG B 480 5.55 6.56 38.09
N PRO B 481 6.79 6.80 38.53
CA PRO B 481 7.22 6.30 39.84
C PRO B 481 6.35 6.83 40.98
N LYS B 482 6.14 5.98 41.98
CA LYS B 482 5.37 6.35 43.13
C LYS B 482 6.15 7.32 44.01
N GLU B 483 5.45 7.93 44.96
CA GLU B 483 6.10 8.85 45.89
C GLU B 483 7.18 8.12 46.68
N GLY B 484 8.33 8.77 46.83
CA GLY B 484 9.45 8.14 47.51
C GLY B 484 10.27 7.22 46.64
N ASP B 485 10.24 7.42 45.32
CA ASP B 485 11.03 6.64 44.38
C ASP B 485 11.95 7.57 43.62
N ASP B 486 13.21 7.16 43.47
CA ASP B 486 14.23 8.05 42.89
C ASP B 486 14.86 7.45 41.64
N ARG B 487 14.03 6.91 40.74
CA ARG B 487 14.54 6.36 39.49
C ARG B 487 14.25 7.31 38.33
N PRO B 488 15.11 7.34 37.31
CA PRO B 488 14.93 8.29 36.21
C PRO B 488 13.73 7.99 35.35
N PHE B 489 12.76 8.91 35.32
CA PHE B 489 11.58 8.77 34.49
C PHE B 489 11.55 9.93 33.50
N PHE B 490 11.45 9.62 32.21
CA PHE B 490 11.38 10.61 31.15
C PHE B 490 10.14 10.34 30.29
N TRP B 491 9.63 11.41 29.67
CA TRP B 491 8.43 11.30 28.86
C TRP B 491 8.43 12.43 27.83
N MET B 492 7.59 12.27 26.81
CA MET B 492 7.54 13.25 25.72
C MET B 492 6.25 13.14 24.92
N PHE B 493 5.66 14.28 24.57
CA PHE B 493 4.45 14.36 23.76
C PHE B 493 4.66 15.41 22.69
N GLU B 494 4.11 15.16 21.50
CA GLU B 494 4.29 16.10 20.40
C GLU B 494 3.01 16.23 19.59
N ASN B 495 2.80 17.41 19.02
CA ASN B 495 1.66 17.68 18.16
C ASN B 495 2.04 18.81 17.21
N VAL B 496 1.08 19.27 16.42
CA VAL B 496 1.34 20.22 15.35
C VAL B 496 1.32 21.65 15.89
N VAL B 497 1.91 22.56 15.13
CA VAL B 497 1.93 23.97 15.51
C VAL B 497 0.64 24.67 15.07
N ALA B 498 0.11 24.32 13.90
CA ALA B 498 -1.10 24.94 13.37
C ALA B 498 -2.32 24.39 14.10
N MET B 499 -2.57 24.95 15.28
CA MET B 499 -3.74 24.59 16.06
C MET B 499 -4.15 25.77 16.94
N LYS B 500 -5.42 25.78 17.34
CA LYS B 500 -5.98 26.89 18.10
C LYS B 500 -5.28 27.06 19.43
N VAL B 501 -5.16 28.32 19.88
CA VAL B 501 -4.51 28.61 21.15
C VAL B 501 -5.28 28.05 22.35
N GLY B 502 -6.58 27.87 22.23
CA GLY B 502 -7.33 27.26 23.33
C GLY B 502 -6.89 25.83 23.59
N ASP B 503 -6.78 25.03 22.53
CA ASP B 503 -6.35 23.64 22.68
C ASP B 503 -4.92 23.57 23.20
N LYS B 504 -4.04 24.41 22.66
CA LYS B 504 -2.65 24.40 23.08
C LYS B 504 -2.52 24.79 24.55
N ARG B 505 -3.28 25.79 24.99
CA ARG B 505 -3.20 26.21 26.38
C ARG B 505 -3.83 25.19 27.31
N ASP B 506 -4.90 24.52 26.88
CA ASP B 506 -5.45 23.43 27.70
C ASP B 506 -4.44 22.30 27.85
N ILE B 507 -3.77 21.93 26.75
CA ILE B 507 -2.76 20.87 26.81
C ILE B 507 -1.61 21.27 27.73
N SER B 508 -1.18 22.54 27.65
CA SER B 508 -0.12 23.00 28.54
C SER B 508 -0.57 22.98 30.00
N ARG B 509 -1.83 23.34 30.27
CA ARG B 509 -2.33 23.31 31.63
C ARG B 509 -2.38 21.90 32.20
N PHE B 510 -2.83 20.94 31.38
CA PHE B 510 -2.94 19.57 31.86
C PHE B 510 -1.57 18.94 32.10
N LEU B 511 -0.63 19.12 31.18
CA LEU B 511 0.68 18.50 31.30
C LEU B 511 1.64 19.29 32.18
N GLU B 512 1.32 20.55 32.48
CA GLU B 512 2.11 21.39 33.39
C GLU B 512 3.51 21.68 32.85
N CYS B 513 3.58 22.08 31.58
CA CYS B 513 4.83 22.51 30.98
C CYS B 513 4.52 23.32 29.73
N ASN B 514 5.54 24.04 29.24
CA ASN B 514 5.46 24.86 28.03
C ASN B 514 6.18 24.19 26.87
N PRO B 515 5.63 24.25 25.67
CA PRO B 515 6.24 23.57 24.53
C PRO B 515 7.42 24.33 23.97
N VAL B 516 8.21 23.63 23.15
CA VAL B 516 9.28 24.22 22.36
C VAL B 516 9.02 23.86 20.90
N MET B 517 9.51 24.71 20.01
CA MET B 517 9.33 24.53 18.58
C MET B 517 10.66 24.19 17.94
N ILE B 518 10.71 23.05 17.25
CA ILE B 518 11.89 22.61 16.53
C ILE B 518 11.48 22.37 15.08
N ASP B 519 12.08 23.12 14.17
CA ASP B 519 11.76 23.02 12.74
C ASP B 519 12.75 22.07 12.09
N ALA B 520 12.22 21.09 11.35
CA ALA B 520 13.06 20.10 10.67
C ALA B 520 13.50 20.66 9.30
N ILE B 521 14.07 21.86 9.35
CA ILE B 521 14.66 22.46 8.17
C ILE B 521 16.11 22.86 8.36
N LYS B 522 16.59 23.01 9.60
CA LYS B 522 18.00 23.21 9.85
C LYS B 522 18.78 21.89 9.82
N VAL B 523 18.10 20.77 9.71
CA VAL B 523 18.76 19.46 9.71
C VAL B 523 18.40 18.61 8.51
N SER B 524 17.40 18.96 7.70
CA SER B 524 17.03 18.17 6.54
C SER B 524 16.54 19.12 5.46
N ALA B 525 15.83 18.59 4.47
CA ALA B 525 15.39 19.34 3.31
C ALA B 525 13.87 19.41 3.21
N ALA B 526 13.20 19.68 4.33
CA ALA B 526 11.74 19.72 4.35
C ALA B 526 11.26 20.77 5.33
N HIS B 527 10.00 21.16 5.17
CA HIS B 527 9.32 22.07 6.09
C HIS B 527 8.46 21.24 7.04
N ARG B 528 8.78 21.28 8.33
CA ARG B 528 8.06 20.46 9.32
C ARG B 528 8.18 21.15 10.68
N ALA B 529 7.12 21.84 11.08
CA ALA B 529 7.07 22.56 12.34
C ALA B 529 6.16 21.81 13.31
N ARG B 530 6.67 21.50 14.50
CA ARG B 530 5.91 20.74 15.48
C ARG B 530 6.21 21.29 16.87
N TYR B 531 5.28 21.04 17.79
CA TYR B 531 5.44 21.35 19.21
C TYR B 531 5.89 20.11 19.95
N PHE B 532 6.67 20.31 21.02
CA PHE B 532 7.21 19.20 21.80
C PHE B 532 7.05 19.48 23.28
N TRP B 533 6.19 18.71 23.94
CA TRP B 533 6.10 18.71 25.40
C TRP B 533 6.91 17.56 25.96
N GLY B 534 7.63 17.82 27.03
CA GLY B 534 8.44 16.77 27.63
C GLY B 534 9.30 17.30 28.76
N ASN B 535 10.18 16.43 29.26
CA ASN B 535 11.12 16.81 30.31
C ASN B 535 12.50 16.22 30.07
N LEU B 536 12.82 15.89 28.83
CA LEU B 536 14.14 15.37 28.50
C LEU B 536 15.21 16.43 28.77
N PRO B 537 16.41 16.02 29.15
CA PRO B 537 17.46 17.01 29.49
C PRO B 537 17.88 17.79 28.25
N GLY B 538 18.24 19.05 28.45
CA GLY B 538 18.72 19.89 27.36
C GLY B 538 17.73 20.03 26.22
N MET B 539 16.44 20.12 26.53
CA MET B 539 15.42 20.19 25.50
C MET B 539 15.34 21.55 24.84
N ASN B 540 15.96 22.58 25.43
CA ASN B 540 15.85 23.93 24.89
C ASN B 540 17.22 24.50 24.53
N ARG B 541 18.03 23.70 23.85
CA ARG B 541 19.33 24.15 23.35
C ARG B 541 19.29 24.22 21.83
N PRO B 542 20.05 25.14 21.22
CA PRO B 542 19.93 25.35 19.77
C PRO B 542 20.39 24.15 18.97
N VAL B 543 19.74 23.96 17.83
CA VAL B 543 19.97 22.79 16.99
C VAL B 543 21.01 23.14 15.92
N ILE B 544 22.03 22.29 15.80
CA ILE B 544 23.09 22.48 14.83
C ILE B 544 23.23 21.19 14.01
N ALA B 545 23.27 21.33 12.69
CA ALA B 545 23.38 20.16 11.82
C ALA B 545 24.77 19.55 11.92
N SER B 546 24.85 18.27 11.59
CA SER B 546 26.10 17.52 11.65
C SER B 546 26.70 17.37 10.26
N LYS B 547 27.90 16.77 10.24
CA LYS B 547 28.62 16.66 8.98
C LYS B 547 27.97 15.65 8.04
N ASN B 548 27.16 14.73 8.56
CA ASN B 548 26.54 13.67 7.78
C ASN B 548 25.05 13.99 7.72
N ASP B 549 24.75 15.24 7.39
CA ASP B 549 23.37 15.69 7.19
C ASP B 549 23.17 16.05 5.73
N LYS B 550 22.18 15.41 5.10
CA LYS B 550 21.82 15.72 3.72
C LYS B 550 20.91 16.94 3.74
N LEU B 551 21.52 18.12 3.65
CA LEU B 551 20.85 19.39 3.91
C LEU B 551 20.11 19.96 2.71
N GLU B 552 20.31 19.43 1.51
CA GLU B 552 19.69 19.96 0.31
C GLU B 552 18.94 18.84 -0.42
N LEU B 553 18.16 19.24 -1.43
CA LEU B 553 17.39 18.27 -2.20
C LEU B 553 18.26 17.48 -3.16
N GLN B 554 19.31 18.08 -3.71
CA GLN B 554 20.19 17.37 -4.63
C GLN B 554 20.99 16.27 -3.95
N ASP B 555 21.16 16.32 -2.64
CA ASP B 555 21.86 15.26 -1.92
C ASP B 555 20.98 14.05 -1.66
N CYS B 556 19.70 14.12 -2.00
CA CYS B 556 18.74 13.04 -1.79
C CYS B 556 18.02 12.68 -3.07
N LEU B 557 18.77 12.49 -4.15
CA LEU B 557 18.22 12.13 -5.45
C LEU B 557 18.94 10.92 -6.01
N GLU B 558 18.31 10.31 -7.02
CA GLU B 558 18.87 9.14 -7.69
C GLU B 558 19.92 9.56 -8.70
N TYR B 559 20.33 8.63 -9.57
CA TYR B 559 21.31 8.93 -10.59
C TYR B 559 20.65 9.66 -11.75
N ASN B 560 21.36 10.63 -12.32
CA ASN B 560 20.91 11.38 -13.49
C ASN B 560 19.61 12.15 -13.24
N ARG B 561 19.48 12.72 -12.04
CA ARG B 561 18.36 13.59 -11.73
C ARG B 561 18.89 14.84 -11.03
N ILE B 562 18.38 16.00 -11.45
CA ILE B 562 18.85 17.30 -10.97
C ILE B 562 17.68 18.02 -10.31
N ALA B 563 17.91 18.52 -9.09
CA ALA B 563 16.90 19.26 -8.36
C ALA B 563 16.89 20.73 -8.78
N LYS B 564 15.69 21.30 -8.86
CA LYS B 564 15.54 22.71 -9.16
C LYS B 564 15.43 23.58 -7.92
N LEU B 565 14.98 23.02 -6.81
CA LEU B 565 14.85 23.73 -5.54
C LEU B 565 16.01 23.34 -4.64
N LYS B 566 16.02 23.92 -3.43
CA LYS B 566 16.98 23.55 -2.42
C LYS B 566 16.34 22.94 -1.17
N LYS B 567 15.10 23.30 -0.86
CA LYS B 567 14.36 22.70 0.24
C LYS B 567 12.89 22.62 -0.17
N VAL B 568 12.23 21.55 0.25
CA VAL B 568 10.87 21.25 -0.21
C VAL B 568 9.87 21.76 0.82
N GLN B 569 8.62 21.89 0.39
CA GLN B 569 7.57 22.46 1.22
C GLN B 569 7.09 21.45 2.26
N THR B 570 5.95 21.72 2.89
CA THR B 570 5.47 20.89 4.00
C THR B 570 5.30 19.45 3.54
N ILE B 571 5.74 18.52 4.39
CA ILE B 571 5.76 17.10 4.07
C ILE B 571 4.48 16.51 4.66
N THR B 573 4.71 15.14 -1.36
CA THR B 573 3.30 15.41 -1.60
C THR B 573 2.99 15.42 -3.09
N LYS B 574 2.13 14.51 -3.52
CA LYS B 574 1.73 14.42 -4.92
C LYS B 574 0.36 13.75 -5.06
N LYS B 579 -1.69 25.87 -7.59
CA LYS B 579 -2.55 24.89 -6.94
C LYS B 579 -2.55 23.55 -7.67
N GLN B 580 -1.68 22.64 -7.20
CA GLN B 580 -1.54 21.31 -7.81
C GLN B 580 -1.20 21.39 -9.29
N GLY B 581 -0.37 22.35 -9.67
CA GLY B 581 -0.01 22.53 -11.07
C GLY B 581 1.20 23.42 -11.26
N LYS B 582 2.14 22.97 -12.08
CA LYS B 582 3.37 23.66 -12.46
C LYS B 582 4.35 23.80 -11.31
N ASN B 583 3.99 23.43 -10.09
CA ASN B 583 4.93 23.34 -8.99
C ASN B 583 4.77 22.08 -8.16
N GLN B 584 3.73 21.28 -8.42
CA GLN B 584 3.57 19.98 -7.76
C GLN B 584 4.07 18.85 -8.64
N LEU B 585 3.94 18.97 -9.96
CA LEU B 585 4.50 18.03 -10.92
C LEU B 585 5.84 18.50 -11.46
N PHE B 586 6.51 19.39 -10.73
CA PHE B 586 7.78 19.92 -11.18
C PHE B 586 8.74 20.21 -10.02
N PRO B 587 9.09 19.22 -9.19
CA PRO B 587 10.15 19.42 -8.20
C PRO B 587 11.53 18.92 -8.63
N VAL B 588 11.65 18.26 -9.78
CA VAL B 588 12.91 17.66 -10.20
C VAL B 588 12.87 17.51 -11.71
N VAL B 589 14.05 17.39 -12.32
CA VAL B 589 14.18 17.25 -13.76
C VAL B 589 15.03 16.02 -14.06
N MET B 590 14.62 15.26 -15.08
CA MET B 590 15.35 14.08 -15.50
C MET B 590 15.07 13.84 -16.98
N ASN B 591 16.13 13.67 -17.77
CA ASN B 591 16.05 13.51 -19.21
C ASN B 591 15.30 14.67 -19.86
N GLY B 592 15.56 15.87 -19.34
CA GLY B 592 14.94 17.07 -19.86
C GLY B 592 13.42 17.07 -19.78
N LYS B 593 12.88 16.65 -18.64
CA LYS B 593 11.44 16.58 -18.47
C LYS B 593 11.11 16.69 -16.99
N GLU B 594 9.84 16.96 -16.71
CA GLU B 594 9.35 17.12 -15.35
C GLU B 594 9.05 15.76 -14.74
N ASP B 595 9.48 15.55 -13.50
CA ASP B 595 9.24 14.31 -12.78
C ASP B 595 8.92 14.61 -11.32
N VAL B 596 8.34 13.63 -10.65
CA VAL B 596 7.94 13.75 -9.26
C VAL B 596 8.93 12.94 -8.41
N LEU B 597 8.92 13.19 -7.11
CA LEU B 597 9.81 12.48 -6.21
C LEU B 597 9.43 11.00 -6.11
N TRP B 598 10.40 10.19 -5.70
CA TRP B 598 10.23 8.75 -5.54
C TRP B 598 10.17 8.39 -4.06
N CYS B 599 9.57 7.24 -3.77
CA CYS B 599 9.46 6.79 -2.39
C CYS B 599 10.83 6.55 -1.78
N THR B 600 11.76 6.00 -2.57
CA THR B 600 13.14 5.87 -2.13
C THR B 600 13.76 7.21 -1.80
N GLU B 601 13.34 8.29 -2.47
CA GLU B 601 13.83 9.62 -2.17
C GLU B 601 13.13 10.29 -1.01
N LEU B 602 11.84 10.02 -0.80
CA LEU B 602 11.19 10.48 0.42
C LEU B 602 11.83 9.84 1.64
N GLU B 603 12.15 8.55 1.56
CA GLU B 603 12.83 7.89 2.67
C GLU B 603 14.16 8.53 2.98
N ARG B 604 14.86 9.04 1.97
CA ARG B 604 16.11 9.76 2.18
C ARG B 604 15.89 11.16 2.75
N ILE B 605 14.85 11.85 2.28
CA ILE B 605 14.55 13.20 2.78
C ILE B 605 14.23 13.14 4.26
N PHE B 606 13.38 12.19 4.67
CA PHE B 606 12.98 12.11 6.07
C PHE B 606 14.09 11.54 6.96
N GLY B 607 15.16 11.02 6.37
CA GLY B 607 16.27 10.48 7.14
C GLY B 607 16.18 9.00 7.46
N PHE B 608 15.26 8.28 6.86
CA PHE B 608 15.09 6.85 7.09
C PHE B 608 16.08 6.05 6.27
N PRO B 609 16.43 4.84 6.71
CA PRO B 609 17.23 3.95 5.86
C PRO B 609 16.47 3.62 4.59
N VAL B 610 17.23 3.45 3.51
CA VAL B 610 16.64 3.22 2.19
C VAL B 610 15.89 1.90 2.18
N HIS B 611 14.79 1.86 1.43
CA HIS B 611 13.90 0.71 1.29
C HIS B 611 13.27 0.28 2.61
N TYR B 612 13.01 1.25 3.50
CA TYR B 612 12.46 0.91 4.82
C TYR B 612 11.05 0.38 4.72
N THR B 613 10.22 0.98 3.86
CA THR B 613 8.81 0.60 3.75
C THR B 613 8.55 -0.33 2.57
N ASP B 614 9.54 -1.14 2.18
CA ASP B 614 9.35 -2.11 1.10
C ASP B 614 8.96 -3.47 1.66
N VAL B 615 7.86 -3.47 2.41
CA VAL B 615 7.29 -4.69 3.00
C VAL B 615 5.80 -4.69 2.75
N SER B 616 5.20 -5.87 2.85
CA SER B 616 3.75 -6.06 2.69
C SER B 616 3.26 -5.56 1.34
N ASN B 617 4.13 -5.60 0.34
CA ASN B 617 3.89 -5.26 -1.06
C ASN B 617 2.86 -4.15 -1.23
N MET B 618 3.09 -3.02 -0.59
CA MET B 618 2.24 -1.85 -0.72
C MET B 618 2.86 -0.84 -1.69
N GLY B 619 2.01 -0.09 -2.36
CA GLY B 619 2.41 0.79 -3.45
C GLY B 619 2.81 2.18 -2.99
N ARG B 620 2.68 3.13 -3.91
CA ARG B 620 3.07 4.50 -3.63
C ARG B 620 2.20 5.13 -2.55
N GLY B 621 0.88 4.94 -2.65
CA GLY B 621 -0.03 5.64 -1.76
C GLY B 621 0.15 5.26 -0.31
N ALA B 622 0.21 3.95 -0.02
CA ALA B 622 0.35 3.49 1.35
C ALA B 622 1.68 3.92 1.95
N ARG B 623 2.77 3.78 1.18
CA ARG B 623 4.09 4.16 1.69
C ARG B 623 4.16 5.65 1.96
N GLN B 624 3.62 6.46 1.05
CA GLN B 624 3.61 7.91 1.25
C GLN B 624 2.75 8.29 2.45
N LYS B 625 1.61 7.62 2.63
CA LYS B 625 0.77 7.91 3.78
C LYS B 625 1.48 7.58 5.09
N LEU B 626 2.17 6.44 5.13
CA LEU B 626 2.91 6.08 6.34
C LEU B 626 4.06 7.04 6.61
N LEU B 627 4.73 7.51 5.55
CA LEU B 627 5.86 8.43 5.72
C LEU B 627 5.44 9.84 6.08
N GLY B 628 4.26 10.29 5.62
CA GLY B 628 3.87 11.66 5.83
C GLY B 628 3.63 12.00 7.29
N ARG B 629 2.94 11.12 8.01
CA ARG B 629 2.60 11.36 9.41
C ARG B 629 3.63 10.80 10.37
N SER B 630 4.80 10.43 9.88
CA SER B 630 5.86 9.89 10.73
C SER B 630 6.60 11.04 11.41
N TRP B 631 7.67 10.71 12.12
CA TRP B 631 8.51 11.72 12.76
C TRP B 631 9.67 12.05 11.83
N SER B 632 10.65 12.80 12.31
CA SER B 632 11.86 13.10 11.55
C SER B 632 13.05 12.61 12.36
N VAL B 633 13.87 11.75 11.73
CA VAL B 633 14.97 11.12 12.47
C VAL B 633 15.97 12.13 13.02
N PRO B 634 16.44 13.13 12.27
CA PRO B 634 17.41 14.06 12.87
C PRO B 634 16.88 14.81 14.08
N VAL B 635 15.61 15.20 14.06
CA VAL B 635 15.02 15.92 15.21
C VAL B 635 14.96 15.01 16.42
N ILE B 636 14.51 13.77 16.22
CA ILE B 636 14.40 12.83 17.33
C ILE B 636 15.78 12.47 17.87
N ARG B 637 16.77 12.38 16.99
CA ARG B 637 18.14 12.12 17.46
C ARG B 637 18.66 13.30 18.28
N HIS B 638 18.37 14.53 17.84
CA HIS B 638 18.76 15.69 18.63
C HIS B 638 18.12 15.67 20.00
N LEU B 639 16.83 15.30 20.07
CA LEU B 639 16.15 15.26 21.35
C LEU B 639 16.66 14.14 22.25
N PHE B 640 16.97 12.98 21.67
CA PHE B 640 17.35 11.82 22.46
C PHE B 640 18.84 11.74 22.76
N ALA B 641 19.66 12.60 22.15
CA ALA B 641 21.10 12.55 22.36
C ALA B 641 21.54 12.57 23.82
N PRO B 642 21.03 13.44 24.70
CA PRO B 642 21.53 13.46 26.08
C PRO B 642 21.10 12.28 26.93
N LEU B 643 20.28 11.38 26.42
CA LEU B 643 19.87 10.21 27.20
C LEU B 643 21.03 9.24 27.42
N LYS B 644 22.07 9.31 26.59
CA LYS B 644 23.19 8.38 26.70
C LYS B 644 23.97 8.54 27.98
N ASP B 645 23.78 9.64 28.72
CA ASP B 645 24.47 9.85 29.98
C ASP B 645 23.81 9.12 31.14
N TYR B 646 22.65 8.49 30.92
CA TYR B 646 21.91 7.86 32.00
C TYR B 646 21.75 6.35 31.84
N PHE B 647 21.85 5.83 30.63
CA PHE B 647 21.62 4.40 30.38
C PHE B 647 22.89 3.77 29.79
N ALA B 648 22.83 2.46 29.56
CA ALA B 648 23.96 1.69 29.08
C ALA B 648 24.09 1.84 27.57
N CYS B 649 25.33 2.02 27.11
CA CYS B 649 25.62 2.25 25.71
C CYS B 649 26.08 0.96 25.02
N GLU B 650 26.15 1.02 23.69
CA GLU B 650 26.58 -0.11 22.85
C GLU B 650 25.78 -1.37 23.11
N GLU C 210 -33.70 -12.93 0.82
CA GLU C 210 -33.48 -13.43 2.18
C GLU C 210 -34.03 -12.46 3.21
N ASP C 211 -33.80 -11.17 2.99
CA ASP C 211 -34.28 -10.14 3.91
C ASP C 211 -35.81 -10.07 3.88
N GLN C 212 -36.44 -10.45 4.99
CA GLN C 212 -37.90 -10.47 5.08
C GLN C 212 -38.43 -9.10 5.48
N SER C 213 -39.60 -8.76 4.94
CA SER C 213 -40.24 -7.49 5.23
C SER C 213 -40.98 -7.58 6.57
N ARG C 214 -41.45 -6.42 7.04
CA ARG C 214 -42.19 -6.37 8.31
C ARG C 214 -43.56 -7.03 8.20
N GLU C 215 -44.29 -6.79 7.10
CA GLU C 215 -45.59 -7.41 6.92
C GLU C 215 -45.48 -8.92 6.79
N GLN C 216 -44.48 -9.39 6.04
CA GLN C 216 -44.27 -10.84 5.92
C GLN C 216 -43.89 -11.45 7.26
N MET C 217 -43.06 -10.75 8.04
CA MET C 217 -42.74 -11.22 9.39
C MET C 217 -43.98 -11.26 10.27
N ALA C 218 -44.84 -10.24 10.15
CA ALA C 218 -46.08 -10.21 10.92
C ALA C 218 -46.97 -11.39 10.56
N SER C 219 -47.10 -11.69 9.27
CA SER C 219 -47.89 -12.83 8.83
C SER C 219 -47.28 -14.15 9.32
N ASP C 220 -45.95 -14.27 9.30
CA ASP C 220 -45.31 -15.49 9.79
C ASP C 220 -45.55 -15.69 11.28
N VAL C 221 -45.45 -14.62 12.07
CA VAL C 221 -45.71 -14.71 13.50
C VAL C 221 -47.20 -15.00 13.77
N ALA C 222 -48.10 -14.47 12.94
CA ALA C 222 -49.52 -14.75 13.12
C ALA C 222 -49.82 -16.24 13.00
N ASN C 223 -49.14 -16.92 12.08
CA ASN C 223 -49.29 -18.36 11.93
C ASN C 223 -48.46 -19.15 12.93
N ASN C 224 -47.69 -18.48 13.79
CA ASN C 224 -46.86 -19.12 14.81
C ASN C 224 -45.82 -20.05 14.18
N LYS C 225 -45.42 -19.76 12.95
CA LYS C 225 -44.35 -20.54 12.30
C LYS C 225 -42.98 -20.15 12.80
N SER C 226 -42.84 -18.99 13.43
CA SER C 226 -41.57 -18.53 13.98
C SER C 226 -41.80 -18.05 15.41
N SER C 227 -40.81 -18.26 16.27
CA SER C 227 -40.91 -17.84 17.65
C SER C 227 -40.72 -16.32 17.76
N LEU C 228 -40.92 -15.80 18.97
CA LEU C 228 -40.79 -14.37 19.21
C LEU C 228 -39.38 -13.95 19.60
N GLU C 229 -38.44 -14.90 19.70
CA GLU C 229 -37.07 -14.57 20.03
C GLU C 229 -36.13 -14.95 18.90
N ASP C 230 -36.61 -14.83 17.66
CA ASP C 230 -35.81 -15.19 16.49
C ASP C 230 -35.53 -14.01 15.57
N GLY C 231 -35.98 -12.80 15.92
CA GLY C 231 -35.75 -11.65 15.06
C GLY C 231 -35.88 -10.35 15.82
N CYS C 232 -35.35 -9.28 15.22
CA CYS C 232 -35.43 -7.96 15.83
C CYS C 232 -36.87 -7.47 15.82
N LEU C 233 -37.29 -6.92 16.96
CA LEU C 233 -38.66 -6.41 17.09
C LEU C 233 -38.82 -5.07 16.37
N SER C 234 -37.78 -4.23 16.38
CA SER C 234 -37.88 -2.88 15.85
C SER C 234 -37.71 -2.83 14.34
N CYS C 235 -36.64 -3.45 13.83
CA CYS C 235 -36.39 -3.42 12.39
C CYS C 235 -37.05 -4.58 11.66
N GLY C 236 -37.58 -5.56 12.38
CA GLY C 236 -38.27 -6.68 11.76
C GLY C 236 -37.39 -7.70 11.09
N ARG C 237 -36.08 -7.66 11.32
CA ARG C 237 -35.15 -8.59 10.70
C ARG C 237 -34.63 -9.59 11.72
N LYS C 238 -33.98 -10.64 11.21
CA LYS C 238 -33.54 -11.76 12.04
C LYS C 238 -32.24 -11.43 12.75
N ASN C 239 -31.58 -12.46 13.29
CA ASN C 239 -30.31 -12.37 14.00
C ASN C 239 -30.40 -11.48 15.23
N PRO C 240 -31.11 -11.90 16.27
CA PRO C 240 -31.16 -11.10 17.51
C PRO C 240 -29.83 -11.14 18.24
N VAL C 241 -29.58 -10.08 19.01
CA VAL C 241 -28.38 -9.99 19.83
C VAL C 241 -28.79 -9.89 21.30
N SER C 242 -29.96 -9.32 21.55
CA SER C 242 -30.46 -9.15 22.91
C SER C 242 -31.98 -9.18 22.88
N PHE C 243 -32.59 -8.88 24.02
CA PHE C 243 -34.04 -8.94 24.19
C PHE C 243 -34.62 -7.54 24.34
N HIS C 244 -35.91 -7.45 24.06
CA HIS C 244 -36.59 -6.20 24.24
C HIS C 244 -37.26 -6.22 25.58
N PRO C 245 -37.09 -5.14 26.34
CA PRO C 245 -37.61 -4.92 27.67
C PRO C 245 -39.11 -4.77 27.76
N LEU C 246 -39.75 -4.05 26.84
CA LEU C 246 -41.19 -3.89 27.07
C LEU C 246 -41.95 -5.17 26.75
N PHE C 247 -41.91 -5.60 25.49
CA PHE C 247 -42.51 -6.85 25.06
C PHE C 247 -41.44 -7.94 25.08
N GLU C 248 -41.75 -9.09 24.49
CA GLU C 248 -40.78 -10.15 24.28
C GLU C 248 -40.36 -10.15 22.83
N GLY C 249 -39.05 -10.12 22.58
CA GLY C 249 -38.55 -10.04 21.23
C GLY C 249 -37.06 -9.76 21.15
N GLY C 250 -36.40 -10.34 20.15
CA GLY C 250 -34.99 -10.12 19.97
C GLY C 250 -34.68 -8.74 19.43
N LEU C 251 -33.40 -8.40 19.44
CA LEU C 251 -32.91 -7.12 18.94
C LEU C 251 -31.58 -7.33 18.24
N CYS C 252 -31.48 -6.90 16.99
CA CYS C 252 -30.20 -6.92 16.30
C CYS C 252 -29.31 -5.80 16.85
N GLN C 253 -27.99 -6.00 16.74
CA GLN C 253 -27.05 -5.04 17.31
C GLN C 253 -27.18 -3.67 16.67
N THR C 254 -27.51 -3.62 15.37
CA THR C 254 -27.73 -2.34 14.71
C THR C 254 -28.93 -1.61 15.29
N CYS C 255 -29.93 -2.37 15.75
CA CYS C 255 -31.11 -1.77 16.37
C CYS C 255 -31.02 -1.72 17.89
N ARG C 256 -30.19 -2.57 18.50
CA ARG C 256 -30.13 -2.64 19.95
C ARG C 256 -29.47 -1.40 20.54
N ASP C 257 -28.38 -0.94 19.91
CA ASP C 257 -27.61 0.17 20.48
C ASP C 257 -28.43 1.45 20.55
N ARG C 258 -29.25 1.70 19.52
CA ARG C 258 -30.07 2.91 19.50
C ARG C 258 -31.07 2.96 20.65
N PHE C 259 -31.48 1.80 21.18
CA PHE C 259 -32.51 1.79 22.21
C PHE C 259 -32.01 2.30 23.56
N LEU C 260 -30.74 2.06 23.92
CA LEU C 260 -30.25 2.57 25.19
C LEU C 260 -30.02 4.07 25.16
N GLU C 261 -29.94 4.66 23.97
CA GLU C 261 -29.67 6.09 23.84
C GLU C 261 -30.86 6.89 23.30
N LEU C 262 -31.90 6.23 22.82
CA LEU C 262 -33.06 6.90 22.22
C LEU C 262 -34.35 6.32 22.76
N PHE C 263 -34.43 6.15 24.08
CA PHE C 263 -35.63 5.65 24.72
C PHE C 263 -36.24 6.64 25.70
N TYR C 264 -35.43 7.43 26.40
CA TYR C 264 -35.91 8.39 27.40
C TYR C 264 -35.77 9.83 26.93
N MET C 265 -35.85 10.09 25.63
CA MET C 265 -35.86 11.46 25.14
C MET C 265 -37.24 12.05 25.37
N TYR C 266 -37.35 12.96 26.33
CA TYR C 266 -38.58 13.66 26.64
C TYR C 266 -38.40 15.15 26.42
N ASP C 267 -39.41 15.79 25.84
CA ASP C 267 -39.41 17.23 25.66
C ASP C 267 -39.83 17.92 26.95
N ASP C 268 -39.66 19.25 26.98
CA ASP C 268 -40.05 20.03 28.14
C ASP C 268 -41.56 19.95 28.40
N ASP C 269 -42.35 19.69 27.36
CA ASP C 269 -43.79 19.54 27.55
C ASP C 269 -44.12 18.26 28.31
N GLY C 270 -43.32 17.21 28.16
CA GLY C 270 -43.53 15.98 28.91
C GLY C 270 -44.06 14.83 28.07
N TYR C 271 -43.57 14.69 26.84
CA TYR C 271 -43.97 13.61 25.95
C TYR C 271 -42.73 12.91 25.41
N GLN C 272 -42.90 11.66 25.01
CA GLN C 272 -41.82 10.92 24.35
C GLN C 272 -41.48 11.57 23.03
N SER C 273 -40.17 11.67 22.74
CA SER C 273 -39.74 12.35 21.52
C SER C 273 -40.17 11.59 20.27
N TYR C 274 -40.13 10.25 20.31
CA TYR C 274 -40.42 9.44 19.14
C TYR C 274 -41.42 8.35 19.52
N CYS C 275 -41.74 7.49 18.56
CA CYS C 275 -42.65 6.39 18.79
C CYS C 275 -42.07 5.43 19.83
N THR C 276 -42.96 4.90 20.68
CA THR C 276 -42.51 4.02 21.75
C THR C 276 -42.00 2.69 21.23
N VAL C 277 -42.29 2.34 19.97
CA VAL C 277 -41.90 1.05 19.42
C VAL C 277 -40.72 1.22 18.47
N CYS C 278 -40.91 2.00 17.40
CA CYS C 278 -39.88 2.14 16.37
C CYS C 278 -38.84 3.19 16.77
N CYS C 279 -39.27 4.24 17.47
CA CYS C 279 -38.43 5.37 17.84
C CYS C 279 -37.87 6.10 16.63
N GLU C 280 -38.49 5.92 15.46
CA GLU C 280 -38.14 6.63 14.24
C GLU C 280 -39.26 7.64 14.01
N GLY C 281 -38.95 8.92 14.17
CA GLY C 281 -39.97 9.94 14.26
C GLY C 281 -40.55 10.45 12.95
N ARG C 282 -41.19 9.56 12.19
CA ARG C 282 -41.97 10.03 11.04
C ARG C 282 -43.28 10.66 11.49
N GLU C 283 -43.94 10.06 12.47
CA GLU C 283 -45.18 10.59 13.02
C GLU C 283 -45.25 10.23 14.50
N LEU C 284 -46.09 10.97 15.22
CA LEU C 284 -46.27 10.75 16.66
C LEU C 284 -47.76 10.75 16.98
N LEU C 285 -48.20 9.78 17.77
CA LEU C 285 -49.56 9.69 18.26
C LEU C 285 -49.52 9.79 19.78
N LEU C 286 -49.95 10.93 20.31
CA LEU C 286 -49.89 11.17 21.74
C LEU C 286 -50.95 10.35 22.48
N CYS C 287 -50.69 10.11 23.76
CA CYS C 287 -51.66 9.46 24.64
C CYS C 287 -52.33 10.51 25.50
N SER C 288 -53.66 10.49 25.52
CA SER C 288 -54.44 11.51 26.21
C SER C 288 -54.36 11.39 27.72
N ASN C 289 -53.89 10.27 28.26
CA ASN C 289 -53.81 10.09 29.69
C ASN C 289 -52.75 11.00 30.30
N THR C 290 -53.06 11.53 31.48
CA THR C 290 -52.12 12.40 32.18
C THR C 290 -50.93 11.61 32.69
N SER C 291 -49.79 12.30 32.80
CA SER C 291 -48.53 11.74 33.26
C SER C 291 -48.02 10.59 32.40
N CYS C 292 -48.60 10.41 31.22
CA CYS C 292 -48.16 9.37 30.29
C CYS C 292 -47.21 9.96 29.26
N CYS C 293 -46.11 9.27 29.01
CA CYS C 293 -45.06 9.73 28.10
C CYS C 293 -44.79 8.69 27.03
N ARG C 294 -45.87 8.18 26.43
CA ARG C 294 -45.77 7.19 25.37
C ARG C 294 -46.32 7.76 24.07
N CYS C 295 -45.61 7.50 22.97
CA CYS C 295 -46.00 7.98 21.66
C CYS C 295 -45.98 6.83 20.67
N PHE C 296 -46.81 6.94 19.63
CA PHE C 296 -46.94 5.91 18.62
C PHE C 296 -46.86 6.52 17.24
N CYS C 297 -46.26 5.79 16.31
CA CYS C 297 -46.24 6.13 14.91
C CYS C 297 -47.41 5.45 14.20
N VAL C 298 -47.38 5.43 12.87
CA VAL C 298 -48.44 4.80 12.09
C VAL C 298 -48.07 3.38 11.68
N GLU C 299 -46.81 3.13 11.32
CA GLU C 299 -46.45 1.83 10.77
C GLU C 299 -46.30 0.76 11.85
N CYS C 300 -45.82 1.13 13.05
CA CYS C 300 -45.48 0.13 14.06
C CYS C 300 -46.68 -0.70 14.50
N LEU C 301 -47.89 -0.17 14.34
CA LEU C 301 -49.09 -0.93 14.66
C LEU C 301 -49.75 -1.49 13.41
N GLU C 302 -50.05 -0.63 12.43
CA GLU C 302 -50.79 -1.07 11.24
C GLU C 302 -50.03 -2.15 10.49
N VAL C 303 -48.72 -1.98 10.31
CA VAL C 303 -47.94 -2.99 9.59
C VAL C 303 -47.79 -4.25 10.44
N LEU C 304 -47.60 -4.10 11.75
CA LEU C 304 -47.17 -5.22 12.58
C LEU C 304 -48.32 -6.04 13.14
N VAL C 305 -49.20 -5.44 13.94
CA VAL C 305 -50.21 -6.23 14.62
C VAL C 305 -51.47 -6.44 13.80
N GLY C 306 -51.61 -5.76 12.67
CA GLY C 306 -52.75 -5.96 11.80
C GLY C 306 -53.15 -4.66 11.13
N THR C 307 -53.73 -4.79 9.93
CA THR C 307 -54.18 -3.63 9.19
C THR C 307 -55.39 -2.99 9.87
N GLY C 308 -55.37 -1.66 9.95
CA GLY C 308 -56.44 -0.91 10.55
C GLY C 308 -56.37 -0.75 12.05
N THR C 309 -55.38 -1.36 12.70
CA THR C 309 -55.24 -1.19 14.14
C THR C 309 -54.85 0.24 14.50
N ALA C 310 -53.89 0.81 13.76
CA ALA C 310 -53.47 2.18 14.02
C ALA C 310 -54.60 3.17 13.75
N ALA C 311 -55.33 2.97 12.65
CA ALA C 311 -56.45 3.86 12.33
C ALA C 311 -57.53 3.78 13.40
N GLU C 312 -57.84 2.56 13.87
CA GLU C 312 -58.85 2.41 14.91
C GLU C 312 -58.41 3.02 16.23
N ALA C 313 -57.12 2.88 16.58
CA ALA C 313 -56.63 3.41 17.84
C ALA C 313 -56.44 4.92 17.81
N LYS C 314 -56.40 5.53 16.62
CA LYS C 314 -56.18 6.96 16.48
C LYS C 314 -57.48 7.75 16.41
N LEU C 315 -58.63 7.10 16.50
CA LEU C 315 -59.92 7.77 16.38
C LEU C 315 -60.67 7.89 17.70
N GLN C 316 -60.50 6.95 18.62
CA GLN C 316 -61.22 6.97 19.89
C GLN C 316 -60.55 7.96 20.83
N GLU C 317 -61.13 9.17 20.92
CA GLU C 317 -60.64 10.20 21.81
C GLU C 317 -61.50 10.27 23.07
N PRO C 318 -60.91 10.22 24.27
CA PRO C 318 -59.47 10.14 24.60
C PRO C 318 -58.88 8.78 24.25
N TRP C 319 -57.60 8.73 23.89
CA TRP C 319 -56.95 7.50 23.47
C TRP C 319 -56.05 6.97 24.57
N SER C 320 -56.07 5.66 24.76
CA SER C 320 -55.24 4.97 25.75
C SER C 320 -54.21 4.12 25.02
N CYS C 321 -52.93 4.36 25.30
CA CYS C 321 -51.88 3.59 24.68
C CYS C 321 -51.82 2.19 25.27
N TYR C 322 -51.14 1.28 24.56
CA TYR C 322 -51.02 -0.09 25.01
C TYR C 322 -50.30 -0.20 26.36
N MET C 323 -49.42 0.75 26.68
CA MET C 323 -48.75 0.74 27.97
C MET C 323 -49.70 1.13 29.10
N CYS C 324 -50.60 2.07 28.83
CA CYS C 324 -51.56 2.49 29.86
C CYS C 324 -52.49 1.35 30.24
N LEU C 325 -53.09 0.69 29.25
CA LEU C 325 -54.00 -0.40 29.54
C LEU C 325 -53.21 -1.63 30.00
N PRO C 326 -53.81 -2.50 30.82
CA PRO C 326 -53.10 -3.70 31.30
C PRO C 326 -52.69 -4.64 30.17
N GLN C 327 -51.94 -5.69 30.53
CA GLN C 327 -51.34 -6.59 29.55
C GLN C 327 -52.38 -7.36 28.75
N ARG C 328 -52.39 -7.14 27.43
CA ARG C 328 -53.18 -7.94 26.50
C ARG C 328 -52.34 -8.23 25.26
N CYS C 329 -52.58 -9.40 24.67
CA CYS C 329 -51.87 -9.84 23.47
C CYS C 329 -52.78 -9.59 22.27
N HIS C 330 -52.75 -8.36 21.77
CA HIS C 330 -53.58 -7.96 20.64
C HIS C 330 -52.80 -8.20 19.35
N GLY C 331 -52.97 -9.40 18.79
CA GLY C 331 -52.32 -9.75 17.53
C GLY C 331 -51.05 -10.57 17.76
N VAL C 332 -49.91 -10.00 17.38
CA VAL C 332 -48.62 -10.68 17.45
C VAL C 332 -47.67 -10.00 18.41
N LEU C 333 -48.12 -8.96 19.12
CA LEU C 333 -47.30 -8.23 20.09
C LEU C 333 -47.96 -8.34 21.45
N ARG C 334 -47.23 -8.88 22.42
CA ARG C 334 -47.72 -9.07 23.78
C ARG C 334 -46.74 -8.45 24.76
N ARG C 335 -47.27 -7.75 25.76
CA ARG C 335 -46.44 -7.13 26.78
C ARG C 335 -45.88 -8.20 27.73
N ARG C 336 -44.62 -8.02 28.12
CA ARG C 336 -43.99 -8.94 29.05
C ARG C 336 -44.68 -8.91 30.42
N LYS C 337 -44.63 -10.04 31.12
CA LYS C 337 -45.26 -10.13 32.43
C LYS C 337 -44.53 -9.30 33.48
N ASP C 338 -43.21 -9.26 33.42
CA ASP C 338 -42.37 -8.56 34.40
C ASP C 338 -41.42 -7.59 33.72
N TRP C 339 -41.96 -6.77 32.82
CA TRP C 339 -41.13 -5.82 32.09
C TRP C 339 -40.57 -4.72 32.99
N ASN C 340 -41.12 -4.56 34.20
CA ASN C 340 -40.66 -3.50 35.08
C ASN C 340 -39.19 -3.68 35.46
N VAL C 341 -38.74 -4.92 35.62
CA VAL C 341 -37.33 -5.19 35.89
C VAL C 341 -36.53 -5.34 34.60
N ARG C 342 -37.17 -5.75 33.50
CA ARG C 342 -36.46 -5.83 32.22
C ARG C 342 -36.01 -4.45 31.75
N LEU C 343 -36.83 -3.42 31.99
CA LEU C 343 -36.46 -2.06 31.61
C LEU C 343 -35.18 -1.64 32.30
N GLN C 344 -35.06 -1.92 33.60
CA GLN C 344 -33.84 -1.56 34.32
C GLN C 344 -32.67 -2.45 33.91
N ALA C 345 -32.92 -3.74 33.67
CA ALA C 345 -31.83 -4.63 33.30
C ALA C 345 -31.25 -4.28 31.93
N PHE C 346 -32.07 -3.69 31.05
CA PHE C 346 -31.57 -3.33 29.73
C PHE C 346 -30.51 -2.24 29.79
N PHE C 347 -30.68 -1.28 30.70
CA PHE C 347 -29.86 -0.07 30.67
C PHE C 347 -28.61 -0.19 31.54
N THR C 348 -28.79 -0.42 32.84
CA THR C 348 -27.65 -0.42 33.75
C THR C 348 -26.97 -1.78 33.79
N SER C 349 -25.63 -1.76 33.76
CA SER C 349 -24.79 -2.94 33.95
C SER C 349 -25.06 -4.02 32.91
N ASP C 350 -25.76 -3.68 31.81
CA ASP C 350 -26.05 -4.65 30.77
C ASP C 350 -24.87 -4.89 29.83
N THR C 351 -23.90 -3.97 29.79
CA THR C 351 -22.74 -4.11 28.93
C THR C 351 -21.58 -3.37 29.56
N GLY C 352 -20.41 -4.00 29.56
CA GLY C 352 -19.21 -3.41 30.10
C GLY C 352 -18.33 -4.44 30.78
N LEU C 353 -17.25 -3.94 31.39
CA LEU C 353 -16.27 -4.78 32.04
C LEU C 353 -16.77 -5.17 33.43
N GLU C 354 -15.90 -5.72 34.26
CA GLU C 354 -16.25 -6.22 35.59
C GLU C 354 -15.37 -5.56 36.64
N TYR C 355 -15.30 -4.23 36.61
CA TYR C 355 -14.50 -3.46 37.56
C TYR C 355 -14.87 -3.83 38.99
N GLU C 356 -13.85 -4.05 39.82
CA GLU C 356 -14.07 -4.46 41.19
C GLU C 356 -14.87 -3.39 41.94
N ALA C 357 -15.82 -3.84 42.75
CA ALA C 357 -16.67 -2.91 43.48
C ALA C 357 -15.83 -2.11 44.46
N PRO C 358 -16.12 -0.80 44.63
CA PRO C 358 -15.34 0.00 45.57
C PRO C 358 -15.48 -0.49 47.01
N LYS C 359 -14.41 -0.33 47.76
CA LYS C 359 -14.37 -0.79 49.13
C LYS C 359 -15.30 0.05 50.00
N LEU C 360 -15.62 -0.47 51.19
CA LEU C 360 -16.48 0.20 52.14
C LEU C 360 -15.63 0.73 53.29
N TYR C 361 -15.70 2.04 53.52
CA TYR C 361 -14.89 2.66 54.56
C TYR C 361 -15.39 2.27 55.94
N PRO C 362 -14.51 2.27 56.94
CA PRO C 362 -14.96 2.00 58.31
C PRO C 362 -15.83 3.13 58.85
N ALA C 363 -16.39 2.94 60.04
CA ALA C 363 -17.22 3.93 60.68
C ALA C 363 -16.51 4.49 61.91
N ILE C 364 -16.71 5.77 62.16
CA ILE C 364 -16.13 6.46 63.31
C ILE C 364 -17.26 6.76 64.29
N PRO C 365 -17.41 5.98 65.36
CA PRO C 365 -18.57 6.14 66.25
C PRO C 365 -18.39 7.29 67.23
N ALA C 366 -19.08 8.41 66.97
CA ALA C 366 -19.26 9.50 67.93
C ALA C 366 -17.95 10.13 68.39
N ALA C 367 -16.82 9.71 67.82
CA ALA C 367 -15.51 10.15 68.28
C ALA C 367 -15.01 11.25 67.34
N ARG C 368 -15.30 12.50 67.70
CA ARG C 368 -14.78 13.67 67.01
C ARG C 368 -15.17 13.68 65.53
N ARG C 369 -16.48 13.60 65.28
CA ARG C 369 -16.98 13.79 63.93
C ARG C 369 -16.75 15.23 63.50
N ARG C 370 -15.91 15.43 62.48
CA ARG C 370 -15.49 16.75 62.08
C ARG C 370 -16.39 17.29 60.97
N PRO C 371 -16.54 18.60 60.84
CA PRO C 371 -17.42 19.15 59.80
C PRO C 371 -16.92 18.80 58.41
N ILE C 372 -17.87 18.67 57.48
CA ILE C 372 -17.58 18.34 56.10
C ILE C 372 -16.92 19.54 55.42
N ARG C 373 -16.33 19.33 54.25
CA ARG C 373 -15.77 20.43 53.47
C ARG C 373 -15.79 20.01 52.00
N VAL C 374 -16.67 20.64 51.23
CA VAL C 374 -17.03 20.16 49.89
C VAL C 374 -16.41 21.04 48.82
N LEU C 375 -16.23 20.47 47.62
CA LEU C 375 -15.87 21.23 46.42
C LEU C 375 -16.91 20.87 45.36
N SER C 376 -17.94 21.70 45.25
CA SER C 376 -18.93 21.51 44.21
C SER C 376 -18.47 22.18 42.93
N LEU C 377 -18.51 21.42 41.84
CA LEU C 377 -17.89 21.89 40.61
C LEU C 377 -18.92 22.18 39.52
N PHE C 378 -19.74 21.20 39.18
CA PHE C 378 -20.62 21.29 38.02
C PHE C 378 -22.04 20.96 38.45
N ASP C 379 -22.76 21.99 38.89
CA ASP C 379 -24.14 21.93 39.35
C ASP C 379 -24.62 23.37 39.43
N GLY C 380 -25.77 23.58 40.04
CA GLY C 380 -26.11 24.91 40.51
C GLY C 380 -25.16 25.36 41.60
N ILE C 381 -24.96 26.67 41.69
CA ILE C 381 -24.06 27.20 42.72
C ILE C 381 -24.57 26.86 44.11
N ALA C 382 -25.88 26.99 44.33
CA ALA C 382 -26.48 26.64 45.61
C ALA C 382 -26.93 25.19 45.69
N THR C 383 -27.24 24.57 44.54
CA THR C 383 -27.63 23.16 44.52
C THR C 383 -26.49 22.30 45.03
N GLY C 384 -26.79 21.44 46.00
CA GLY C 384 -25.79 20.69 46.72
C GLY C 384 -25.42 21.30 48.05
N TYR C 385 -25.72 22.59 48.26
CA TYR C 385 -25.55 23.22 49.55
C TYR C 385 -26.83 23.21 50.36
N LEU C 386 -27.98 23.37 49.70
CA LEU C 386 -29.25 23.28 50.41
C LEU C 386 -29.45 21.89 51.01
N VAL C 387 -29.18 20.85 50.21
CA VAL C 387 -29.35 19.47 50.67
C VAL C 387 -28.44 19.19 51.85
N LEU C 388 -27.20 19.69 51.79
CA LEU C 388 -26.27 19.50 52.90
C LEU C 388 -26.76 20.18 54.17
N LYS C 389 -27.68 21.13 54.07
CA LYS C 389 -28.22 21.82 55.23
C LYS C 389 -29.54 21.24 55.72
N GLU C 390 -30.33 20.64 54.84
CA GLU C 390 -31.58 20.02 55.28
C GLU C 390 -31.33 18.92 56.29
N LEU C 391 -30.32 18.08 56.03
CA LEU C 391 -29.97 17.00 56.95
C LEU C 391 -29.27 17.50 58.21
N GLY C 392 -28.86 18.76 58.26
CA GLY C 392 -28.19 19.28 59.43
C GLY C 392 -26.80 18.73 59.60
N ILE C 393 -25.91 19.03 58.65
CA ILE C 393 -24.51 18.59 58.69
C ILE C 393 -23.64 19.82 58.77
N LYS C 394 -22.65 19.79 59.67
CA LYS C 394 -21.76 20.93 59.89
C LYS C 394 -20.85 21.09 58.68
N VAL C 395 -20.82 22.29 58.11
CA VAL C 395 -20.03 22.59 56.92
C VAL C 395 -18.89 23.51 57.37
N GLY C 396 -17.68 22.95 57.46
CA GLY C 396 -16.50 23.70 57.84
C GLY C 396 -15.84 24.48 56.73
N LYS C 397 -16.24 24.26 55.48
CA LYS C 397 -15.70 24.96 54.32
C LYS C 397 -16.53 24.56 53.11
N TYR C 398 -16.59 25.45 52.12
CA TYR C 398 -17.32 25.15 50.89
C TYR C 398 -16.72 26.01 49.78
N VAL C 399 -16.02 25.37 48.84
CA VAL C 399 -15.38 26.07 47.74
C VAL C 399 -16.10 25.73 46.43
N ALA C 400 -17.03 26.59 46.03
CA ALA C 400 -17.82 26.35 44.84
C ALA C 400 -17.08 26.81 43.59
N SER C 401 -17.61 26.42 42.43
CA SER C 401 -17.07 26.80 41.14
C SER C 401 -18.05 26.45 40.03
N GLU C 402 -17.69 26.75 38.79
CA GLU C 402 -18.56 26.47 37.64
C GLU C 402 -17.79 26.83 36.38
N VAL C 403 -18.34 26.41 35.23
CA VAL C 403 -17.82 26.79 33.92
C VAL C 403 -17.91 28.31 33.81
N CYS C 404 -17.22 28.89 32.82
CA CYS C 404 -16.81 30.29 32.80
C CYS C 404 -17.82 31.27 33.39
N GLU C 405 -17.35 32.06 34.36
CA GLU C 405 -18.15 33.04 35.08
C GLU C 405 -17.18 34.04 35.72
N GLU C 406 -17.68 34.82 36.66
CA GLU C 406 -16.90 35.85 37.32
C GLU C 406 -16.23 35.31 38.59
N SER C 407 -15.12 35.95 38.97
CA SER C 407 -14.43 35.64 40.21
C SER C 407 -14.74 36.70 41.24
N ILE C 408 -15.23 36.28 42.41
CA ILE C 408 -15.67 37.21 43.44
C ILE C 408 -15.45 36.59 44.82
N ALA C 409 -15.65 37.39 45.86
CA ALA C 409 -15.52 36.93 47.25
C ALA C 409 -16.80 36.21 47.67
N VAL C 410 -16.98 36.00 48.97
CA VAL C 410 -18.17 35.30 49.45
C VAL C 410 -19.43 36.09 49.17
N GLY C 411 -19.30 37.37 48.80
CA GLY C 411 -20.46 38.23 48.66
C GLY C 411 -21.06 38.31 47.27
N THR C 412 -22.11 37.53 47.03
CA THR C 412 -23.00 37.69 45.89
C THR C 412 -24.46 37.73 46.28
N VAL C 413 -24.84 36.95 47.29
CA VAL C 413 -26.18 36.98 47.89
C VAL C 413 -25.98 36.96 49.39
N LYS C 414 -27.09 36.87 50.14
CA LYS C 414 -27.02 36.87 51.60
C LYS C 414 -26.35 35.61 52.13
N HIS C 415 -26.02 34.67 51.24
CA HIS C 415 -25.37 33.44 51.65
C HIS C 415 -23.96 33.68 52.17
N GLU C 416 -23.71 33.31 53.43
CA GLU C 416 -22.39 33.43 54.06
C GLU C 416 -22.06 32.06 54.68
N GLY C 417 -21.48 31.19 53.87
CA GLY C 417 -21.13 29.85 54.32
C GLY C 417 -19.70 29.49 53.98
N ASN C 418 -18.78 30.46 54.11
CA ASN C 418 -17.39 30.29 53.69
C ASN C 418 -17.31 29.93 52.21
N ILE C 419 -18.23 30.47 51.42
CA ILE C 419 -18.33 30.13 50.01
C ILE C 419 -17.29 30.91 49.22
N LYS C 420 -16.12 30.30 49.03
CA LYS C 420 -15.08 30.92 48.21
C LYS C 420 -15.39 30.70 46.74
N TYR C 421 -16.37 31.43 46.23
CA TYR C 421 -16.78 31.29 44.84
C TYR C 421 -15.63 31.67 43.91
N VAL C 422 -15.46 30.89 42.84
CA VAL C 422 -14.36 31.05 41.91
C VAL C 422 -14.91 31.14 40.49
N ASN C 423 -14.17 31.83 39.62
CA ASN C 423 -14.49 31.95 38.21
C ASN C 423 -14.10 30.68 37.47
N ASP C 424 -13.98 30.78 36.13
CA ASP C 424 -13.60 29.68 35.26
C ASP C 424 -12.54 28.78 35.90
N VAL C 425 -12.75 27.47 35.74
CA VAL C 425 -11.82 26.47 36.28
C VAL C 425 -10.44 26.59 35.64
N ARG C 426 -10.33 27.33 34.54
CA ARG C 426 -9.05 27.57 33.88
C ARG C 426 -8.12 28.45 34.70
N ASN C 427 -8.48 28.80 35.93
CA ASN C 427 -7.64 29.60 36.80
C ASN C 427 -7.15 28.85 38.03
N ILE C 428 -7.74 27.71 38.37
CA ILE C 428 -7.32 26.95 39.53
C ILE C 428 -6.11 26.11 39.19
N THR C 429 -5.09 26.18 40.03
CA THR C 429 -3.86 25.43 39.85
C THR C 429 -3.68 24.47 41.02
N LYS C 430 -2.61 23.66 40.96
CA LYS C 430 -2.35 22.71 42.03
C LYS C 430 -2.04 23.41 43.35
N LYS C 431 -1.44 24.61 43.29
CA LYS C 431 -1.16 25.35 44.50
C LYS C 431 -2.44 25.71 45.25
N ASN C 432 -3.48 26.11 44.52
CA ASN C 432 -4.75 26.45 45.13
C ASN C 432 -5.34 25.25 45.86
N ILE C 433 -5.36 24.09 45.19
CA ILE C 433 -5.93 22.90 45.80
C ILE C 433 -5.13 22.47 47.01
N GLU C 434 -3.80 22.57 46.93
CA GLU C 434 -2.96 22.25 48.08
C GLU C 434 -3.15 23.22 49.23
N GLU C 435 -3.50 24.47 48.94
CA GLU C 435 -3.72 25.48 49.99
C GLU C 435 -5.14 25.51 50.49
N TRP C 436 -6.13 25.42 49.60
CA TRP C 436 -7.52 25.46 50.04
C TRP C 436 -7.97 24.16 50.70
N GLY C 437 -7.28 23.06 50.41
CA GLY C 437 -7.64 21.78 50.97
C GLY C 437 -7.08 21.57 52.36
N PRO C 438 -7.11 20.33 52.86
CA PRO C 438 -7.62 19.10 52.22
C PRO C 438 -9.14 19.09 52.12
N PHE C 439 -9.72 18.24 51.28
CA PHE C 439 -11.16 18.16 51.09
C PHE C 439 -11.67 16.76 51.44
N ASP C 440 -12.99 16.63 51.48
CA ASP C 440 -13.62 15.37 51.86
C ASP C 440 -14.80 14.97 50.98
N LEU C 441 -15.15 15.76 49.98
CA LEU C 441 -16.30 15.46 49.12
C LEU C 441 -16.21 16.32 47.88
N VAL C 442 -16.34 15.68 46.71
CA VAL C 442 -16.22 16.36 45.42
C VAL C 442 -17.46 16.01 44.60
N ILE C 443 -18.13 17.03 44.07
CA ILE C 443 -19.36 16.83 43.32
C ILE C 443 -19.12 17.26 41.88
N GLY C 444 -20.07 16.93 41.00
CA GLY C 444 -20.00 17.35 39.62
C GLY C 444 -21.13 16.75 38.82
N GLY C 445 -21.36 17.25 37.62
CA GLY C 445 -22.38 16.68 36.74
C GLY C 445 -22.99 17.66 35.77
N SER C 446 -23.79 17.14 34.85
CA SER C 446 -24.43 17.98 33.84
C SER C 446 -25.48 18.88 34.49
N PRO C 447 -25.51 20.18 34.15
CA PRO C 447 -26.49 21.13 34.70
C PRO C 447 -27.72 21.28 33.82
N GLU C 463 -23.61 22.90 24.00
CA GLU C 463 -22.19 22.64 23.78
C GLU C 463 -21.93 21.14 23.65
N GLY C 464 -21.27 20.58 24.64
CA GLY C 464 -20.95 19.18 24.62
C GLY C 464 -20.90 18.60 26.01
N THR C 465 -20.34 17.40 26.12
CA THR C 465 -20.23 16.70 27.39
C THR C 465 -18.81 16.42 27.82
N GLY C 466 -17.83 16.55 26.92
CA GLY C 466 -16.45 16.26 27.29
C GLY C 466 -15.89 17.25 28.30
N ARG C 467 -16.24 18.53 28.16
CA ARG C 467 -15.70 19.58 29.01
C ARG C 467 -15.94 19.28 30.49
N LEU C 468 -17.20 19.02 30.83
CA LEU C 468 -17.57 18.80 32.22
C LEU C 468 -16.81 17.63 32.81
N PHE C 469 -16.86 16.48 32.13
CA PHE C 469 -16.24 15.28 32.67
C PHE C 469 -14.74 15.46 32.83
N PHE C 470 -14.08 16.04 31.82
CA PHE C 470 -12.63 16.08 31.88
C PHE C 470 -12.11 17.12 32.86
N GLU C 471 -12.79 18.27 33.00
CA GLU C 471 -12.41 19.20 34.06
C GLU C 471 -12.65 18.58 35.44
N PHE C 472 -13.77 17.89 35.63
CA PHE C 472 -14.03 17.25 36.91
C PHE C 472 -12.97 16.19 37.21
N TYR C 473 -12.60 15.41 36.18
CA TYR C 473 -11.60 14.36 36.36
C TYR C 473 -10.25 14.96 36.74
N HIS C 474 -9.85 16.05 36.08
CA HIS C 474 -8.59 16.70 36.43
C HIS C 474 -8.60 17.20 37.87
N LEU C 475 -9.69 17.84 38.29
CA LEU C 475 -9.73 18.37 39.65
C LEU C 475 -9.82 17.27 40.70
N LEU C 476 -10.52 16.18 40.37
CA LEU C 476 -10.56 15.01 41.26
C LEU C 476 -9.18 14.40 41.40
N ASN C 477 -8.44 14.31 40.30
CA ASN C 477 -7.07 13.79 40.35
C ASN C 477 -6.18 14.67 41.20
N TYR C 478 -6.32 15.99 41.09
CA TYR C 478 -5.53 16.89 41.91
C TYR C 478 -5.87 16.74 43.39
N SER C 479 -7.17 16.63 43.71
CA SER C 479 -7.61 16.64 45.10
C SER C 479 -7.62 15.26 45.75
N ARG C 480 -7.35 14.21 44.99
CA ARG C 480 -7.43 12.85 45.53
C ARG C 480 -6.39 12.65 46.62
N PRO C 481 -6.74 11.93 47.70
CA PRO C 481 -5.77 11.69 48.77
C PRO C 481 -4.57 10.91 48.27
N LYS C 482 -3.42 11.18 48.88
CA LYS C 482 -2.18 10.53 48.49
C LYS C 482 -2.20 9.06 48.92
N GLU C 483 -1.13 8.35 48.57
CA GLU C 483 -1.02 6.94 48.91
C GLU C 483 -0.86 6.77 50.42
N GLY C 484 -1.51 5.75 50.97
CA GLY C 484 -1.46 5.50 52.39
C GLY C 484 -2.42 6.31 53.22
N ASP C 485 -3.35 7.02 52.60
CA ASP C 485 -4.33 7.82 53.33
C ASP C 485 -5.53 6.97 53.71
N ASP C 486 -5.96 7.09 54.97
CA ASP C 486 -7.09 6.33 55.49
C ASP C 486 -8.33 7.17 55.73
N ARG C 487 -8.24 8.50 55.66
CA ARG C 487 -9.41 9.33 55.87
C ARG C 487 -10.43 9.09 54.75
N PRO C 488 -11.72 9.14 55.05
CA PRO C 488 -12.72 8.90 54.00
C PRO C 488 -12.66 9.98 52.92
N PHE C 489 -12.93 9.55 51.68
CA PHE C 489 -12.98 10.46 50.54
C PHE C 489 -14.11 9.99 49.63
N PHE C 490 -15.14 10.81 49.48
CA PHE C 490 -16.30 10.47 48.68
C PHE C 490 -16.39 11.39 47.48
N TRP C 491 -16.97 10.88 46.40
CA TRP C 491 -17.12 11.66 45.17
C TRP C 491 -18.32 11.13 44.40
N MET C 492 -18.78 11.92 43.45
CA MET C 492 -19.94 11.55 42.64
C MET C 492 -19.88 12.28 41.31
N PHE C 493 -20.67 11.79 40.36
CA PHE C 493 -20.83 12.41 39.04
C PHE C 493 -22.13 11.92 38.41
N GLU C 494 -22.98 12.84 37.98
CA GLU C 494 -24.29 12.49 37.46
C GLU C 494 -24.48 13.09 36.08
N ASN C 495 -25.29 12.41 35.27
CA ASN C 495 -25.56 12.83 33.90
C ASN C 495 -26.87 12.20 33.45
N VAL C 496 -27.46 12.80 32.42
CA VAL C 496 -28.73 12.31 31.89
C VAL C 496 -28.46 11.06 31.05
N VAL C 497 -29.53 10.29 30.82
CA VAL C 497 -29.40 9.03 30.09
C VAL C 497 -29.09 9.27 28.62
N ALA C 498 -29.58 10.38 28.06
CA ALA C 498 -29.46 10.62 26.64
C ALA C 498 -28.03 10.98 26.24
N MET C 499 -27.12 10.03 26.38
CA MET C 499 -25.73 10.20 25.98
C MET C 499 -25.28 8.94 25.26
N LYS C 500 -24.37 9.10 24.30
CA LYS C 500 -23.97 7.98 23.46
C LYS C 500 -23.22 6.94 24.28
N VAL C 501 -23.13 5.73 23.71
CA VAL C 501 -22.50 4.62 24.42
C VAL C 501 -21.02 4.87 24.62
N GLY C 502 -20.38 5.54 23.66
CA GLY C 502 -18.96 5.82 23.79
C GLY C 502 -18.65 6.68 25.00
N ASP C 503 -19.48 7.70 25.24
CA ASP C 503 -19.30 8.53 26.43
C ASP C 503 -19.46 7.70 27.69
N LYS C 504 -20.45 6.80 27.70
CA LYS C 504 -20.69 5.96 28.86
C LYS C 504 -19.49 5.09 29.18
N ARG C 505 -18.95 4.41 28.16
CA ARG C 505 -17.80 3.53 28.41
C ARG C 505 -16.55 4.33 28.75
N ASP C 506 -16.37 5.52 28.16
CA ASP C 506 -15.22 6.35 28.52
C ASP C 506 -15.29 6.78 29.98
N ILE C 507 -16.47 7.21 30.44
CA ILE C 507 -16.63 7.61 31.83
C ILE C 507 -16.38 6.43 32.74
N SER C 508 -16.94 5.26 32.40
CA SER C 508 -16.76 4.08 33.24
C SER C 508 -15.30 3.66 33.32
N ARG C 509 -14.58 3.72 32.19
CA ARG C 509 -13.18 3.32 32.20
C ARG C 509 -12.33 4.31 32.99
N PHE C 510 -12.52 5.61 32.76
CA PHE C 510 -11.70 6.61 33.44
C PHE C 510 -11.97 6.61 34.95
N LEU C 511 -13.23 6.49 35.35
CA LEU C 511 -13.59 6.51 36.76
C LEU C 511 -13.49 5.15 37.42
N GLU C 512 -13.28 4.09 36.64
CA GLU C 512 -13.14 2.72 37.17
C GLU C 512 -14.38 2.28 37.96
N CYS C 513 -15.56 2.62 37.46
CA CYS C 513 -16.79 2.29 38.17
C CYS C 513 -17.92 2.16 37.16
N ASN C 514 -18.97 1.45 37.56
CA ASN C 514 -20.15 1.24 36.75
C ASN C 514 -21.31 2.10 37.27
N PRO C 515 -22.15 2.61 36.37
CA PRO C 515 -23.23 3.48 36.81
C PRO C 515 -24.49 2.72 37.20
N VAL C 516 -25.21 3.30 38.16
CA VAL C 516 -26.49 2.76 38.62
C VAL C 516 -27.54 3.80 38.31
N MET C 517 -28.70 3.36 37.83
CA MET C 517 -29.78 4.29 37.55
C MET C 517 -30.67 4.46 38.77
N ILE C 518 -31.15 5.68 38.98
CA ILE C 518 -32.13 5.95 40.01
C ILE C 518 -33.33 6.62 39.35
N ASP C 519 -34.31 5.81 38.96
CA ASP C 519 -35.52 6.35 38.34
C ASP C 519 -36.28 7.17 39.38
N ALA C 520 -36.65 8.40 39.01
CA ALA C 520 -37.12 9.35 40.00
C ALA C 520 -38.41 10.07 39.62
N ILE C 521 -39.16 9.58 38.63
CA ILE C 521 -40.42 10.23 38.27
C ILE C 521 -41.39 10.20 39.44
N LYS C 522 -41.45 9.07 40.16
CA LYS C 522 -42.35 8.95 41.29
C LYS C 522 -41.87 9.76 42.50
N VAL C 523 -40.57 9.94 42.64
CA VAL C 523 -40.05 10.60 43.83
C VAL C 523 -39.72 12.08 43.57
N SER C 524 -39.55 12.48 42.31
CA SER C 524 -39.25 13.87 41.99
C SER C 524 -39.79 14.17 40.60
N ALA C 525 -40.81 15.01 40.52
CA ALA C 525 -41.40 15.35 39.23
C ALA C 525 -40.38 16.03 38.32
N ALA C 526 -40.42 15.65 37.04
CA ALA C 526 -39.58 16.22 35.99
C ALA C 526 -38.09 15.94 36.16
N HIS C 527 -37.73 14.94 36.97
CA HIS C 527 -36.34 14.53 37.12
C HIS C 527 -36.27 13.02 37.15
N ARG C 528 -35.37 12.45 36.33
CA ARG C 528 -35.33 11.00 36.16
C ARG C 528 -34.11 10.62 35.32
N ALA C 529 -33.81 9.33 35.33
CA ALA C 529 -32.81 8.71 34.45
C ALA C 529 -31.42 9.28 34.64
N ARG C 530 -31.06 9.64 35.88
CA ARG C 530 -29.72 10.15 36.17
C ARG C 530 -28.81 9.00 36.56
N TYR C 531 -27.75 8.77 35.78
CA TYR C 531 -26.71 7.85 36.19
C TYR C 531 -25.91 8.46 37.35
N PHE C 532 -25.17 7.60 38.06
CA PHE C 532 -24.33 8.08 39.14
C PHE C 532 -23.08 7.22 39.24
N TRP C 533 -21.92 7.86 39.17
CA TRP C 533 -20.62 7.19 39.32
C TRP C 533 -20.02 7.69 40.63
N GLY C 534 -20.19 6.94 41.71
CA GLY C 534 -19.69 7.35 43.01
C GLY C 534 -19.26 6.17 43.86
N ASN C 535 -18.69 6.48 45.01
CA ASN C 535 -18.35 5.49 46.02
C ASN C 535 -19.11 5.76 47.32
N LEU C 536 -20.29 6.38 47.22
CA LEU C 536 -21.10 6.61 48.40
C LEU C 536 -21.68 5.30 48.92
N PRO C 537 -21.80 5.13 50.23
CA PRO C 537 -22.23 3.84 50.78
C PRO C 537 -23.70 3.58 50.49
N GLY C 538 -24.00 2.36 50.07
CA GLY C 538 -25.36 1.94 49.80
C GLY C 538 -26.03 2.75 48.70
N MET C 539 -25.35 2.92 47.57
CA MET C 539 -25.92 3.72 46.49
C MET C 539 -27.09 3.01 45.82
N ASN C 540 -26.98 1.70 45.62
CA ASN C 540 -27.97 0.94 44.86
C ASN C 540 -29.03 0.31 45.75
N ARG C 541 -29.12 0.72 47.03
CA ARG C 541 -30.17 0.24 47.90
C ARG C 541 -31.52 0.76 47.41
N PRO C 542 -32.61 0.04 47.68
CA PRO C 542 -33.90 0.43 47.10
C PRO C 542 -34.58 1.56 47.87
N VAL C 543 -35.18 2.48 47.10
CA VAL C 543 -35.77 3.69 47.66
C VAL C 543 -37.19 3.41 48.11
N ILE C 544 -37.67 4.18 49.08
CA ILE C 544 -39.03 4.02 49.59
C ILE C 544 -39.73 5.36 49.53
N ALA C 545 -40.46 5.61 48.45
CA ALA C 545 -41.18 6.87 48.27
C ALA C 545 -42.38 6.95 49.21
N SER C 632 -34.51 17.86 42.76
CA SER C 632 -33.52 18.75 43.36
C SER C 632 -33.19 18.30 44.77
N VAL C 633 -34.21 18.22 45.62
CA VAL C 633 -34.05 17.77 46.99
C VAL C 633 -34.09 16.26 47.15
N PRO C 634 -35.05 15.51 46.52
CA PRO C 634 -35.28 14.14 46.99
C PRO C 634 -34.14 13.16 46.72
N VAL C 635 -33.70 13.09 45.46
CA VAL C 635 -32.71 12.10 45.07
C VAL C 635 -31.37 12.39 45.73
N ILE C 636 -30.96 13.66 45.71
CA ILE C 636 -29.69 14.03 46.32
C ILE C 636 -29.75 13.84 47.83
N ARG C 637 -30.88 14.14 48.45
CA ARG C 637 -31.03 13.92 49.89
C ARG C 637 -30.92 12.45 50.24
N HIS C 638 -31.59 11.59 49.45
CA HIS C 638 -31.51 10.15 49.69
C HIS C 638 -30.08 9.64 49.54
N LEU C 639 -29.39 10.11 48.49
CA LEU C 639 -28.02 9.67 48.27
C LEU C 639 -27.09 10.14 49.36
N PHE C 640 -27.26 11.38 49.84
CA PHE C 640 -26.35 11.96 50.80
C PHE C 640 -26.69 11.59 52.25
N ALA C 641 -27.86 11.01 52.49
CA ALA C 641 -28.23 10.64 53.86
C ALA C 641 -27.23 9.72 54.55
N PRO C 642 -26.66 8.67 53.90
CA PRO C 642 -25.72 7.80 54.62
C PRO C 642 -24.51 8.53 55.22
N LEU C 643 -24.22 9.74 54.74
CA LEU C 643 -23.04 10.46 55.18
C LEU C 643 -23.12 10.89 56.63
N LYS C 644 -24.29 10.83 57.26
CA LYS C 644 -24.43 11.27 58.64
C LYS C 644 -23.63 10.42 59.61
N ASP C 645 -23.23 9.21 59.19
CA ASP C 645 -22.50 8.31 60.09
C ASP C 645 -21.04 8.74 60.26
N TYR C 646 -20.47 9.44 59.29
CA TYR C 646 -19.05 9.77 59.31
C TYR C 646 -18.76 11.20 59.76
N PHE C 647 -19.66 12.14 59.51
CA PHE C 647 -19.39 13.55 59.71
C PHE C 647 -20.21 14.11 60.87
N ALA C 648 -19.94 15.37 61.20
CA ALA C 648 -20.60 16.02 62.32
C ALA C 648 -22.08 16.20 62.04
N CYS C 649 -22.87 16.20 63.13
CA CYS C 649 -24.31 16.32 63.06
C CYS C 649 -24.75 17.67 63.59
N GLU C 650 -25.97 18.06 63.23
CA GLU C 650 -26.57 19.33 63.66
C GLU C 650 -25.71 20.53 63.26
N ALA D 366 34.08 -9.63 -72.02
CA ALA D 366 32.96 -8.84 -71.55
C ALA D 366 31.75 -8.98 -72.48
N ALA D 367 31.71 -10.10 -73.20
CA ALA D 367 30.62 -10.35 -74.14
C ALA D 367 30.48 -11.86 -74.33
N ARG D 368 29.34 -12.26 -74.89
CA ARG D 368 29.02 -13.66 -75.16
C ARG D 368 29.06 -14.49 -73.88
N ARG D 369 28.19 -14.14 -72.94
CA ARG D 369 28.11 -14.84 -71.66
C ARG D 369 27.43 -16.19 -71.84
N ARG D 370 27.54 -17.01 -70.80
CA ARG D 370 26.91 -18.33 -70.82
C ARG D 370 25.40 -18.21 -70.64
N PRO D 371 24.64 -19.20 -71.09
CA PRO D 371 23.20 -19.19 -70.86
C PRO D 371 22.88 -19.10 -69.37
N ILE D 372 21.82 -18.35 -69.07
CA ILE D 372 21.47 -18.03 -67.69
C ILE D 372 20.88 -19.26 -67.00
N ARG D 373 21.12 -19.35 -65.69
CA ARG D 373 20.51 -20.37 -64.84
C ARG D 373 19.76 -19.67 -63.72
N VAL D 374 18.62 -20.24 -63.33
CA VAL D 374 17.70 -19.55 -62.43
C VAL D 374 17.25 -20.50 -61.32
N LEU D 375 16.94 -19.92 -60.17
CA LEU D 375 16.25 -20.58 -59.07
C LEU D 375 15.03 -19.75 -58.71
N SER D 376 13.92 -20.42 -58.37
CA SER D 376 12.68 -19.71 -58.16
C SER D 376 11.82 -20.44 -57.14
N LEU D 377 10.90 -19.69 -56.54
CA LEU D 377 9.87 -20.23 -55.67
C LEU D 377 8.52 -19.99 -56.32
N PHE D 378 7.63 -20.98 -56.21
CA PHE D 378 6.31 -20.95 -56.84
C PHE D 378 6.44 -20.76 -58.36
N ASP D 379 6.99 -21.80 -58.99
CA ASP D 379 7.05 -21.81 -60.45
C ASP D 379 5.64 -21.75 -61.04
N GLY D 380 4.70 -22.52 -60.47
CA GLY D 380 3.30 -22.41 -60.83
C GLY D 380 2.97 -22.68 -62.28
N ILE D 381 2.59 -21.63 -63.01
CA ILE D 381 2.16 -21.76 -64.39
C ILE D 381 3.29 -22.18 -65.32
N ALA D 382 4.54 -22.16 -64.84
CA ALA D 382 5.73 -22.55 -65.59
C ALA D 382 5.93 -21.71 -66.84
N THR D 383 5.46 -20.47 -66.85
CA THR D 383 5.61 -19.59 -68.00
C THR D 383 6.96 -18.88 -68.04
N GLY D 384 7.79 -19.05 -67.01
CA GLY D 384 9.10 -18.42 -67.02
C GLY D 384 9.99 -18.92 -68.13
N TYR D 385 10.02 -20.24 -68.33
CA TYR D 385 10.82 -20.82 -69.40
C TYR D 385 10.31 -20.37 -70.77
N LEU D 386 8.99 -20.33 -70.95
CA LEU D 386 8.42 -19.87 -72.21
C LEU D 386 8.77 -18.40 -72.47
N VAL D 387 8.70 -17.57 -71.43
CA VAL D 387 9.04 -16.16 -71.59
C VAL D 387 10.52 -16.00 -71.93
N LEU D 388 11.38 -16.78 -71.28
CA LEU D 388 12.81 -16.71 -71.57
C LEU D 388 13.10 -17.15 -73.01
N LYS D 389 12.43 -18.20 -73.48
CA LYS D 389 12.64 -18.68 -74.84
C LYS D 389 12.05 -17.71 -75.86
N GLU D 390 11.02 -16.96 -75.49
CA GLU D 390 10.40 -16.01 -76.40
C GLU D 390 11.35 -14.87 -76.74
N LEU D 391 12.22 -14.47 -75.81
CA LEU D 391 13.15 -13.39 -76.04
C LEU D 391 14.28 -13.77 -77.00
N GLY D 392 14.39 -15.04 -77.36
CA GLY D 392 15.44 -15.48 -78.27
C GLY D 392 16.68 -16.04 -77.62
N ILE D 393 16.61 -16.39 -76.34
CA ILE D 393 17.74 -16.96 -75.62
C ILE D 393 17.30 -18.21 -74.90
N LYS D 394 18.27 -19.06 -74.56
CA LYS D 394 18.01 -20.32 -73.87
C LYS D 394 18.52 -20.25 -72.44
N VAL D 395 17.81 -20.94 -71.54
CA VAL D 395 18.18 -20.99 -70.13
C VAL D 395 19.13 -22.17 -69.94
N GLY D 396 20.30 -21.90 -69.36
CA GLY D 396 21.28 -22.96 -69.18
C GLY D 396 20.82 -24.07 -68.26
N LYS D 397 20.22 -23.70 -67.13
CA LYS D 397 19.74 -24.68 -66.15
C LYS D 397 18.50 -24.13 -65.48
N TYR D 398 17.40 -24.88 -65.55
CA TYR D 398 16.15 -24.51 -64.90
C TYR D 398 16.03 -25.29 -63.61
N VAL D 399 15.93 -24.58 -62.49
CA VAL D 399 15.88 -25.18 -61.17
C VAL D 399 14.66 -24.64 -60.44
N ALA D 400 13.83 -25.54 -59.91
CA ALA D 400 12.66 -25.17 -59.14
C ALA D 400 12.39 -26.26 -58.11
N SER D 401 11.66 -25.89 -57.06
CA SER D 401 11.38 -26.83 -55.98
C SER D 401 10.04 -26.45 -55.33
N GLU D 402 9.00 -27.19 -55.68
CA GLU D 402 7.68 -26.99 -55.08
C GLU D 402 6.93 -28.31 -55.09
N VAL D 403 5.99 -28.46 -54.16
CA VAL D 403 5.07 -29.60 -54.15
C VAL D 403 3.65 -29.09 -53.98
N ASN D 418 11.99 -26.74 -69.67
CA ASN D 418 12.50 -27.82 -68.83
C ASN D 418 12.26 -27.51 -67.35
N ILE D 419 11.00 -27.33 -66.99
CA ILE D 419 10.64 -27.04 -65.60
C ILE D 419 10.86 -28.29 -64.78
N LYS D 420 11.69 -28.20 -63.74
CA LYS D 420 12.09 -29.34 -62.93
C LYS D 420 11.49 -29.19 -61.54
N TYR D 421 10.75 -30.21 -61.11
CA TYR D 421 10.14 -30.26 -59.79
C TYR D 421 10.71 -31.45 -59.03
N VAL D 422 11.29 -31.20 -57.86
CA VAL D 422 11.96 -32.26 -57.11
C VAL D 422 11.40 -32.38 -55.69
N ASN D 423 11.37 -31.26 -54.95
CA ASN D 423 10.99 -31.29 -53.54
C ASN D 423 10.27 -30.00 -53.20
N ASP D 424 10.08 -29.77 -51.90
CA ASP D 424 9.36 -28.63 -51.39
C ASP D 424 10.33 -27.54 -50.93
N VAL D 425 9.77 -26.37 -50.62
CA VAL D 425 10.58 -25.28 -50.07
C VAL D 425 11.04 -25.62 -48.65
N ARG D 426 10.21 -26.33 -47.89
CA ARG D 426 10.46 -26.60 -46.48
C ARG D 426 11.61 -27.57 -46.24
N ASN D 427 12.12 -28.26 -47.26
CA ASN D 427 13.18 -29.25 -47.07
C ASN D 427 14.39 -28.91 -47.91
N ILE D 428 14.70 -27.62 -48.04
CA ILE D 428 15.90 -27.15 -48.71
C ILE D 428 16.97 -26.88 -47.66
N THR D 429 18.13 -27.47 -47.84
CA THR D 429 19.25 -27.32 -46.91
C THR D 429 20.35 -26.50 -47.56
N LYS D 430 21.36 -26.17 -46.74
CA LYS D 430 22.52 -25.45 -47.25
C LYS D 430 23.28 -26.26 -48.29
N LYS D 431 23.48 -27.55 -48.04
CA LYS D 431 24.22 -28.40 -48.97
C LYS D 431 23.53 -28.50 -50.31
N ASN D 432 22.20 -28.43 -50.34
CA ASN D 432 21.47 -28.45 -51.61
C ASN D 432 21.87 -27.27 -52.48
N ILE D 433 21.93 -26.07 -51.88
CA ILE D 433 22.37 -24.90 -52.62
C ILE D 433 23.83 -25.02 -53.01
N GLU D 434 24.65 -25.63 -52.14
CA GLU D 434 26.06 -25.84 -52.50
C GLU D 434 26.21 -26.73 -53.73
N GLU D 435 25.44 -27.81 -53.83
CA GLU D 435 25.59 -28.65 -55.01
C GLU D 435 24.91 -28.08 -56.25
N TRP D 436 23.79 -27.37 -56.10
CA TRP D 436 23.07 -26.89 -57.27
C TRP D 436 23.36 -25.44 -57.64
N GLY D 437 23.91 -24.65 -56.72
CA GLY D 437 24.23 -23.28 -57.01
C GLY D 437 25.55 -23.15 -57.75
N PRO D 438 25.95 -21.89 -58.00
CA PRO D 438 25.26 -20.64 -57.71
C PRO D 438 24.21 -20.28 -58.77
N PHE D 439 23.34 -19.32 -58.48
CA PHE D 439 22.27 -18.92 -59.40
C PHE D 439 22.48 -17.47 -59.81
N ASP D 440 21.51 -16.94 -60.56
CA ASP D 440 21.63 -15.58 -61.11
C ASP D 440 20.53 -14.66 -60.62
N LEU D 441 19.29 -15.14 -60.62
CA LEU D 441 18.16 -14.33 -60.17
C LEU D 441 17.07 -15.26 -59.67
N VAL D 442 16.05 -14.67 -59.04
CA VAL D 442 14.97 -15.43 -58.41
C VAL D 442 13.64 -14.78 -58.76
N ILE D 443 12.68 -15.59 -59.21
CA ILE D 443 11.32 -15.12 -59.48
C ILE D 443 10.42 -15.76 -58.42
N GLY D 444 9.86 -14.93 -57.55
CA GLY D 444 8.94 -15.41 -56.54
C GLY D 444 7.80 -14.46 -56.30
N GLY D 445 7.50 -14.18 -55.04
CA GLY D 445 6.49 -13.20 -54.69
C GLY D 445 5.37 -13.81 -53.87
N SER D 446 4.34 -12.98 -53.65
CA SER D 446 3.16 -13.36 -52.87
C SER D 446 1.92 -13.05 -53.68
N PRO D 447 1.54 -13.95 -54.60
CA PRO D 447 0.35 -13.77 -55.46
C PRO D 447 -0.95 -13.87 -54.67
N GLU D 463 -1.98 -18.47 -47.02
CA GLU D 463 -2.58 -17.77 -45.91
C GLU D 463 -1.84 -16.47 -45.61
N GLY D 464 -1.07 -16.47 -44.52
CA GLY D 464 -0.31 -15.29 -44.15
C GLY D 464 0.81 -15.00 -45.12
N THR D 465 1.10 -13.71 -45.29
CA THR D 465 2.18 -13.30 -46.19
C THR D 465 3.54 -13.66 -45.61
N GLY D 466 3.66 -13.63 -44.28
CA GLY D 466 4.94 -13.90 -43.65
C GLY D 466 5.48 -15.29 -43.94
N ARG D 467 4.59 -16.28 -43.97
CA ARG D 467 4.98 -17.67 -44.21
C ARG D 467 5.84 -17.79 -45.47
N LEU D 468 5.30 -17.36 -46.61
CA LEU D 468 6.06 -17.49 -47.85
C LEU D 468 7.13 -16.43 -47.96
N PHE D 469 6.89 -15.22 -47.43
CA PHE D 469 7.87 -14.14 -47.58
C PHE D 469 9.18 -14.48 -46.88
N PHE D 470 9.12 -14.99 -45.66
CA PHE D 470 10.35 -15.27 -44.91
C PHE D 470 11.05 -16.53 -45.39
N GLU D 471 10.31 -17.52 -45.91
CA GLU D 471 10.97 -18.63 -46.58
C GLU D 471 11.69 -18.16 -47.84
N PHE D 472 11.08 -17.23 -48.58
CA PHE D 472 11.73 -16.61 -49.72
C PHE D 472 13.01 -15.90 -49.29
N TYR D 473 12.92 -15.16 -48.18
CA TYR D 473 14.09 -14.44 -47.67
C TYR D 473 15.20 -15.41 -47.28
N HIS D 474 14.85 -16.52 -46.63
CA HIS D 474 15.84 -17.53 -46.26
C HIS D 474 16.50 -18.12 -47.50
N LEU D 475 15.69 -18.47 -48.51
CA LEU D 475 16.24 -19.04 -49.74
C LEU D 475 17.18 -18.06 -50.43
N LEU D 476 16.78 -16.78 -50.48
CA LEU D 476 17.63 -15.77 -51.11
C LEU D 476 18.92 -15.56 -50.33
N ASN D 477 18.85 -15.59 -49.00
CA ASN D 477 20.05 -15.42 -48.20
C ASN D 477 20.98 -16.63 -48.34
N TYR D 478 20.41 -17.81 -48.61
CA TYR D 478 21.27 -18.97 -48.85
C TYR D 478 21.87 -18.94 -50.25
N SER D 479 21.14 -18.38 -51.22
CA SER D 479 21.62 -18.34 -52.59
C SER D 479 22.37 -17.06 -52.93
N ARG D 480 22.76 -16.26 -51.94
CA ARG D 480 23.46 -15.01 -52.21
C ARG D 480 24.91 -15.28 -52.63
N PRO D 481 25.46 -14.45 -53.52
CA PRO D 481 26.87 -14.60 -53.89
C PRO D 481 27.78 -14.22 -52.73
N LYS D 482 28.97 -14.82 -52.72
CA LYS D 482 29.91 -14.62 -51.63
C LYS D 482 30.30 -13.14 -51.52
N GLU D 483 30.80 -12.78 -50.34
CA GLU D 483 31.13 -11.39 -50.06
C GLU D 483 32.35 -10.95 -50.86
N GLY D 484 32.33 -9.68 -51.28
CA GLY D 484 33.45 -9.09 -51.99
C GLY D 484 33.76 -9.70 -53.34
N ASP D 485 32.73 -9.92 -54.15
CA ASP D 485 32.92 -10.44 -55.50
C ASP D 485 32.23 -9.57 -56.54
N ASP D 486 32.20 -10.02 -57.79
CA ASP D 486 31.71 -9.20 -58.88
C ASP D 486 30.72 -9.89 -59.81
N ARG D 487 30.29 -11.11 -59.51
CA ARG D 487 29.34 -11.80 -60.37
C ARG D 487 27.99 -11.07 -60.36
N PRO D 488 27.39 -10.88 -61.53
CA PRO D 488 26.07 -10.23 -61.59
C PRO D 488 25.03 -11.07 -60.86
N PHE D 489 24.09 -10.38 -60.20
CA PHE D 489 23.10 -11.05 -59.38
C PHE D 489 21.85 -10.19 -59.31
N PHE D 490 20.69 -10.81 -59.48
CA PHE D 490 19.41 -10.13 -59.41
C PHE D 490 18.45 -10.91 -58.52
N TRP D 491 17.30 -10.32 -58.25
CA TRP D 491 16.21 -11.00 -57.58
C TRP D 491 14.91 -10.27 -57.91
N MET D 492 13.81 -10.70 -57.31
CA MET D 492 12.49 -10.14 -57.58
C MET D 492 11.49 -10.59 -56.54
N PHE D 493 10.62 -9.69 -56.09
CA PHE D 493 9.56 -10.07 -55.16
C PHE D 493 8.27 -9.37 -55.56
N GLU D 494 7.19 -10.14 -55.58
CA GLU D 494 5.88 -9.65 -55.98
C GLU D 494 4.94 -9.67 -54.78
N ASN D 495 4.06 -8.66 -54.72
CA ASN D 495 3.07 -8.60 -53.66
C ASN D 495 1.84 -7.84 -54.17
N VAL D 496 0.69 -8.19 -53.61
CA VAL D 496 -0.55 -7.53 -53.99
C VAL D 496 -0.64 -6.17 -53.29
N VAL D 497 -1.54 -5.32 -53.79
CA VAL D 497 -1.70 -3.99 -53.24
C VAL D 497 -2.28 -4.04 -51.83
N ALA D 498 -3.19 -4.98 -51.58
CA ALA D 498 -3.91 -5.05 -50.30
C ALA D 498 -3.02 -5.71 -49.25
N MET D 499 -2.30 -4.90 -48.49
CA MET D 499 -1.48 -5.38 -47.40
C MET D 499 -1.14 -4.21 -46.49
N LYS D 500 -1.09 -4.47 -45.18
CA LYS D 500 -1.05 -3.40 -44.20
C LYS D 500 0.28 -2.65 -44.24
N VAL D 501 0.28 -1.46 -43.64
CA VAL D 501 1.46 -0.60 -43.62
C VAL D 501 2.57 -1.21 -42.79
N GLY D 502 2.24 -1.91 -41.70
CA GLY D 502 3.26 -2.55 -40.90
C GLY D 502 4.09 -3.55 -41.69
N ASP D 503 3.43 -4.36 -42.51
CA ASP D 503 4.16 -5.30 -43.36
C ASP D 503 5.05 -4.55 -44.35
N LYS D 504 4.57 -3.43 -44.88
CA LYS D 504 5.41 -2.56 -45.69
C LYS D 504 6.68 -2.19 -44.94
N ARG D 505 6.53 -1.76 -43.69
CA ARG D 505 7.69 -1.34 -42.90
C ARG D 505 8.67 -2.50 -42.71
N ASP D 506 8.15 -3.67 -42.31
CA ASP D 506 9.04 -4.80 -42.04
C ASP D 506 9.77 -5.23 -43.30
N ILE D 507 9.05 -5.39 -44.41
CA ILE D 507 9.70 -5.91 -45.61
C ILE D 507 10.56 -4.85 -46.30
N SER D 508 10.35 -3.58 -46.01
CA SER D 508 11.28 -2.56 -46.48
C SER D 508 12.55 -2.55 -45.64
N ARG D 509 12.41 -2.77 -44.33
CA ARG D 509 13.59 -2.87 -43.47
C ARG D 509 14.42 -4.11 -43.82
N PHE D 510 13.76 -5.23 -44.11
CA PHE D 510 14.46 -6.49 -44.32
C PHE D 510 15.21 -6.49 -45.64
N LEU D 511 14.50 -6.28 -46.75
CA LEU D 511 15.16 -6.27 -48.06
C LEU D 511 16.10 -5.10 -48.24
N GLU D 512 16.04 -4.10 -47.35
CA GLU D 512 16.92 -2.93 -47.39
C GLU D 512 16.78 -2.14 -48.69
N CYS D 513 15.67 -2.31 -49.39
CA CYS D 513 15.38 -1.55 -50.60
C CYS D 513 14.04 -0.85 -50.43
N ASN D 514 13.99 0.42 -50.83
CA ASN D 514 12.77 1.19 -50.67
C ASN D 514 11.68 0.65 -51.60
N PRO D 515 10.42 0.68 -51.17
CA PRO D 515 9.34 0.15 -52.01
C PRO D 515 9.14 0.99 -53.26
N VAL D 516 8.72 0.32 -54.34
CA VAL D 516 8.44 0.98 -55.60
C VAL D 516 7.07 0.51 -56.07
N MET D 517 6.20 1.45 -56.41
CA MET D 517 4.86 1.14 -56.89
C MET D 517 4.85 1.04 -58.40
N ILE D 518 3.92 0.24 -58.92
CA ILE D 518 3.78 0.06 -60.35
C ILE D 518 2.32 0.23 -60.76
N ALA D 529 -1.14 1.03 -58.96
CA ALA D 529 -2.00 -0.06 -58.50
C ALA D 529 -1.29 -1.40 -58.64
N ARG D 530 0.02 -1.41 -58.39
CA ARG D 530 0.83 -2.61 -58.48
C ARG D 530 2.11 -2.38 -57.70
N TYR D 531 2.70 -3.47 -57.22
CA TYR D 531 3.89 -3.40 -56.38
C TYR D 531 5.02 -4.23 -56.96
N PHE D 532 6.25 -3.74 -56.76
CA PHE D 532 7.45 -4.45 -57.18
C PHE D 532 8.58 -4.06 -56.22
N TRP D 533 9.56 -4.94 -56.12
CA TRP D 533 10.68 -4.75 -55.21
C TRP D 533 11.97 -5.20 -55.89
N GLY D 534 13.09 -4.83 -55.29
CA GLY D 534 14.40 -5.27 -55.75
C GLY D 534 15.25 -4.11 -56.25
N ASN D 535 16.46 -4.46 -56.67
CA ASN D 535 17.44 -3.50 -57.19
C ASN D 535 17.66 -3.68 -58.69
N LEU D 536 16.61 -3.98 -59.44
CA LEU D 536 16.71 -4.25 -60.86
C LEU D 536 16.21 -3.04 -61.65
N PRO D 537 17.07 -2.38 -62.44
CA PRO D 537 16.60 -1.26 -63.25
C PRO D 537 15.57 -1.72 -64.28
N GLY D 538 14.60 -0.85 -64.55
CA GLY D 538 13.55 -1.16 -65.50
C GLY D 538 12.39 -0.18 -65.45
N TRP D 631 -1.06 -13.61 -63.58
CA TRP D 631 -0.87 -12.18 -63.41
C TRP D 631 -1.12 -11.46 -64.74
N SER D 632 -0.48 -10.31 -64.91
CA SER D 632 -0.53 -9.56 -66.16
C SER D 632 0.87 -9.64 -66.79
N VAL D 633 0.96 -10.34 -67.92
CA VAL D 633 2.24 -10.65 -68.55
C VAL D 633 3.02 -9.44 -69.10
N PRO D 634 2.38 -8.32 -69.49
CA PRO D 634 3.21 -7.21 -70.02
C PRO D 634 4.29 -6.73 -69.07
N VAL D 635 4.04 -6.71 -67.76
CA VAL D 635 5.05 -6.22 -66.83
C VAL D 635 6.24 -7.18 -66.77
N ILE D 636 6.00 -8.49 -66.79
CA ILE D 636 7.10 -9.43 -66.81
C ILE D 636 7.87 -9.32 -68.12
N ARG D 637 7.16 -9.12 -69.24
CA ARG D 637 7.86 -8.93 -70.51
C ARG D 637 8.72 -7.66 -70.48
N HIS D 638 8.20 -6.58 -69.90
CA HIS D 638 8.99 -5.35 -69.80
C HIS D 638 10.21 -5.55 -68.90
N LEU D 639 10.05 -6.32 -67.81
CA LEU D 639 11.17 -6.57 -66.92
C LEU D 639 12.22 -7.48 -67.56
N PHE D 640 11.79 -8.44 -68.38
CA PHE D 640 12.70 -9.38 -69.02
C PHE D 640 13.28 -8.88 -70.33
N ALA D 641 12.76 -7.78 -70.86
CA ALA D 641 13.38 -7.19 -72.05
C ALA D 641 14.84 -6.75 -71.83
N PRO D 642 15.20 -6.06 -70.72
CA PRO D 642 16.61 -5.68 -70.53
C PRO D 642 17.46 -6.80 -69.95
N LEU D 643 16.97 -8.04 -70.02
CA LEU D 643 17.71 -9.17 -69.44
C LEU D 643 19.07 -9.36 -70.09
N LYS D 644 19.28 -8.78 -71.28
CA LYS D 644 20.54 -8.92 -72.00
C LYS D 644 21.72 -8.25 -71.30
N ASP D 645 21.47 -7.49 -70.23
CA ASP D 645 22.58 -6.86 -69.51
C ASP D 645 23.51 -7.91 -68.90
N TYR D 646 22.94 -8.99 -68.40
CA TYR D 646 23.72 -10.08 -67.80
C TYR D 646 23.35 -11.41 -68.44
N PHE D 647 23.15 -11.41 -69.75
CA PHE D 647 22.83 -12.61 -70.51
C PHE D 647 23.83 -12.77 -71.65
N ALA D 648 23.59 -13.76 -72.50
CA ALA D 648 24.46 -14.03 -73.64
C ALA D 648 24.28 -12.92 -74.68
N CYS D 649 25.26 -12.02 -74.75
CA CYS D 649 25.20 -10.91 -75.70
C CYS D 649 26.62 -10.60 -76.15
N GLU D 650 26.85 -10.65 -77.45
CA GLU D 650 28.17 -10.38 -78.01
C GLU D 650 28.42 -8.88 -78.12
N SAH E . 14.52 -11.51 -21.94
CA SAH E . 14.32 -10.21 -21.31
CB SAH E . 12.90 -9.72 -21.54
CG SAH E . 12.04 -10.59 -22.45
SD SAH E . 10.31 -10.05 -22.49
C SAH E . 14.64 -10.23 -19.82
O SAH E . 15.77 -10.45 -19.41
OXT SAH E . 13.76 -10.02 -18.99
C5' SAH E . 10.53 -9.25 -24.10
C4' SAH E . 10.97 -7.79 -23.96
O4' SAH E . 11.08 -7.16 -25.23
C3' SAH E . 9.97 -6.95 -23.16
O3' SAH E . 10.52 -6.65 -21.90
C2' SAH E . 9.79 -5.68 -23.95
O2' SAH E . 10.16 -4.57 -23.16
C1' SAH E . 10.75 -5.79 -25.12
N9 SAH E . 10.12 -5.33 -26.36
C8 SAH E . 8.83 -5.56 -26.77
N7 SAH E . 8.64 -4.96 -27.96
C5 SAH E . 9.77 -4.34 -28.33
C6 SAH E . 10.11 -3.60 -29.44
N6 SAH E . 9.22 -3.38 -30.40
N1 SAH E . 11.37 -3.07 -29.55
C2 SAH E . 12.30 -3.30 -28.55
N3 SAH E . 11.96 -4.05 -27.45
C4 SAH E . 10.72 -4.56 -27.33
ZN ZN F . -1.65 -42.64 -30.58
ZN ZN G . -6.68 -39.59 -19.73
ZN ZN H . 0.71 -37.52 -6.76
N SAH I . 4.40 9.41 15.95
CA SAH I . 4.26 8.08 15.39
CB SAH I . 2.84 7.85 14.90
CG SAH I . 1.96 9.09 14.85
SD SAH I . 0.56 8.89 13.72
C SAH I . 5.24 7.84 14.24
O SAH I . 6.45 7.67 14.45
OXT SAH I . 4.85 7.79 13.08
C5' SAH I . -0.48 8.24 15.05
C4' SAH I . -0.56 6.72 15.01
O4' SAH I . -1.41 6.21 16.02
C3' SAH I . -1.10 6.20 13.69
O3' SAH I . -0.06 5.65 12.93
C2' SAH I . -2.09 5.12 14.06
O2' SAH I . -1.72 3.91 13.44
C1' SAH I . -1.98 4.99 15.58
N9 SAH I . -3.31 4.76 16.17
C8 SAH I . -4.53 5.13 15.64
N7 SAH I . -5.51 4.73 16.47
C5 SAH I . -4.94 4.10 17.54
C6 SAH I . -5.48 3.51 18.66
N6 SAH I . -6.79 3.49 18.85
N1 SAH I . -4.65 2.94 19.60
C2 SAH I . -3.28 2.96 19.40
N3 SAH I . -2.75 3.55 18.27
C4 SAH I . -3.57 4.11 17.35
ZN ZN J . -5.06 43.87 15.08
ZN ZN K . -1.96 42.16 4.47
ZN ZN L . 10.58 36.45 -2.12
ZN ZN M . -33.11 -4.38 14.23
ZN ZN N . -43.11 3.37 15.48
ZN ZN O . -50.62 6.09 27.71
#